data_9EY1
#
_entry.id   9EY1
#
_cell.length_a   1.00
_cell.length_b   1.00
_cell.length_c   1.00
_cell.angle_alpha   90.00
_cell.angle_beta   90.00
_cell.angle_gamma   90.00
#
_symmetry.space_group_name_H-M   'P 1'
#
loop_
_entity.id
_entity.type
_entity.pdbx_description
1 polymer 'Zinc phosphodiesterase ELAC protein 2'
2 polymer '3-hydroxyacyl-CoA dehydrogenase type-2'
3 polymer tRNA-His-tRNA-Ser
4 polymer 'tRNA methyltransferase 10 homolog C'
5 non-polymer 'ZINC ION'
6 non-polymer "GUANOSINE-5'-TRIPHOSPHATE"
7 non-polymer S-ADENOSYL-L-HOMOCYSTEINE
#
loop_
_entity_poly.entity_id
_entity_poly.type
_entity_poly.pdbx_seq_one_letter_code
_entity_poly.pdbx_strand_id
1 'polypeptide(L)'
;SRPRKDPLRHLRTREKRGPSGCSGGPNTVYLQVVAAGSRDSGAALYVFSEFNRYLFNCGEGVQRLMQEHKLKVARLDNIF
LTRMHWSNVGGLSGMILTLKETGLPKCVLSGPPQLEKYLEAIKIFSGPLKGIELAVRPHSAPEYEDETMTVYQIPIHSEQ
RRGKHQPWQSPERPLSRLSPERSSDSESNENEPHLPHGVSQRRGVRDSSLVVAFICKLHLKRGNFLVLKAKEMGLPVGTA
AIAPIIAAVKDGKSITHEGREILAEELCTPPDPGAAFVVVECPDESFIQPICENATFQRYQGKADAPVALVVHMAPASVL
VDSRYQQWMERFGPDTQHLVLNENCASVHNLRSHKIQTQLNLIHPDIFPLLTSFRCKKEGPTLSVPMVQGECLLKYQLRP
RREWQRDAIITCNPEEFIVEALQLPNFQQSVQEYRRSAQDGPAPAEKRSQYPEIIFLGTGSAIPMKIRNVSATLVNISPD
TSLLLDCGEGTFGQLCRHYGDQVDRVLGTLAAVFVSHLAADHHTGLPSILLQRERALASLGKPLHPLLVVAPNQLKAWLQ
QYHNQCQEVLHHISMIPAKCLQEGAEISSPAVERLISSLLRTCDLEEFQTCLVRHCKHAFGCALVHTSGWKVVYSGDTMP
CEALVRMGKDATLLIHEATLEDGLEEEAVEKTHSTTSQAISVGMRMNAEFIMLNHFSQRYAKVPLFSPNFSEKVGVAFDH
MKVCFGDFPTMPKLIPPLKALFAGDIEEMEERREKRELRQVRAALLSRELAGGLEDGEPQQKRAHTEEPQAKKVRAQ
;
E
2 'polypeptide(L)'
;MAAACRSVKGLVAVITGGASGLGLATAERLVGQGASAVLLDLPNSGGEAQAKKLGNNCVFAPADVTSEKDVQTALALAKG
KFGRVDVAVNCAGIAVASKTYNLKKGQTHTLEDFQRVLDVNLMGTFNVIRLVAGEMGQNEPDQGGQRGVIINTASVAAFE
GQVGQAAYSASKGGIVGMTLPIARDLAPIGIRVMTIAPGLFGTPLLTSLPEKVCNFLASQVPFPSRLGDPAEYAHLVQAI
IENPFLNGEVIRLDGAIRMQP
;
A,B,C,D
3 'polyribonucleotide'
;UAAAUAU(1MA)GUUUAACCAAAACAUCAGAUUGUGAAUCUGACAACAGAGGCUUACGACCCCUUAUUUACCGAGAAAGC
UCACAAGAACUGCUAACUCAUGCCCCCAUGUCUAACAACAUGGCUUUCUCA
;
T
4 'polypeptide(L)'
;MKSSVQEECVSTISSSKDEDPLAATREFIEMWRLLGREVPEHITEEELKTLMECVSNTAKKKYLKYLYTKEKVKKARQIK
KEMKAAAREEAKNIKLLETTEEDKQKNFLFLRLWDRNMDIAMGWKGAQAMQFGQPLVFDMAYENYMKRKELQNTVSQLLE
SEGWNRRNVDPFHIYFCNLKIDGALHRELVKRYQEKWDKLLLTSTEKSHVDLFPKDSIIYLTADSPNVMTTFRHDKVYVI
GSFVDKSMQPGTSLAKAKRLNLATECLPLDKYLQWEIGNKNLTLDQMIRILLCLKNNGNWQEALQFVPKRKHTGFLEISQ
HSQEFINRLKKAKTAENLYFQSHHHHHHDYKDDDDK
;
F
#
# COMPACT_ATOMS: atom_id res chain seq x y z
N PRO A 7 14.08 42.81 11.60
CA PRO A 7 13.75 41.41 11.31
C PRO A 7 14.50 40.88 10.09
N LEU A 8 15.15 41.76 9.34
CA LEU A 8 15.92 41.36 8.17
C LEU A 8 17.17 40.60 8.62
N ARG A 9 17.54 39.58 7.84
CA ARG A 9 18.72 38.79 8.19
C ARG A 9 20.00 39.63 8.12
N HIS A 10 19.95 40.73 7.38
CA HIS A 10 21.14 41.57 7.16
C HIS A 10 21.65 42.17 8.46
N LEU A 11 20.74 42.67 9.31
CA LEU A 11 21.17 43.31 10.55
C LEU A 11 21.13 42.35 11.73
N ARG A 12 20.24 41.35 11.70
CA ARG A 12 20.19 40.38 12.79
C ARG A 12 21.46 39.54 12.83
N THR A 13 22.01 39.20 11.68
CA THR A 13 23.30 38.51 11.60
C THR A 13 24.41 39.54 11.38
N ARG A 14 24.63 40.36 12.41
CA ARG A 14 25.60 41.43 12.38
C ARG A 14 26.97 40.99 12.90
N GLU A 15 27.00 40.37 14.07
CA GLU A 15 28.28 39.94 14.65
C GLU A 15 28.93 38.85 13.81
N LYS A 16 28.14 38.08 13.07
CA LYS A 16 28.71 37.05 12.21
C LYS A 16 29.55 37.66 11.09
N ARG A 17 29.20 38.87 10.67
CA ARG A 17 29.95 39.54 9.60
C ARG A 17 31.38 39.85 10.03
N GLY A 18 31.59 40.17 11.30
CA GLY A 18 32.92 40.41 11.82
C GLY A 18 33.27 41.88 11.91
N PRO A 19 34.21 42.23 12.80
CA PRO A 19 34.58 43.64 12.98
C PRO A 19 35.23 44.23 11.73
N SER A 20 36.34 43.65 11.27
CA SER A 20 37.00 44.07 10.05
C SER A 20 36.57 43.13 8.93
N GLY A 21 35.28 43.15 8.63
CA GLY A 21 34.73 42.19 7.71
C GLY A 21 34.90 40.78 8.25
N CYS A 22 34.90 39.80 7.34
CA CYS A 22 35.18 38.43 7.74
C CYS A 22 36.69 38.25 7.90
N SER A 23 37.26 38.85 8.94
CA SER A 23 38.70 38.88 9.17
C SER A 23 39.44 39.47 7.98
N GLY A 24 38.88 40.53 7.40
CA GLY A 24 39.55 41.25 6.32
C GLY A 24 38.89 41.12 4.96
N GLY A 25 38.13 42.14 4.58
CA GLY A 25 37.60 42.27 3.23
C GLY A 25 36.51 41.28 2.88
N PRO A 26 35.68 41.65 1.92
CA PRO A 26 34.71 40.70 1.36
C PRO A 26 35.33 39.88 0.24
N ASN A 27 34.83 38.66 0.07
CA ASN A 27 35.42 37.75 -0.90
C ASN A 27 35.13 38.21 -2.33
N THR A 28 33.88 38.53 -2.63
CA THR A 28 33.45 38.89 -3.97
C THR A 28 32.76 40.24 -3.97
N VAL A 29 33.13 41.08 -4.94
CA VAL A 29 32.53 42.40 -5.13
C VAL A 29 32.44 42.64 -6.63
N TYR A 30 31.23 42.85 -7.14
CA TYR A 30 31.03 43.23 -8.52
C TYR A 30 30.15 44.48 -8.59
N LEU A 31 30.06 45.05 -9.78
CA LEU A 31 29.34 46.30 -10.01
C LEU A 31 28.37 46.07 -11.16
N GLN A 32 27.07 46.12 -10.85
CA GLN A 32 26.03 45.80 -11.81
C GLN A 32 25.24 47.05 -12.18
N VAL A 33 24.89 47.16 -13.46
CA VAL A 33 24.14 48.30 -13.97
C VAL A 33 22.67 47.92 -14.03
N VAL A 34 21.82 48.70 -13.35
CA VAL A 34 20.39 48.48 -13.38
C VAL A 34 19.70 49.45 -14.35
N ALA A 35 20.34 50.57 -14.66
CA ALA A 35 19.84 51.53 -15.63
C ALA A 35 20.98 51.96 -16.53
N ALA A 36 20.91 51.59 -17.80
CA ALA A 36 22.02 51.81 -18.73
C ALA A 36 22.10 53.25 -19.22
N GLY A 37 21.23 54.15 -18.74
CA GLY A 37 21.26 55.53 -19.14
C GLY A 37 20.20 55.94 -20.14
N SER A 38 19.24 55.07 -20.46
CA SER A 38 18.19 55.41 -21.41
C SER A 38 17.35 56.56 -20.87
N ARG A 39 16.68 57.25 -21.81
CA ARG A 39 15.90 58.42 -21.43
C ARG A 39 14.77 58.05 -20.48
N ASP A 40 14.08 56.94 -20.75
CA ASP A 40 12.94 56.55 -19.92
C ASP A 40 13.40 56.03 -18.56
N SER A 41 14.42 55.17 -18.54
CA SER A 41 14.81 54.49 -17.31
C SER A 41 15.82 55.26 -16.48
N GLY A 42 16.40 56.33 -17.02
CA GLY A 42 17.39 57.08 -16.29
C GLY A 42 18.70 56.33 -16.18
N ALA A 43 19.57 56.83 -15.30
CA ALA A 43 20.88 56.25 -15.06
C ALA A 43 20.99 55.88 -13.59
N ALA A 44 21.33 54.62 -13.31
CA ALA A 44 21.50 54.15 -11.95
C ALA A 44 22.54 53.04 -11.94
N LEU A 45 23.19 52.87 -10.79
CA LEU A 45 24.26 51.90 -10.65
C LEU A 45 24.08 51.13 -9.34
N TYR A 46 24.47 49.86 -9.36
CA TYR A 46 24.31 48.97 -8.21
C TYR A 46 25.64 48.28 -7.93
N VAL A 47 26.08 48.33 -6.68
CA VAL A 47 27.33 47.71 -6.26
C VAL A 47 26.99 46.61 -5.26
N PHE A 48 27.46 45.40 -5.52
CA PHE A 48 27.21 44.25 -4.67
C PHE A 48 28.47 43.87 -3.91
N SER A 49 28.29 43.55 -2.63
CA SER A 49 29.39 43.10 -1.80
C SER A 49 28.86 42.04 -0.85
N GLU A 50 29.80 41.33 -0.20
CA GLU A 50 29.41 40.26 0.71
C GLU A 50 28.64 40.83 1.91
N PHE A 51 29.08 41.96 2.43
CA PHE A 51 28.51 42.50 3.67
C PHE A 51 27.63 43.72 3.45
N ASN A 52 27.78 44.42 2.33
CA ASN A 52 27.03 45.64 2.06
C ASN A 52 26.56 45.65 0.62
N ARG A 53 25.52 46.46 0.37
CA ARG A 53 24.99 46.66 -0.96
C ARG A 53 24.69 48.15 -1.14
N TYR A 54 25.13 48.71 -2.27
CA TYR A 54 25.03 50.14 -2.50
C TYR A 54 24.27 50.41 -3.78
N LEU A 55 23.64 51.58 -3.84
CA LEU A 55 22.91 52.04 -5.01
C LEU A 55 23.34 53.46 -5.34
N PHE A 56 23.54 53.73 -6.62
CA PHE A 56 23.95 55.04 -7.11
C PHE A 56 22.87 55.63 -8.00
N ASN A 57 22.57 56.91 -7.78
CA ASN A 57 21.68 57.69 -8.65
C ASN A 57 20.31 57.02 -8.78
N CYS A 58 19.60 56.99 -7.66
CA CYS A 58 18.28 56.38 -7.62
C CYS A 58 17.32 57.22 -8.43
N GLY A 59 17.19 56.90 -9.72
CA GLY A 59 16.32 57.63 -10.62
C GLY A 59 14.89 57.14 -10.55
N GLU A 60 14.04 57.81 -11.33
CA GLU A 60 12.62 57.49 -11.34
C GLU A 60 12.39 56.15 -12.02
N GLY A 61 11.61 55.29 -11.38
CA GLY A 61 11.36 53.96 -11.89
C GLY A 61 12.46 52.95 -11.62
N VAL A 62 13.51 53.33 -10.89
CA VAL A 62 14.60 52.41 -10.60
C VAL A 62 14.12 51.29 -9.69
N GLN A 63 13.25 51.61 -8.73
CA GLN A 63 12.73 50.57 -7.83
C GLN A 63 12.03 49.46 -8.60
N ARG A 64 11.34 49.81 -9.68
CA ARG A 64 10.69 48.79 -10.50
C ARG A 64 11.72 47.85 -11.13
N LEU A 65 12.80 48.41 -11.66
CA LEU A 65 13.85 47.59 -12.27
C LEU A 65 14.60 46.73 -11.26
N MET A 66 14.81 47.25 -10.05
CA MET A 66 15.57 46.50 -9.06
C MET A 66 14.78 45.32 -8.52
N GLN A 67 13.46 45.48 -8.37
CA GLN A 67 12.62 44.37 -7.94
C GLN A 67 12.39 43.35 -9.05
N GLU A 68 12.23 43.80 -10.29
CA GLU A 68 11.96 42.89 -11.40
C GLU A 68 13.15 42.03 -11.77
N HIS A 69 14.38 42.46 -11.43
CA HIS A 69 15.59 41.71 -11.76
C HIS A 69 16.12 40.95 -10.56
N LYS A 70 15.29 40.74 -9.54
CA LYS A 70 15.66 39.97 -8.35
C LYS A 70 16.86 40.58 -7.64
N LEU A 71 16.96 41.91 -7.68
CA LEU A 71 17.99 42.63 -6.94
C LEU A 71 17.37 43.08 -5.62
N LYS A 72 17.84 42.48 -4.53
CA LYS A 72 17.21 42.68 -3.23
C LYS A 72 17.33 44.13 -2.77
N VAL A 73 16.24 44.64 -2.20
CA VAL A 73 16.21 46.01 -1.70
C VAL A 73 16.33 46.09 -0.19
N ALA A 74 16.03 45.02 0.53
CA ALA A 74 16.05 45.03 1.99
C ALA A 74 17.46 44.95 2.57
N ARG A 75 18.49 45.06 1.74
CA ARG A 75 19.87 45.00 2.21
C ARG A 75 20.67 46.24 1.89
N LEU A 76 20.07 47.24 1.22
CA LEU A 76 20.80 48.45 0.88
C LEU A 76 21.20 49.22 2.12
N ASP A 77 22.41 49.79 2.10
CA ASP A 77 22.92 50.57 3.21
C ASP A 77 22.98 52.06 2.90
N ASN A 78 23.63 52.44 1.80
CA ASN A 78 23.72 53.83 1.39
C ASN A 78 23.21 53.98 -0.03
N ILE A 79 22.58 55.12 -0.30
CA ILE A 79 22.16 55.50 -1.65
C ILE A 79 22.90 56.77 -2.01
N PHE A 80 23.79 56.68 -2.99
CA PHE A 80 24.61 57.81 -3.40
C PHE A 80 23.97 58.51 -4.60
N LEU A 81 23.82 59.83 -4.50
CA LEU A 81 23.23 60.63 -5.56
C LEU A 81 24.27 61.64 -6.04
N THR A 82 24.51 61.67 -7.35
CA THR A 82 25.55 62.53 -7.89
C THR A 82 25.07 63.94 -8.20
N ARG A 83 23.75 64.20 -8.13
CA ARG A 83 23.26 65.53 -8.44
C ARG A 83 21.92 65.74 -7.75
N MET A 84 21.67 66.99 -7.35
CA MET A 84 20.40 67.37 -6.74
C MET A 84 19.43 67.72 -7.86
N HIS A 85 19.01 66.69 -8.59
CA HIS A 85 18.19 66.88 -9.78
C HIS A 85 17.19 65.73 -9.87
N TRP A 86 15.97 66.07 -10.33
CA TRP A 86 14.87 65.11 -10.31
C TRP A 86 15.18 63.86 -11.14
N SER A 87 15.96 64.00 -12.20
CA SER A 87 16.37 62.82 -12.95
C SER A 87 17.28 61.91 -12.14
N ASN A 88 17.88 62.43 -11.08
CA ASN A 88 18.75 61.65 -10.20
C ASN A 88 18.15 61.34 -8.84
N VAL A 89 17.23 62.16 -8.36
CA VAL A 89 16.67 61.99 -7.02
C VAL A 89 15.24 61.48 -7.14
N GLY A 90 14.61 61.70 -8.28
CA GLY A 90 13.24 61.29 -8.48
C GLY A 90 13.04 59.81 -8.26
N GLY A 91 11.91 59.43 -7.67
CA GLY A 91 11.66 58.05 -7.35
C GLY A 91 12.31 57.56 -6.07
N LEU A 92 13.10 58.40 -5.41
CA LEU A 92 13.66 58.02 -4.12
C LEU A 92 12.57 57.91 -3.06
N SER A 93 11.52 58.72 -3.19
CA SER A 93 10.41 58.66 -2.24
C SER A 93 9.76 57.28 -2.24
N GLY A 94 9.60 56.70 -3.43
CA GLY A 94 9.15 55.33 -3.51
C GLY A 94 10.15 54.34 -2.92
N MET A 95 11.44 54.65 -3.04
CA MET A 95 12.47 53.72 -2.56
C MET A 95 12.47 53.64 -1.03
N ILE A 96 12.34 54.79 -0.38
CA ILE A 96 12.35 54.83 1.11
C ILE A 96 11.07 54.16 1.64
N LEU A 97 9.95 54.31 0.94
CA LEU A 97 8.71 53.61 1.35
C LEU A 97 8.94 52.09 1.25
N THR A 98 9.61 51.64 0.18
CA THR A 98 9.92 50.20 0.04
C THR A 98 10.86 49.80 1.16
N LEU A 99 11.87 50.61 1.45
CA LEU A 99 12.84 50.29 2.52
C LEU A 99 12.09 50.26 3.87
N LYS A 100 11.16 51.20 4.08
CA LYS A 100 10.38 51.23 5.34
C LYS A 100 9.55 49.93 5.43
N GLU A 101 8.94 49.53 4.32
CA GLU A 101 8.11 48.31 4.32
C GLU A 101 8.96 47.12 4.76
N THR A 102 10.19 47.04 4.27
CA THR A 102 11.01 45.85 4.59
C THR A 102 11.41 45.86 6.05
N GLY A 103 11.27 47.00 6.74
CA GLY A 103 11.68 47.11 8.12
C GLY A 103 13.12 47.52 8.33
N LEU A 104 13.79 48.01 7.30
CA LEU A 104 15.18 48.44 7.45
C LEU A 104 15.24 49.67 8.34
N PRO A 105 16.02 49.64 9.43
CA PRO A 105 15.96 50.76 10.38
C PRO A 105 16.63 52.03 9.90
N LYS A 106 17.81 51.92 9.31
CA LYS A 106 18.59 53.11 8.98
C LYS A 106 19.11 53.02 7.56
N CYS A 107 18.87 54.08 6.77
CA CYS A 107 19.40 54.21 5.43
C CYS A 107 20.10 55.56 5.31
N VAL A 108 21.32 55.55 4.80
CA VAL A 108 22.16 56.74 4.73
C VAL A 108 22.13 57.27 3.30
N LEU A 109 21.85 58.57 3.17
CA LEU A 109 21.87 59.24 1.88
C LEU A 109 23.12 60.10 1.78
N SER A 110 23.69 60.17 0.58
CA SER A 110 24.89 60.95 0.34
C SER A 110 24.73 61.78 -0.93
N GLY A 111 25.45 62.91 -0.95
CA GLY A 111 25.41 63.80 -2.09
C GLY A 111 25.46 65.26 -1.69
N PRO A 112 24.77 66.10 -2.46
CA PRO A 112 24.75 67.54 -2.16
C PRO A 112 24.05 67.80 -0.83
N PRO A 113 24.42 68.88 -0.13
CA PRO A 113 23.81 69.14 1.18
C PRO A 113 22.31 69.45 1.12
N GLN A 114 21.68 69.38 -0.04
CA GLN A 114 20.29 69.77 -0.17
C GLN A 114 19.31 68.64 0.14
N LEU A 115 19.78 67.40 0.35
CA LEU A 115 18.85 66.33 0.68
C LEU A 115 18.22 66.53 2.05
N GLU A 116 18.83 67.38 2.88
CA GLU A 116 18.17 67.80 4.12
C GLU A 116 16.83 68.45 3.82
N LYS A 117 16.80 69.35 2.84
CA LYS A 117 15.55 70.02 2.48
C LYS A 117 14.66 69.12 1.64
N TYR A 118 15.26 68.23 0.83
CA TYR A 118 14.46 67.31 0.01
C TYR A 118 13.64 66.37 0.89
N LEU A 119 14.25 65.84 1.95
CA LEU A 119 13.54 64.92 2.83
C LEU A 119 12.37 65.62 3.52
N GLU A 120 12.58 66.85 3.99
CA GLU A 120 11.47 67.59 4.59
C GLU A 120 10.45 67.99 3.54
N ALA A 121 10.87 68.09 2.28
CA ALA A 121 9.94 68.47 1.22
C ALA A 121 8.97 67.33 0.91
N ILE A 122 9.48 66.10 0.80
CA ILE A 122 8.63 64.99 0.41
C ILE A 122 7.69 64.55 1.55
N LYS A 123 7.95 65.00 2.78
CA LYS A 123 7.08 64.64 3.88
C LYS A 123 5.73 65.34 3.81
N ILE A 124 5.60 66.29 2.88
CA ILE A 124 4.27 66.95 2.68
C ILE A 124 3.27 65.88 2.21
N PHE A 125 3.68 65.03 1.26
CA PHE A 125 2.73 64.02 0.70
C PHE A 125 2.95 62.65 1.37
N SER A 126 4.19 62.17 1.41
CA SER A 126 4.47 60.83 1.99
C SER A 126 4.19 60.89 3.49
N GLY A 127 3.71 59.78 4.07
CA GLY A 127 3.47 59.75 5.52
C GLY A 127 4.77 59.90 6.27
N PRO A 128 4.84 60.70 7.36
CA PRO A 128 6.03 60.81 8.17
C PRO A 128 6.64 59.43 8.23
N LEU A 129 7.84 59.24 7.66
CA LEU A 129 8.43 57.90 7.57
C LEU A 129 8.77 57.37 8.97
N LYS A 130 7.74 56.96 9.72
CA LYS A 130 8.01 56.35 11.05
C LYS A 130 8.68 55.00 10.84
N GLY A 131 9.69 54.67 11.65
CA GLY A 131 10.31 53.34 11.56
C GLY A 131 11.64 53.34 10.83
N ILE A 132 11.90 54.31 9.94
CA ILE A 132 13.14 54.20 9.19
C ILE A 132 13.97 55.46 9.42
N GLU A 133 15.26 55.27 9.72
CA GLU A 133 16.14 56.41 9.96
C GLU A 133 16.78 56.85 8.65
N LEU A 134 16.65 58.14 8.34
CA LEU A 134 17.25 58.73 7.14
C LEU A 134 18.30 59.73 7.58
N ALA A 135 19.57 59.37 7.41
CA ALA A 135 20.69 60.24 7.76
C ALA A 135 21.37 60.69 6.48
N VAL A 136 21.22 61.96 6.13
CA VAL A 136 21.86 62.51 4.94
C VAL A 136 23.29 62.90 5.29
N ARG A 137 24.25 62.36 4.53
CA ARG A 137 25.67 62.59 4.75
C ARG A 137 26.20 63.39 3.56
N PRO A 138 26.33 64.70 3.69
CA PRO A 138 26.74 65.52 2.56
C PRO A 138 28.20 65.32 2.20
N HIS A 139 28.62 65.96 1.11
CA HIS A 139 30.00 65.87 0.67
C HIS A 139 30.96 66.51 1.66
N SER A 140 30.50 67.47 2.45
CA SER A 140 31.36 68.11 3.45
C SER A 140 31.64 67.18 4.63
N ALA A 141 30.88 66.10 4.78
CA ALA A 141 31.08 65.17 5.87
C ALA A 141 32.37 64.39 5.65
N PRO A 142 32.95 63.84 6.71
CA PRO A 142 34.20 63.06 6.57
C PRO A 142 33.99 61.81 5.75
N GLU A 143 35.10 61.11 5.49
CA GLU A 143 35.08 59.91 4.67
C GLU A 143 34.21 58.84 5.30
N TYR A 144 33.35 58.22 4.49
CA TYR A 144 32.48 57.15 4.94
C TYR A 144 33.19 55.81 4.78
N GLU A 145 33.46 55.15 5.90
CA GLU A 145 34.13 53.87 5.92
C GLU A 145 33.13 52.78 6.31
N ASP A 146 33.15 51.68 5.56
CA ASP A 146 32.25 50.57 5.81
C ASP A 146 33.04 49.27 5.97
N GLU A 147 32.34 48.15 6.17
CA GLU A 147 32.99 46.86 6.29
C GLU A 147 33.60 46.39 4.97
N THR A 148 33.25 47.01 3.86
CA THR A 148 33.69 46.59 2.54
C THR A 148 34.57 47.61 1.85
N MET A 149 34.19 48.89 1.88
CA MET A 149 34.71 49.84 0.93
C MET A 149 34.68 51.24 1.54
N THR A 150 35.52 52.12 1.00
CA THR A 150 35.60 53.50 1.42
C THR A 150 35.16 54.42 0.29
N VAL A 151 34.24 55.33 0.60
CA VAL A 151 33.64 56.22 -0.38
C VAL A 151 34.14 57.63 -0.14
N TYR A 152 34.65 58.26 -1.21
CA TYR A 152 35.14 59.63 -1.17
C TYR A 152 34.16 60.50 -1.94
N GLN A 153 33.67 61.56 -1.31
CA GLN A 153 32.71 62.47 -1.94
C GLN A 153 33.40 63.78 -2.29
N ILE A 154 33.33 64.15 -3.56
CA ILE A 154 33.97 65.36 -4.08
C ILE A 154 32.87 66.25 -4.67
N PRO A 155 32.67 67.45 -4.17
CA PRO A 155 31.72 68.37 -4.81
C PRO A 155 32.35 69.10 -5.98
N ILE A 156 31.65 69.15 -7.11
CA ILE A 156 32.14 69.82 -8.31
C ILE A 156 31.13 70.91 -8.68
N HIS A 157 31.62 72.14 -8.85
CA HIS A 157 30.79 73.29 -9.14
C HIS A 157 31.05 73.75 -10.57
N SER A 158 29.97 74.01 -11.30
CA SER A 158 30.10 74.51 -12.67
C SER A 158 30.60 75.95 -12.67
N GLU A 159 31.13 76.38 -13.81
CA GLU A 159 31.64 77.74 -13.96
C GLU A 159 30.56 78.79 -13.84
N GLN A 160 29.30 78.43 -14.03
CA GLN A 160 28.20 79.39 -13.92
C GLN A 160 27.62 79.39 -12.50
N ARG A 206 19.51 76.88 -2.18
CA ARG A 206 19.77 75.86 -3.19
C ARG A 206 20.93 76.25 -4.10
N ASP A 207 21.39 75.30 -4.90
CA ASP A 207 22.49 75.55 -5.84
C ASP A 207 22.34 74.59 -7.00
N SER A 208 22.10 75.12 -8.20
CA SER A 208 21.85 74.30 -9.37
C SER A 208 23.12 73.99 -10.15
N SER A 209 24.29 74.41 -9.67
CA SER A 209 25.55 74.16 -10.35
C SER A 209 26.45 73.20 -9.58
N LEU A 210 25.89 72.37 -8.71
CA LEU A 210 26.67 71.47 -7.87
C LEU A 210 26.50 70.04 -8.37
N VAL A 211 27.62 69.33 -8.50
CA VAL A 211 27.64 67.94 -8.91
C VAL A 211 28.62 67.19 -8.00
N VAL A 212 28.19 66.06 -7.47
CA VAL A 212 29.00 65.24 -6.57
C VAL A 212 29.51 64.03 -7.32
N ALA A 213 30.82 63.80 -7.24
CA ALA A 213 31.44 62.64 -7.84
C ALA A 213 32.08 61.79 -6.75
N PHE A 214 31.97 60.47 -6.88
CA PHE A 214 32.43 59.53 -5.87
C PHE A 214 33.64 58.75 -6.37
N ILE A 215 34.73 58.79 -5.61
CA ILE A 215 35.87 57.90 -5.84
C ILE A 215 35.85 56.82 -4.77
N CYS A 216 35.30 55.66 -5.11
CA CYS A 216 35.25 54.54 -4.18
C CYS A 216 36.59 53.82 -4.12
N LYS A 217 36.78 53.06 -3.05
CA LYS A 217 38.04 52.36 -2.82
C LYS A 217 37.77 51.12 -2.00
N LEU A 218 37.98 49.95 -2.59
CA LEU A 218 37.78 48.70 -1.88
C LEU A 218 38.90 48.49 -0.86
N HIS A 219 38.52 48.00 0.32
CA HIS A 219 39.50 47.73 1.36
C HIS A 219 40.38 46.55 0.99
N LEU A 220 41.60 46.57 1.51
CA LEU A 220 42.56 45.50 1.26
C LEU A 220 42.01 44.19 1.82
N LYS A 221 42.03 43.14 1.00
CA LYS A 221 41.58 41.82 1.41
C LYS A 221 42.77 40.96 1.77
N ARG A 222 42.69 40.31 2.94
CA ARG A 222 43.77 39.46 3.39
C ARG A 222 43.83 38.19 2.56
N GLY A 223 45.03 37.84 2.10
CA GLY A 223 45.18 36.79 1.13
C GLY A 223 44.98 35.39 1.70
N ASN A 224 44.99 34.42 0.79
CA ASN A 224 44.83 33.02 1.15
C ASN A 224 46.06 32.52 1.89
N PHE A 225 45.86 31.51 2.73
CA PHE A 225 46.90 30.93 3.55
C PHE A 225 47.33 29.60 2.95
N LEU A 226 48.61 29.49 2.59
CA LEU A 226 49.16 28.26 2.02
C LEU A 226 49.28 27.22 3.13
N VAL A 227 48.12 26.67 3.49
CA VAL A 227 48.02 25.78 4.65
C VAL A 227 48.74 24.47 4.42
N LEU A 228 48.75 23.98 3.18
CA LEU A 228 49.38 22.70 2.85
C LEU A 228 50.90 22.77 3.02
N LYS A 229 51.51 23.88 2.58
CA LYS A 229 52.95 24.03 2.72
C LYS A 229 53.36 24.17 4.19
N ALA A 230 52.42 24.55 5.05
CA ALA A 230 52.74 24.77 6.45
C ALA A 230 53.05 23.48 7.18
N LYS A 231 52.56 22.35 6.65
CA LYS A 231 52.91 21.04 7.23
C LYS A 231 54.41 20.78 7.17
N GLU A 232 55.03 21.05 6.01
CA GLU A 232 56.46 20.80 5.88
C GLU A 232 57.26 21.77 6.74
N MET A 233 56.72 22.97 6.97
CA MET A 233 57.29 23.85 7.98
C MET A 233 57.02 23.35 9.40
N GLY A 234 55.82 22.83 9.66
CA GLY A 234 55.51 22.26 10.95
C GLY A 234 54.27 22.83 11.63
N LEU A 235 53.37 23.42 10.85
CA LEU A 235 52.20 24.06 11.43
C LEU A 235 51.09 23.04 11.66
N PRO A 236 50.49 23.03 12.86
CA PRO A 236 49.40 22.08 13.14
C PRO A 236 48.09 22.44 12.45
N VAL A 237 47.90 21.96 11.22
CA VAL A 237 46.68 22.22 10.46
C VAL A 237 45.45 21.75 11.23
N GLY A 238 45.62 20.84 12.18
CA GLY A 238 44.51 20.36 12.98
C GLY A 238 43.75 21.47 13.67
N THR A 239 42.42 21.38 13.65
CA THR A 239 41.60 22.48 14.14
C THR A 239 41.81 22.69 15.65
N ALA A 240 41.76 23.97 16.04
CA ALA A 240 42.02 24.38 17.42
C ALA A 240 43.40 23.93 17.88
N ALA A 241 44.39 24.06 16.98
CA ALA A 241 45.79 23.76 17.30
C ALA A 241 46.64 24.88 16.70
N ILE A 242 46.94 25.88 17.51
CA ILE A 242 47.73 27.06 17.13
C ILE A 242 47.06 27.72 15.92
N ALA A 243 45.74 27.75 15.91
CA ALA A 243 45.01 28.43 14.85
C ALA A 243 45.27 29.94 14.76
N PRO A 244 45.36 30.69 15.87
CA PRO A 244 45.50 32.16 15.75
C PRO A 244 46.66 32.64 14.87
N ILE A 245 47.61 31.77 14.51
CA ILE A 245 48.68 32.20 13.61
C ILE A 245 48.10 32.56 12.25
N ILE A 246 47.01 31.89 11.85
CA ILE A 246 46.38 32.19 10.57
C ILE A 246 45.90 33.63 10.55
N ALA A 247 45.33 34.11 11.66
CA ALA A 247 44.99 35.52 11.76
C ALA A 247 46.23 36.39 11.60
N ALA A 248 47.35 35.99 12.25
CA ALA A 248 48.61 36.66 12.00
C ALA A 248 49.08 36.45 10.56
N VAL A 249 48.83 35.26 10.01
CA VAL A 249 49.14 35.02 8.60
C VAL A 249 48.33 35.95 7.72
N LYS A 250 47.04 36.11 8.04
CA LYS A 250 46.24 37.11 7.34
C LYS A 250 46.84 38.51 7.48
N ASP A 251 47.20 38.88 8.71
CA ASP A 251 47.83 40.17 8.95
C ASP A 251 49.23 40.25 8.36
N GLY A 252 49.92 39.13 8.22
CA GLY A 252 51.27 39.11 7.72
C GLY A 252 52.35 39.29 8.77
N LYS A 253 51.97 39.53 10.02
CA LYS A 253 52.95 39.71 11.08
C LYS A 253 53.67 38.40 11.38
N SER A 254 54.94 38.51 11.76
CA SER A 254 55.76 37.35 12.03
C SER A 254 55.28 36.62 13.27
N ILE A 255 55.43 35.30 13.25
CA ILE A 255 55.09 34.44 14.39
C ILE A 255 56.20 33.40 14.53
N THR A 256 56.59 33.13 15.77
CA THR A 256 57.68 32.19 16.05
C THR A 256 57.10 30.79 16.15
N HIS A 257 57.37 29.96 15.14
CA HIS A 257 56.88 28.59 15.10
C HIS A 257 58.00 27.67 14.62
N GLU A 258 58.13 26.52 15.28
CA GLU A 258 59.16 25.52 14.96
C GLU A 258 60.56 26.13 15.03
N GLY A 259 60.76 27.03 15.98
CA GLY A 259 62.06 27.64 16.17
C GLY A 259 62.50 28.55 15.04
N ARG A 260 61.57 29.00 14.21
CA ARG A 260 61.88 29.89 13.09
C ARG A 260 60.74 30.91 12.96
N GLU A 261 60.99 32.12 13.46
CA GLU A 261 60.02 33.20 13.31
C GLU A 261 60.13 33.78 11.91
N ILE A 262 59.15 33.49 11.07
CA ILE A 262 59.16 33.92 9.67
C ILE A 262 58.10 35.00 9.46
N LEU A 263 58.32 35.84 8.45
CA LEU A 263 57.32 36.84 8.09
C LEU A 263 56.18 36.15 7.37
N ALA A 264 54.97 36.26 7.94
CA ALA A 264 53.82 35.45 7.56
C ALA A 264 53.47 35.54 6.08
N GLU A 265 53.81 36.65 5.43
CA GLU A 265 53.50 36.83 4.01
C GLU A 265 54.19 35.77 3.17
N GLU A 266 55.24 35.15 3.71
CA GLU A 266 55.88 34.02 3.02
C GLU A 266 54.93 32.85 2.86
N LEU A 267 54.07 32.61 3.85
CA LEU A 267 53.11 31.50 3.81
C LEU A 267 51.72 31.96 3.42
N CYS A 268 51.58 33.20 2.95
CA CYS A 268 50.29 33.76 2.58
C CYS A 268 50.39 34.39 1.19
N THR A 269 49.32 34.26 0.41
CA THR A 269 49.31 34.82 -0.93
C THR A 269 49.40 36.35 -0.87
N PRO A 270 49.97 36.97 -1.90
CA PRO A 270 50.05 38.45 -1.91
C PRO A 270 48.69 39.08 -1.79
N PRO A 271 48.42 39.81 -0.70
CA PRO A 271 47.09 40.36 -0.49
C PRO A 271 46.71 41.38 -1.55
N ASP A 272 45.42 41.42 -1.85
CA ASP A 272 44.90 42.38 -2.84
C ASP A 272 44.99 43.79 -2.27
N PRO A 273 45.70 44.71 -2.93
CA PRO A 273 45.74 46.09 -2.41
C PRO A 273 44.40 46.77 -2.38
N GLY A 274 43.44 46.31 -3.17
CA GLY A 274 42.12 46.90 -3.19
C GLY A 274 41.88 47.77 -4.41
N ALA A 275 41.19 47.23 -5.40
CA ALA A 275 40.88 48.00 -6.59
C ALA A 275 39.90 49.13 -6.26
N ALA A 276 40.05 50.24 -6.95
CA ALA A 276 39.22 51.42 -6.74
C ALA A 276 38.45 51.74 -8.01
N PHE A 277 37.24 52.27 -7.84
CA PHE A 277 36.43 52.70 -8.97
C PHE A 277 35.80 54.05 -8.63
N VAL A 278 35.49 54.80 -9.69
CA VAL A 278 35.05 56.19 -9.56
C VAL A 278 33.67 56.33 -10.19
N VAL A 279 32.76 56.99 -9.48
CA VAL A 279 31.44 57.32 -9.99
C VAL A 279 31.42 58.82 -10.23
N VAL A 280 31.32 59.23 -11.49
CA VAL A 280 31.38 60.62 -11.88
C VAL A 280 30.29 60.90 -12.90
N GLU A 281 29.57 62.00 -12.72
CA GLU A 281 28.53 62.44 -13.64
C GLU A 281 28.86 63.82 -14.16
N CYS A 282 28.78 63.97 -15.49
CA CYS A 282 29.00 65.26 -16.16
C CYS A 282 27.71 65.60 -16.89
N PRO A 283 26.81 66.35 -16.25
CA PRO A 283 25.48 66.58 -16.86
C PRO A 283 25.53 67.28 -18.21
N ASP A 284 26.45 68.23 -18.40
CA ASP A 284 26.47 69.01 -19.63
C ASP A 284 27.88 69.55 -19.85
N GLU A 285 27.99 70.50 -20.78
CA GLU A 285 29.28 71.05 -21.15
C GLU A 285 29.94 71.81 -20.00
N SER A 286 29.13 72.54 -19.22
CA SER A 286 29.65 73.43 -18.19
C SER A 286 30.29 72.71 -17.02
N PHE A 287 30.43 71.38 -17.02
CA PHE A 287 31.07 70.65 -15.95
C PHE A 287 32.34 69.96 -16.37
N ILE A 288 32.70 70.01 -17.66
CA ILE A 288 33.88 69.31 -18.14
C ILE A 288 35.15 69.93 -17.57
N GLN A 289 35.25 71.26 -17.63
CA GLN A 289 36.47 71.92 -17.16
C GLN A 289 36.71 71.74 -15.67
N PRO A 290 35.74 71.98 -14.77
CA PRO A 290 36.02 71.78 -13.35
C PRO A 290 36.42 70.35 -13.01
N ILE A 291 35.84 69.36 -13.68
CA ILE A 291 36.19 67.97 -13.43
C ILE A 291 37.64 67.72 -13.84
N CYS A 292 38.04 68.23 -15.00
CA CYS A 292 39.39 67.97 -15.51
C CYS A 292 40.46 68.59 -14.61
N GLU A 293 40.13 69.72 -13.97
CA GLU A 293 41.08 70.42 -13.12
C GLU A 293 40.89 70.12 -11.64
N ASN A 294 40.06 69.14 -11.29
CA ASN A 294 39.84 68.80 -9.90
C ASN A 294 41.10 68.23 -9.28
N ALA A 295 41.54 68.84 -8.17
CA ALA A 295 42.80 68.45 -7.55
C ALA A 295 42.76 67.03 -7.02
N THR A 296 41.63 66.61 -6.46
CA THR A 296 41.53 65.27 -5.87
C THR A 296 41.73 64.19 -6.92
N PHE A 297 41.21 64.40 -8.13
CA PHE A 297 41.31 63.39 -9.17
C PHE A 297 42.75 63.10 -9.56
N GLN A 298 43.61 64.13 -9.56
CA GLN A 298 45.02 63.93 -9.87
C GLN A 298 45.69 62.97 -8.89
N ARG A 299 45.17 62.83 -7.68
CA ARG A 299 45.76 61.91 -6.72
C ARG A 299 45.52 60.45 -7.07
N TYR A 300 44.65 60.15 -8.03
CA TYR A 300 44.29 58.78 -8.34
C TYR A 300 44.62 58.36 -9.76
N GLN A 301 44.85 59.29 -10.69
CA GLN A 301 45.10 58.94 -12.07
C GLN A 301 46.57 59.01 -12.44
N GLY A 302 47.29 60.04 -11.97
CA GLY A 302 48.69 60.16 -12.31
C GLY A 302 49.57 59.21 -11.52
N LYS A 303 49.12 58.77 -10.36
CA LYS A 303 49.90 57.88 -9.53
C LYS A 303 49.80 56.44 -10.03
N ALA A 304 50.90 55.70 -9.87
CA ALA A 304 50.94 54.29 -10.23
C ALA A 304 50.66 53.35 -9.07
N ASP A 305 50.75 53.84 -7.84
CA ASP A 305 50.48 53.02 -6.65
C ASP A 305 48.99 52.88 -6.36
N ALA A 306 48.14 53.70 -6.95
CA ALA A 306 46.70 53.68 -6.70
C ALA A 306 45.96 53.61 -8.04
N PRO A 307 45.94 52.44 -8.68
CA PRO A 307 45.20 52.32 -9.94
C PRO A 307 43.70 52.27 -9.70
N VAL A 308 42.95 52.70 -10.70
CA VAL A 308 41.49 52.65 -10.68
C VAL A 308 41.04 51.60 -11.68
N ALA A 309 40.25 50.64 -11.22
CA ALA A 309 39.87 49.52 -12.06
C ALA A 309 38.81 49.91 -13.09
N LEU A 310 37.87 50.76 -12.70
CA LEU A 310 36.74 51.08 -13.56
C LEU A 310 36.23 52.47 -13.23
N VAL A 311 35.75 53.17 -14.25
CA VAL A 311 35.22 54.52 -14.10
C VAL A 311 33.88 54.58 -14.84
N VAL A 312 32.78 54.69 -14.10
CA VAL A 312 31.47 54.84 -14.73
C VAL A 312 31.27 56.31 -15.08
N HIS A 313 30.77 56.56 -16.29
CA HIS A 313 30.60 57.92 -16.81
C HIS A 313 29.11 58.16 -17.07
N MET A 314 28.48 58.95 -16.21
CA MET A 314 27.08 59.31 -16.38
C MET A 314 26.99 60.66 -17.09
N ALA A 315 27.49 60.68 -18.31
CA ALA A 315 27.54 61.89 -19.12
C ALA A 315 26.99 61.61 -20.50
N PRO A 316 26.38 62.62 -21.14
CA PRO A 316 25.83 62.41 -22.48
C PRO A 316 26.92 62.20 -23.52
N ALA A 317 26.52 61.92 -24.76
CA ALA A 317 27.49 61.69 -25.82
C ALA A 317 28.33 62.94 -26.09
N SER A 318 27.70 64.12 -26.09
CA SER A 318 28.41 65.34 -26.45
C SER A 318 29.57 65.63 -25.50
N VAL A 319 29.43 65.25 -24.23
CA VAL A 319 30.51 65.50 -23.27
C VAL A 319 31.71 64.60 -23.56
N LEU A 320 31.46 63.33 -23.87
CA LEU A 320 32.55 62.38 -24.04
C LEU A 320 33.44 62.75 -25.24
N VAL A 321 32.82 63.14 -26.36
CA VAL A 321 33.59 63.47 -27.56
C VAL A 321 34.44 64.72 -27.39
N ASP A 322 34.14 65.56 -26.40
CA ASP A 322 34.92 66.77 -26.19
C ASP A 322 36.38 66.43 -25.92
N SER A 323 37.27 67.20 -26.55
CA SER A 323 38.70 66.90 -26.47
C SER A 323 39.23 67.02 -25.04
N ARG A 324 38.80 68.06 -24.32
CA ARG A 324 39.29 68.24 -22.95
C ARG A 324 38.89 67.06 -22.08
N TYR A 325 37.65 66.61 -22.18
CA TYR A 325 37.24 65.41 -21.45
C TYR A 325 37.97 64.18 -21.98
N GLN A 326 38.26 64.15 -23.28
CA GLN A 326 38.92 62.99 -23.86
C GLN A 326 40.28 62.75 -23.24
N GLN A 327 41.05 63.82 -23.02
CA GLN A 327 42.35 63.66 -22.37
C GLN A 327 42.21 63.15 -20.95
N TRP A 328 41.03 63.30 -20.36
CA TRP A 328 40.87 62.96 -18.95
C TRP A 328 40.85 61.46 -18.73
N MET A 329 40.15 60.70 -19.58
CA MET A 329 40.10 59.26 -19.38
C MET A 329 41.45 58.61 -19.62
N GLU A 330 42.18 59.05 -20.65
CA GLU A 330 43.49 58.45 -20.91
C GLU A 330 44.48 58.77 -19.79
N ARG A 331 44.28 59.90 -19.10
CA ARG A 331 45.17 60.24 -17.99
C ARG A 331 45.03 59.24 -16.85
N PHE A 332 43.90 58.54 -16.78
CA PHE A 332 43.73 57.49 -15.76
C PHE A 332 44.69 56.32 -15.98
N GLY A 333 45.05 56.04 -17.24
CA GLY A 333 45.91 54.94 -17.54
C GLY A 333 45.23 53.90 -18.42
N PRO A 334 46.01 53.17 -19.22
CA PRO A 334 45.42 52.16 -20.09
C PRO A 334 44.76 51.02 -19.35
N ASP A 335 45.12 50.79 -18.09
CA ASP A 335 44.53 49.72 -17.30
C ASP A 335 43.08 49.97 -16.92
N THR A 336 42.69 51.24 -16.79
CA THR A 336 41.38 51.61 -16.26
C THR A 336 40.31 51.40 -17.32
N GLN A 337 39.44 50.42 -17.08
CA GLN A 337 38.27 50.22 -17.94
C GLN A 337 37.28 51.36 -17.73
N HIS A 338 36.55 51.71 -18.78
CA HIS A 338 35.60 52.80 -18.75
C HIS A 338 34.21 52.32 -19.13
N LEU A 339 33.23 52.64 -18.30
CA LEU A 339 31.84 52.29 -18.54
C LEU A 339 31.02 53.56 -18.71
N VAL A 340 30.13 53.55 -19.70
CA VAL A 340 29.37 54.74 -20.07
C VAL A 340 27.88 54.42 -19.97
N LEU A 341 27.14 55.26 -19.26
CA LEU A 341 25.69 55.13 -19.12
C LEU A 341 25.05 56.44 -19.58
N ASN A 342 24.44 56.40 -20.76
CA ASN A 342 23.79 57.58 -21.32
C ASN A 342 22.73 57.13 -22.32
N GLU A 343 22.20 58.09 -23.08
CA GLU A 343 21.10 57.82 -24.00
C GLU A 343 21.50 56.96 -25.19
N ASN A 344 22.81 56.80 -25.44
CA ASN A 344 23.24 55.98 -26.56
C ASN A 344 23.02 54.49 -26.31
N CYS A 345 22.69 54.11 -25.09
CA CYS A 345 22.44 52.70 -24.76
C CYS A 345 21.21 52.22 -25.52
N ALA A 346 21.28 51.01 -26.05
CA ALA A 346 20.16 50.40 -26.79
C ALA A 346 19.90 49.03 -26.17
N SER A 347 19.03 49.00 -25.16
CA SER A 347 18.71 47.76 -24.48
C SER A 347 17.34 47.90 -23.83
N VAL A 348 16.79 46.78 -23.40
CA VAL A 348 15.49 46.72 -22.76
C VAL A 348 15.70 46.60 -21.26
N HIS A 349 14.80 47.19 -20.48
CA HIS A 349 14.85 47.10 -19.03
C HIS A 349 13.65 46.35 -18.46
N ASN A 350 12.44 46.82 -18.79
CA ASN A 350 11.21 46.18 -18.32
C ASN A 350 10.90 45.02 -19.25
N LEU A 351 11.63 43.92 -19.05
CA LEU A 351 11.47 42.76 -19.92
C LEU A 351 10.08 42.17 -19.79
N ARG A 352 9.55 42.08 -18.57
CA ARG A 352 8.22 41.51 -18.38
C ARG A 352 7.16 42.36 -19.05
N SER A 353 7.30 43.69 -18.99
CA SER A 353 6.36 44.56 -19.67
C SER A 353 6.42 44.35 -21.19
N HIS A 354 7.63 44.24 -21.73
CA HIS A 354 7.77 43.93 -23.15
C HIS A 354 7.24 42.54 -23.45
N LYS A 355 7.50 41.58 -22.57
CA LYS A 355 7.05 40.22 -22.79
C LYS A 355 5.52 40.15 -22.83
N ILE A 356 4.85 40.77 -21.86
CA ILE A 356 3.40 40.70 -21.80
C ILE A 356 2.79 41.49 -22.95
N GLN A 357 3.40 42.61 -23.34
CA GLN A 357 2.83 43.44 -24.39
C GLN A 357 2.83 42.70 -25.72
N THR A 358 3.89 41.96 -26.02
CA THR A 358 3.93 41.18 -27.26
C THR A 358 2.83 40.13 -27.29
N GLN A 359 2.61 39.45 -26.17
CA GLN A 359 1.59 38.41 -26.13
C GLN A 359 0.19 38.98 -26.32
N LEU A 360 -0.12 40.09 -25.66
CA LEU A 360 -1.43 40.72 -25.87
C LEU A 360 -1.54 41.32 -27.25
N ASN A 361 -0.41 41.66 -27.87
CA ASN A 361 -0.44 42.21 -29.23
C ASN A 361 -0.98 41.20 -30.23
N LEU A 362 -0.87 39.90 -29.95
CA LEU A 362 -1.44 38.90 -30.82
C LEU A 362 -2.97 38.98 -30.83
N ILE A 363 -3.57 39.26 -29.68
CA ILE A 363 -5.03 39.29 -29.59
C ILE A 363 -5.58 40.45 -30.42
N HIS A 364 -5.01 41.64 -30.25
CA HIS A 364 -5.48 42.81 -30.97
C HIS A 364 -4.35 43.82 -31.09
N PRO A 365 -3.79 44.01 -32.30
CA PRO A 365 -2.67 44.94 -32.44
C PRO A 365 -3.02 46.39 -32.11
N ASP A 366 -4.20 46.85 -32.51
CA ASP A 366 -4.56 48.25 -32.28
C ASP A 366 -4.81 48.53 -30.80
N ILE A 367 -5.58 47.67 -30.14
CA ILE A 367 -5.87 47.86 -28.72
C ILE A 367 -4.61 47.68 -27.88
N PHE A 368 -3.68 46.83 -28.30
CA PHE A 368 -2.46 46.57 -27.56
C PHE A 368 -1.26 46.83 -28.47
N PRO A 369 -0.94 48.10 -28.71
CA PRO A 369 0.21 48.41 -29.56
C PRO A 369 1.51 47.94 -28.93
N LEU A 370 2.45 47.54 -29.79
CA LEU A 370 3.74 47.06 -29.33
C LEU A 370 4.56 48.18 -28.74
N LEU A 371 5.30 47.87 -27.68
CA LEU A 371 6.23 48.82 -27.10
C LEU A 371 7.39 49.09 -28.05
N THR A 372 7.77 50.36 -28.17
CA THR A 372 8.82 50.79 -29.08
C THR A 372 9.96 51.40 -28.28
N SER A 373 11.17 50.93 -28.55
CA SER A 373 12.35 51.48 -27.90
C SER A 373 12.65 52.88 -28.43
N PHE A 374 13.11 53.75 -27.54
CA PHE A 374 13.44 55.12 -27.92
C PHE A 374 14.67 55.16 -28.82
N PRO A 381 31.27 57.29 -34.94
CA PRO A 381 32.01 58.20 -34.06
C PRO A 381 32.94 57.48 -33.09
N THR A 382 34.01 56.90 -33.61
CA THR A 382 34.96 56.16 -32.78
C THR A 382 35.67 57.10 -31.79
N LEU A 383 36.04 56.57 -30.63
CA LEU A 383 36.68 57.37 -29.60
C LEU A 383 38.13 56.93 -29.41
N SER A 384 38.98 57.89 -29.04
CA SER A 384 40.39 57.58 -28.80
C SER A 384 40.55 56.61 -27.65
N VAL A 385 39.82 56.84 -26.55
CA VAL A 385 39.88 55.97 -25.39
C VAL A 385 38.82 54.88 -25.53
N PRO A 386 39.19 53.61 -25.45
CA PRO A 386 38.18 52.55 -25.53
C PRO A 386 37.21 52.63 -24.35
N MET A 387 35.95 52.35 -24.65
CA MET A 387 34.88 52.44 -23.66
C MET A 387 33.79 51.45 -23.99
N VAL A 388 33.10 50.99 -22.96
CA VAL A 388 32.10 49.92 -23.08
C VAL A 388 30.73 50.52 -22.73
N GLN A 389 29.79 50.39 -23.65
CA GLN A 389 28.46 50.95 -23.45
C GLN A 389 27.72 50.19 -22.37
N GLY A 390 27.01 50.94 -21.53
CA GLY A 390 26.26 50.30 -20.44
C GLY A 390 25.05 49.55 -20.97
N GLU A 391 24.76 48.42 -20.33
CA GLU A 391 23.61 47.60 -20.66
C GLU A 391 22.95 47.14 -19.37
N CYS A 392 21.66 46.79 -19.46
CA CYS A 392 20.94 46.32 -18.29
C CYS A 392 21.57 45.03 -17.75
N LEU A 393 21.77 44.98 -16.44
CA LEU A 393 22.33 43.86 -15.71
C LEU A 393 23.76 43.53 -16.13
N LEU A 394 24.45 44.45 -16.81
CA LEU A 394 25.86 44.24 -17.11
C LEU A 394 26.68 44.28 -15.81
N LYS A 395 27.63 43.35 -15.69
CA LYS A 395 28.41 43.20 -14.49
C LYS A 395 29.89 43.37 -14.78
N TYR A 396 30.63 43.87 -13.80
CA TYR A 396 32.09 43.96 -13.84
C TYR A 396 32.61 43.55 -12.47
N GLN A 397 33.04 42.31 -12.33
CA GLN A 397 33.59 41.85 -11.06
C GLN A 397 34.87 42.59 -10.73
N LEU A 398 34.99 43.00 -9.47
CA LEU A 398 36.20 43.65 -8.98
C LEU A 398 37.06 42.75 -8.10
N ARG A 399 36.49 41.67 -7.58
CA ARG A 399 37.21 40.75 -6.69
C ARG A 399 36.56 39.38 -6.77
N PRO A 400 37.34 38.30 -6.88
CA PRO A 400 38.82 38.26 -6.91
C PRO A 400 39.40 38.48 -8.30
N ARG A 401 38.58 38.65 -9.33
CA ARG A 401 39.06 38.85 -10.68
C ARG A 401 38.37 40.07 -11.29
N ARG A 402 39.14 40.89 -12.01
CA ARG A 402 38.60 42.04 -12.71
C ARG A 402 38.27 41.61 -14.14
N GLU A 403 36.99 41.50 -14.45
CA GLU A 403 36.58 41.02 -15.77
C GLU A 403 35.19 41.54 -16.09
N TRP A 404 34.85 41.48 -17.38
CA TRP A 404 33.55 41.92 -17.88
C TRP A 404 32.59 40.74 -17.87
N GLN A 405 31.71 40.69 -16.86
CA GLN A 405 30.72 39.63 -16.76
C GLN A 405 29.47 40.05 -17.52
N ARG A 406 29.29 39.49 -18.71
CA ARG A 406 28.16 39.80 -19.57
C ARG A 406 27.08 38.71 -19.54
N ASP A 407 27.23 37.73 -18.65
CA ASP A 407 26.32 36.58 -18.63
C ASP A 407 24.91 36.98 -18.26
N ALA A 408 24.74 37.83 -17.26
CA ALA A 408 23.42 38.13 -16.72
C ALA A 408 22.64 39.15 -17.55
N ILE A 409 23.20 39.63 -18.66
CA ILE A 409 22.50 40.60 -19.47
C ILE A 409 21.24 39.97 -20.07
N ILE A 410 20.10 40.63 -19.84
CA ILE A 410 18.84 40.11 -20.35
C ILE A 410 18.77 40.33 -21.86
N THR A 411 18.18 39.37 -22.56
CA THR A 411 17.98 39.46 -24.00
C THR A 411 16.49 39.62 -24.30
N CYS A 412 16.18 40.48 -25.26
CA CYS A 412 14.81 40.76 -25.66
C CYS A 412 14.62 40.21 -27.08
N ASN A 413 14.26 38.94 -27.16
CA ASN A 413 13.97 38.30 -28.43
C ASN A 413 12.47 38.09 -28.54
N PRO A 414 11.76 38.86 -29.38
CA PRO A 414 10.30 38.72 -29.46
C PRO A 414 9.84 37.30 -29.80
N GLU A 415 10.55 36.60 -30.70
CA GLU A 415 10.06 35.35 -31.24
C GLU A 415 9.69 34.36 -30.14
N GLU A 416 10.48 34.33 -29.06
CA GLU A 416 10.15 33.44 -27.95
C GLU A 416 8.82 33.83 -27.31
N PHE A 417 8.57 35.13 -27.18
CA PHE A 417 7.35 35.58 -26.50
C PHE A 417 6.10 35.19 -27.28
N ILE A 418 6.11 35.32 -28.61
CA ILE A 418 4.99 34.79 -29.39
C ILE A 418 4.94 33.27 -29.25
N VAL A 419 6.10 32.60 -29.34
CA VAL A 419 6.13 31.15 -29.25
C VAL A 419 5.51 30.68 -27.94
N GLU A 420 5.84 31.37 -26.84
CA GLU A 420 5.24 31.04 -25.55
C GLU A 420 3.71 31.13 -25.61
N ALA A 421 3.19 32.04 -26.44
CA ALA A 421 1.75 32.26 -26.47
C ALA A 421 0.98 31.07 -27.07
N LEU A 422 1.41 30.59 -28.24
CA LEU A 422 0.63 29.54 -28.91
C LEU A 422 0.70 28.21 -28.17
N GLN A 423 1.81 27.92 -27.48
CA GLN A 423 1.88 26.66 -26.74
C GLN A 423 0.98 26.65 -25.52
N LEU A 424 0.39 27.78 -25.18
CA LEU A 424 -0.62 27.80 -24.13
C LEU A 424 -1.83 26.99 -24.57
N PRO A 425 -2.57 26.39 -23.64
CA PRO A 425 -3.62 25.43 -24.02
C PRO A 425 -4.69 25.97 -24.95
N ASN A 426 -5.36 27.05 -24.56
CA ASN A 426 -6.52 27.54 -25.32
C ASN A 426 -6.30 28.93 -25.92
N PHE A 427 -5.07 29.43 -25.91
CA PHE A 427 -4.84 30.78 -26.42
C PHE A 427 -5.01 30.86 -27.93
N GLN A 428 -4.39 29.93 -28.66
CA GLN A 428 -4.43 29.99 -30.11
C GLN A 428 -5.85 29.82 -30.65
N GLN A 429 -6.62 28.91 -30.05
CA GLN A 429 -7.99 28.71 -30.48
C GLN A 429 -8.84 29.94 -30.22
N SER A 430 -8.74 30.52 -29.02
CA SER A 430 -9.58 31.65 -28.67
C SER A 430 -9.24 32.88 -29.50
N VAL A 431 -7.94 33.13 -29.71
CA VAL A 431 -7.54 34.28 -30.52
C VAL A 431 -8.03 34.11 -31.95
N GLN A 432 -7.87 32.93 -32.52
CA GLN A 432 -8.38 32.67 -33.86
C GLN A 432 -9.91 32.76 -33.88
N GLU A 433 -10.57 32.22 -32.87
CA GLU A 433 -12.03 32.27 -32.81
C GLU A 433 -12.52 33.71 -32.72
N TYR A 434 -11.86 34.53 -31.90
CA TYR A 434 -12.25 35.92 -31.78
C TYR A 434 -11.98 36.69 -33.07
N ARG A 435 -10.87 36.38 -33.73
CA ARG A 435 -10.46 37.17 -34.90
C ARG A 435 -11.47 37.06 -36.03
N ARG A 436 -11.96 35.85 -36.31
CA ARG A 436 -12.97 35.70 -37.36
C ARG A 436 -14.30 36.33 -36.97
N SER A 437 -14.65 36.26 -35.67
CA SER A 437 -15.92 36.82 -35.22
C SER A 437 -15.93 38.34 -35.34
N ALA A 438 -14.82 39.00 -35.07
CA ALA A 438 -14.75 40.46 -35.07
C ALA A 438 -14.34 41.01 -36.43
N GLN A 439 -13.18 40.60 -36.94
CA GLN A 439 -12.70 41.13 -38.21
C GLN A 439 -13.60 40.70 -39.37
N ASP A 440 -14.07 39.45 -39.36
CA ASP A 440 -14.85 38.90 -40.45
C ASP A 440 -16.29 38.61 -40.03
N GLY A 441 -16.82 39.41 -39.10
CA GLY A 441 -18.18 39.23 -38.64
C GLY A 441 -19.05 40.42 -38.94
N PRO A 442 -19.71 40.97 -37.92
CA PRO A 442 -20.57 42.13 -38.12
C PRO A 442 -19.77 43.42 -38.26
N ALA A 443 -20.46 44.55 -38.34
CA ALA A 443 -19.80 45.84 -38.48
C ALA A 443 -18.91 46.10 -37.26
N PRO A 444 -17.66 46.54 -37.46
CA PRO A 444 -16.74 46.75 -36.32
C PRO A 444 -17.11 47.99 -35.50
N ALA A 445 -18.08 47.80 -34.62
CA ALA A 445 -18.51 48.81 -33.64
C ALA A 445 -19.20 49.98 -34.31
N GLU A 446 -19.61 50.96 -33.51
CA GLU A 446 -20.23 52.16 -34.04
C GLU A 446 -19.20 52.99 -34.79
N LYS A 447 -19.62 53.55 -35.92
CA LYS A 447 -18.71 54.37 -36.72
C LYS A 447 -18.48 55.71 -36.05
N ARG A 448 -17.40 55.83 -35.29
CA ARG A 448 -17.07 57.06 -34.60
C ARG A 448 -15.63 57.43 -34.93
N SER A 449 -15.24 58.64 -34.52
CA SER A 449 -13.92 59.15 -34.85
C SER A 449 -12.84 58.40 -34.07
N GLN A 450 -11.62 58.45 -34.60
CA GLN A 450 -10.47 57.85 -33.93
C GLN A 450 -10.09 58.57 -32.64
N TYR A 451 -10.62 59.78 -32.43
CA TYR A 451 -10.34 60.56 -31.23
C TYR A 451 -11.64 60.86 -30.50
N PRO A 452 -11.59 60.95 -29.17
CA PRO A 452 -10.42 60.80 -28.30
C PRO A 452 -10.05 59.34 -28.06
N GLU A 453 -8.78 59.08 -27.79
CA GLU A 453 -8.29 57.75 -27.47
C GLU A 453 -7.66 57.78 -26.08
N ILE A 454 -7.97 56.78 -25.26
CA ILE A 454 -7.53 56.73 -23.88
C ILE A 454 -6.31 55.82 -23.80
N ILE A 455 -5.21 56.36 -23.28
CA ILE A 455 -3.97 55.62 -23.10
C ILE A 455 -3.85 55.27 -21.62
N PHE A 456 -3.69 53.99 -21.33
CA PHE A 456 -3.56 53.53 -19.95
C PHE A 456 -2.08 53.22 -19.69
N LEU A 457 -1.35 54.26 -19.28
CA LEU A 457 0.08 54.12 -19.01
C LEU A 457 0.35 53.41 -17.69
N GLY A 458 -0.64 53.34 -16.80
CA GLY A 458 -0.44 52.69 -15.52
C GLY A 458 -1.74 52.30 -14.85
N THR A 459 -1.80 51.06 -14.34
CA THR A 459 -2.98 50.54 -13.66
C THR A 459 -2.61 49.97 -12.30
N GLY A 460 -1.63 50.59 -11.65
CA GLY A 460 -1.14 50.06 -10.35
C GLY A 460 -1.76 50.80 -9.19
N SER A 461 -2.18 50.08 -8.15
CA SER A 461 -2.87 50.71 -7.00
C SER A 461 -1.95 51.64 -6.19
N ALA A 462 -0.71 51.23 -5.93
CA ALA A 462 0.16 52.05 -5.06
C ALA A 462 1.63 51.89 -5.45
N ILE A 463 2.13 50.66 -5.38
CA ILE A 463 3.55 50.39 -5.76
C ILE A 463 3.66 49.86 -7.20
N PRO A 464 4.71 50.21 -7.98
CA PRO A 464 4.85 49.62 -9.31
C PRO A 464 5.07 48.12 -9.23
N MET A 465 4.68 47.39 -10.28
CA MET A 465 4.88 45.92 -10.32
C MET A 465 5.40 45.55 -11.71
N LYS A 466 5.97 44.35 -11.86
CA LYS A 466 6.55 43.93 -13.16
C LYS A 466 5.55 44.13 -14.31
N ILE A 467 4.25 43.89 -14.07
CA ILE A 467 3.27 43.98 -15.14
C ILE A 467 2.65 45.36 -15.21
N ARG A 468 2.29 45.93 -14.06
CA ARG A 468 1.57 47.19 -14.02
C ARG A 468 2.35 48.24 -13.23
N ASN A 469 2.36 49.46 -13.75
CA ASN A 469 2.91 50.61 -13.05
C ASN A 469 1.78 51.36 -12.35
N VAL A 470 2.17 52.25 -11.44
CA VAL A 470 1.18 53.02 -10.69
C VAL A 470 0.33 53.86 -11.63
N SER A 471 -0.82 54.30 -11.13
CA SER A 471 -1.87 54.85 -11.98
C SER A 471 -1.38 56.05 -12.78
N ALA A 472 -1.65 56.01 -14.08
CA ALA A 472 -1.37 57.11 -15.00
C ALA A 472 -2.16 56.90 -16.29
N THR A 473 -3.01 57.85 -16.64
CA THR A 473 -3.89 57.73 -17.80
C THR A 473 -3.75 58.97 -18.67
N LEU A 474 -3.51 58.74 -19.96
CA LEU A 474 -3.35 59.82 -20.93
C LEU A 474 -4.57 59.85 -21.83
N VAL A 475 -5.16 61.04 -21.98
CA VAL A 475 -6.33 61.23 -22.82
C VAL A 475 -5.92 62.13 -23.99
N ASN A 476 -6.07 61.62 -25.20
CA ASN A 476 -5.78 62.38 -26.41
C ASN A 476 -7.07 63.01 -26.90
N ILE A 477 -7.31 64.26 -26.50
CA ILE A 477 -8.53 64.94 -26.92
C ILE A 477 -8.56 65.11 -28.43
N SER A 478 -7.45 65.49 -29.03
CA SER A 478 -7.33 65.69 -30.46
C SER A 478 -5.90 65.38 -30.87
N PRO A 479 -5.59 65.28 -32.17
CA PRO A 479 -4.19 65.01 -32.57
C PRO A 479 -3.21 66.08 -32.13
N ASP A 480 -3.68 67.29 -31.79
CA ASP A 480 -2.80 68.38 -31.42
C ASP A 480 -2.99 68.83 -29.97
N THR A 481 -3.72 68.07 -29.16
CA THR A 481 -3.89 68.40 -27.75
C THR A 481 -4.20 67.14 -26.96
N SER A 482 -3.66 67.07 -25.75
CA SER A 482 -3.87 65.93 -24.88
C SER A 482 -3.74 66.38 -23.43
N LEU A 483 -4.24 65.55 -22.52
CA LEU A 483 -4.13 65.84 -21.09
C LEU A 483 -3.89 64.54 -20.33
N LEU A 484 -3.28 64.68 -19.17
CA LEU A 484 -2.94 63.55 -18.31
C LEU A 484 -3.91 63.51 -17.13
N LEU A 485 -4.61 62.38 -16.98
CA LEU A 485 -5.55 62.22 -15.88
C LEU A 485 -4.87 61.90 -14.56
N ASP A 486 -3.63 61.42 -14.59
CA ASP A 486 -2.87 61.13 -13.39
C ASP A 486 -1.42 60.91 -13.79
N CYS A 487 -0.51 61.29 -12.88
CA CYS A 487 0.93 61.21 -13.17
C CYS A 487 1.62 60.54 -11.98
N GLY A 488 1.69 59.21 -12.01
CA GLY A 488 2.41 58.48 -10.99
C GLY A 488 3.88 58.39 -11.29
N GLU A 489 4.59 57.70 -10.40
CA GLU A 489 6.04 57.55 -10.55
C GLU A 489 6.36 56.79 -11.83
N GLY A 490 7.34 57.29 -12.58
CA GLY A 490 7.72 56.66 -13.82
C GLY A 490 6.73 56.82 -14.94
N THR A 491 5.83 57.80 -14.85
CA THR A 491 4.84 58.00 -15.90
C THR A 491 5.52 58.36 -17.22
N PHE A 492 6.55 59.21 -17.18
CA PHE A 492 7.28 59.54 -18.39
C PHE A 492 7.95 58.30 -18.99
N GLY A 493 8.46 57.42 -18.13
CA GLY A 493 9.03 56.17 -18.61
C GLY A 493 8.02 55.35 -19.39
N GLN A 494 6.80 55.26 -18.89
CA GLN A 494 5.73 54.63 -19.65
C GLN A 494 5.41 55.41 -20.91
N LEU A 495 5.40 56.75 -20.81
CA LEU A 495 5.16 57.58 -21.99
C LEU A 495 6.24 57.36 -23.04
N CYS A 496 7.50 57.34 -22.62
CA CYS A 496 8.60 57.15 -23.56
C CYS A 496 8.57 55.76 -24.18
N ARG A 497 8.23 54.75 -23.38
CA ARG A 497 8.21 53.38 -23.89
C ARG A 497 7.05 53.16 -24.86
N HIS A 498 5.92 53.82 -24.61
CA HIS A 498 4.75 53.61 -25.45
C HIS A 498 4.87 54.26 -26.82
N TYR A 499 5.58 55.38 -26.91
CA TYR A 499 5.68 56.13 -28.16
C TYR A 499 7.07 56.14 -28.78
N GLY A 500 8.12 55.93 -27.99
CA GLY A 500 9.47 55.93 -28.52
C GLY A 500 9.93 57.28 -29.02
N ASP A 501 10.23 57.38 -30.31
CA ASP A 501 10.71 58.63 -30.86
C ASP A 501 9.64 59.70 -30.92
N GLN A 502 8.38 59.34 -30.69
CA GLN A 502 7.27 60.29 -30.74
C GLN A 502 6.93 60.89 -29.38
N VAL A 503 7.71 60.60 -28.35
CA VAL A 503 7.39 61.10 -27.01
C VAL A 503 7.43 62.62 -26.97
N ASP A 504 8.39 63.23 -27.68
CA ASP A 504 8.48 64.68 -27.71
C ASP A 504 7.24 65.29 -28.35
N ARG A 505 6.73 64.68 -29.42
CA ARG A 505 5.51 65.17 -30.04
C ARG A 505 4.33 65.09 -29.07
N VAL A 506 4.22 63.98 -28.34
CA VAL A 506 3.15 63.84 -27.36
C VAL A 506 3.26 64.89 -26.27
N LEU A 507 4.47 65.11 -25.76
CA LEU A 507 4.68 66.13 -24.74
C LEU A 507 4.35 67.52 -25.26
N GLY A 508 4.57 67.77 -26.56
CA GLY A 508 4.21 69.05 -27.12
C GLY A 508 2.71 69.28 -27.18
N THR A 509 1.94 68.19 -27.27
CA THR A 509 0.48 68.27 -27.29
C THR A 509 -0.14 68.16 -25.91
N LEU A 510 0.67 67.91 -24.88
CA LEU A 510 0.13 67.81 -23.52
C LEU A 510 -0.23 69.20 -23.03
N ALA A 511 -1.53 69.45 -22.84
CA ALA A 511 -2.03 70.77 -22.48
C ALA A 511 -2.32 70.93 -21.00
N ALA A 512 -2.80 69.88 -20.33
CA ALA A 512 -3.17 70.00 -18.94
C ALA A 512 -2.91 68.69 -18.22
N VAL A 513 -2.79 68.76 -16.90
CA VAL A 513 -2.59 67.60 -16.05
C VAL A 513 -3.55 67.69 -14.88
N PHE A 514 -4.27 66.60 -14.61
CA PHE A 514 -5.18 66.51 -13.48
C PHE A 514 -4.63 65.51 -12.47
N VAL A 515 -4.74 65.86 -11.19
CA VAL A 515 -4.26 65.00 -10.11
C VAL A 515 -5.44 64.69 -9.20
N SER A 516 -5.70 63.40 -8.94
CA SER A 516 -6.89 63.02 -8.15
C SER A 516 -6.74 63.43 -6.68
N HIS A 517 -5.83 62.77 -5.95
CA HIS A 517 -5.63 63.07 -4.50
C HIS A 517 -4.13 63.18 -4.20
N LEU A 518 -3.79 63.80 -3.08
CA LEU A 518 -2.35 64.03 -2.74
C LEU A 518 -1.61 62.71 -2.53
N ALA A 519 -2.27 61.56 -2.67
CA ALA A 519 -1.57 60.27 -2.58
C ALA A 519 -0.43 60.24 -3.60
N ALA A 520 0.75 59.81 -3.19
CA ALA A 520 1.95 59.86 -4.06
C ALA A 520 1.81 59.03 -5.33
N ASP A 521 0.98 57.97 -5.31
CA ASP A 521 0.92 57.08 -6.50
C ASP A 521 0.40 57.89 -7.70
N HIS A 522 -0.35 58.97 -7.45
CA HIS A 522 -0.98 59.72 -8.58
C HIS A 522 -0.29 61.05 -8.92
N HIS A 523 0.79 61.47 -8.25
CA HIS A 523 1.35 62.82 -8.57
C HIS A 523 2.87 62.91 -8.51
N THR A 524 3.57 61.93 -7.94
CA THR A 524 5.01 62.06 -7.75
C THR A 524 5.78 62.12 -9.07
N GLY A 525 5.20 61.64 -10.16
CA GLY A 525 5.83 61.71 -11.46
C GLY A 525 5.60 63.01 -12.19
N LEU A 526 4.86 63.94 -11.60
CA LEU A 526 4.61 65.22 -12.25
C LEU A 526 5.90 66.01 -12.53
N PRO A 527 6.83 66.15 -11.58
CA PRO A 527 8.06 66.90 -11.92
C PRO A 527 8.82 66.34 -13.09
N SER A 528 8.91 65.01 -13.20
CA SER A 528 9.69 64.41 -14.27
C SER A 528 9.13 64.78 -15.64
N ILE A 529 7.81 64.96 -15.73
CA ILE A 529 7.20 65.40 -16.98
C ILE A 529 7.68 66.80 -17.34
N LEU A 530 7.74 67.69 -16.34
CA LEU A 530 8.01 69.11 -16.61
C LEU A 530 9.37 69.32 -17.25
N LEU A 531 10.42 68.71 -16.70
CA LEU A 531 11.74 68.84 -17.31
C LEU A 531 11.78 68.19 -18.69
N GLN A 532 11.15 67.02 -18.84
CA GLN A 532 11.09 66.40 -20.15
C GLN A 532 10.24 67.21 -21.11
N ARG A 533 9.14 67.80 -20.62
CA ARG A 533 8.31 68.64 -21.48
C ARG A 533 9.08 69.87 -21.94
N GLU A 534 9.84 70.49 -21.04
CA GLU A 534 10.64 71.64 -21.42
C GLU A 534 11.68 71.27 -22.47
N ARG A 535 12.32 70.12 -22.29
CA ARG A 535 13.26 69.64 -23.30
C ARG A 535 12.54 69.30 -24.60
N ALA A 536 11.37 68.66 -24.51
CA ALA A 536 10.61 68.32 -25.70
C ALA A 536 10.13 69.58 -26.42
N LEU A 537 9.67 70.58 -25.67
CA LEU A 537 9.24 71.82 -26.30
C LEU A 537 10.41 72.54 -26.97
N ALA A 538 11.58 72.52 -26.31
CA ALA A 538 12.75 73.13 -26.92
C ALA A 538 13.15 72.42 -28.21
N SER A 539 13.06 71.10 -28.23
CA SER A 539 13.37 70.35 -29.43
C SER A 539 12.44 70.72 -30.57
N LEU A 540 11.15 70.83 -30.28
CA LEU A 540 10.17 71.23 -31.31
C LEU A 540 10.24 72.72 -31.63
N GLY A 541 10.94 73.50 -30.82
CA GLY A 541 11.06 74.93 -31.04
C GLY A 541 9.89 75.76 -30.54
N LYS A 542 8.87 75.12 -29.96
CA LYS A 542 7.72 75.87 -29.47
C LYS A 542 8.13 76.72 -28.27
N PRO A 543 7.50 77.89 -28.10
CA PRO A 543 7.81 78.72 -26.94
C PRO A 543 7.47 78.03 -25.63
N LEU A 544 8.28 78.28 -24.61
CA LEU A 544 8.08 77.66 -23.30
C LEU A 544 7.00 78.42 -22.55
N HIS A 545 5.93 77.71 -22.20
CA HIS A 545 4.82 78.28 -21.44
C HIS A 545 4.47 77.35 -20.28
N PRO A 546 4.01 77.90 -19.17
CA PRO A 546 3.68 77.07 -18.01
C PRO A 546 2.56 76.09 -18.31
N LEU A 547 2.67 74.91 -17.73
CA LEU A 547 1.67 73.86 -17.91
C LEU A 547 0.49 74.08 -16.97
N LEU A 548 -0.68 73.61 -17.40
CA LEU A 548 -1.90 73.73 -16.61
C LEU A 548 -2.06 72.47 -15.75
N VAL A 549 -2.14 72.66 -14.43
CA VAL A 549 -2.29 71.56 -13.50
C VAL A 549 -3.52 71.83 -12.64
N VAL A 550 -4.45 70.88 -12.62
CA VAL A 550 -5.63 70.94 -11.77
C VAL A 550 -5.44 69.92 -10.66
N ALA A 551 -5.33 70.41 -9.43
CA ALA A 551 -5.01 69.57 -8.29
C ALA A 551 -5.48 70.28 -7.03
N PRO A 552 -5.60 69.55 -5.90
CA PRO A 552 -5.92 70.21 -4.64
C PRO A 552 -4.91 71.29 -4.26
N ASN A 553 -5.35 72.25 -3.44
CA ASN A 553 -4.51 73.40 -3.12
C ASN A 553 -3.21 72.98 -2.44
N GLN A 554 -3.26 71.93 -1.62
CA GLN A 554 -2.09 71.50 -0.86
C GLN A 554 -0.95 71.00 -1.74
N LEU A 555 -1.19 70.75 -3.02
CA LEU A 555 -0.11 70.27 -3.89
C LEU A 555 0.96 71.34 -4.08
N LYS A 556 0.61 72.61 -3.94
CA LYS A 556 1.60 73.68 -4.08
C LYS A 556 2.64 73.61 -2.98
N ALA A 557 2.27 73.06 -1.82
CA ALA A 557 3.19 73.01 -0.69
C ALA A 557 4.43 72.19 -1.03
N TRP A 558 4.25 71.01 -1.63
CA TRP A 558 5.39 70.21 -2.04
C TRP A 558 6.17 70.92 -3.14
N LEU A 559 5.46 71.48 -4.13
CA LEU A 559 6.13 72.15 -5.25
C LEU A 559 6.90 73.37 -4.78
N GLN A 560 6.30 74.17 -3.89
CA GLN A 560 6.99 75.34 -3.37
C GLN A 560 8.23 74.95 -2.59
N GLN A 561 8.13 73.88 -1.80
CA GLN A 561 9.30 73.39 -1.06
C GLN A 561 10.40 72.94 -2.00
N TYR A 562 10.04 72.19 -3.03
CA TYR A 562 11.04 71.70 -3.98
C TYR A 562 11.67 72.84 -4.78
N HIS A 563 10.86 73.82 -5.20
CA HIS A 563 11.38 74.89 -6.04
C HIS A 563 12.37 75.77 -5.28
N ASN A 564 12.08 76.09 -4.03
CA ASN A 564 12.90 77.01 -3.26
C ASN A 564 14.06 76.34 -2.54
N GLN A 565 14.16 75.01 -2.60
CA GLN A 565 15.20 74.32 -1.85
C GLN A 565 15.99 73.34 -2.72
N CYS A 566 15.36 72.78 -3.75
CA CYS A 566 15.97 71.70 -4.52
C CYS A 566 16.30 72.10 -5.95
N GLN A 567 15.31 72.56 -6.71
CA GLN A 567 15.51 72.84 -8.13
C GLN A 567 14.32 73.64 -8.64
N GLU A 568 14.59 74.58 -9.53
CA GLU A 568 13.56 75.46 -10.07
C GLU A 568 12.66 74.67 -11.01
N VAL A 569 11.41 74.45 -10.59
CA VAL A 569 10.44 73.74 -11.41
C VAL A 569 9.08 74.43 -11.49
N LEU A 570 8.79 75.42 -10.63
CA LEU A 570 7.46 76.02 -10.63
C LEU A 570 7.23 76.96 -11.80
N HIS A 571 8.29 77.39 -12.49
CA HIS A 571 8.09 78.26 -13.65
C HIS A 571 7.45 77.53 -14.82
N HIS A 572 7.37 76.21 -14.79
CA HIS A 572 6.63 75.43 -15.77
C HIS A 572 5.20 75.14 -15.35
N ILE A 573 4.77 75.67 -14.20
CA ILE A 573 3.52 75.26 -13.58
C ILE A 573 2.57 76.46 -13.53
N SER A 574 1.36 76.27 -14.04
CA SER A 574 0.24 77.19 -13.84
C SER A 574 -0.87 76.38 -13.20
N MET A 575 -0.84 76.30 -11.86
CA MET A 575 -1.74 75.41 -11.15
C MET A 575 -3.11 76.05 -10.96
N ILE A 576 -4.15 75.29 -11.30
CA ILE A 576 -5.53 75.70 -11.07
C ILE A 576 -6.08 74.83 -9.94
N PRO A 577 -6.41 75.39 -8.78
CA PRO A 577 -6.88 74.57 -7.66
C PRO A 577 -8.13 73.79 -8.03
N ALA A 578 -8.23 72.57 -7.50
CA ALA A 578 -9.38 71.72 -7.81
C ALA A 578 -10.66 72.19 -7.14
N LYS A 579 -10.58 73.05 -6.13
CA LYS A 579 -11.78 73.47 -5.42
C LYS A 579 -12.67 74.37 -6.27
N CYS A 580 -12.08 75.24 -7.09
CA CYS A 580 -12.87 76.16 -7.89
C CYS A 580 -13.47 75.52 -9.13
N LEU A 581 -13.11 74.27 -9.42
CA LEU A 581 -13.67 73.55 -10.56
C LEU A 581 -15.00 72.90 -10.25
N GLN A 582 -15.43 72.91 -8.99
CA GLN A 582 -16.65 72.22 -8.61
C GLN A 582 -17.88 72.97 -9.11
N GLU A 583 -19.01 72.26 -9.11
CA GLU A 583 -20.27 72.90 -9.52
C GLU A 583 -20.69 73.92 -8.48
N GLY A 584 -21.23 75.04 -8.97
CA GLY A 584 -21.67 76.12 -8.12
C GLY A 584 -20.59 76.63 -7.19
N ALA A 585 -19.33 76.58 -7.65
CA ALA A 585 -18.20 76.94 -6.82
C ALA A 585 -18.11 78.46 -6.67
N GLU A 586 -17.37 78.90 -5.66
CA GLU A 586 -17.18 80.32 -5.42
C GLU A 586 -16.38 80.94 -6.55
N ILE A 587 -16.66 82.22 -6.83
CA ILE A 587 -15.87 82.95 -7.81
C ILE A 587 -14.51 83.28 -7.21
N SER A 588 -13.45 82.79 -7.83
CA SER A 588 -12.11 82.89 -7.27
C SER A 588 -11.44 84.18 -7.74
N SER A 589 -10.14 84.29 -7.49
CA SER A 589 -9.38 85.45 -7.92
C SER A 589 -9.36 85.54 -9.44
N PRO A 590 -9.35 86.76 -9.99
CA PRO A 590 -9.34 86.89 -11.46
C PRO A 590 -8.14 86.22 -12.12
N ALA A 591 -7.01 86.13 -11.42
CA ALA A 591 -5.84 85.48 -12.00
C ALA A 591 -6.12 84.03 -12.33
N VAL A 592 -6.86 83.33 -11.46
CA VAL A 592 -7.30 81.99 -11.78
C VAL A 592 -8.37 82.01 -12.88
N GLU A 593 -9.13 83.10 -12.96
CA GLU A 593 -10.31 83.12 -13.82
C GLU A 593 -9.95 83.04 -15.30
N ARG A 594 -8.94 83.79 -15.73
CA ARG A 594 -8.56 83.65 -17.13
C ARG A 594 -7.79 82.35 -17.38
N LEU A 595 -7.24 81.73 -16.35
CA LEU A 595 -6.65 80.40 -16.50
C LEU A 595 -7.72 79.36 -16.81
N ILE A 596 -8.89 79.48 -16.17
CA ILE A 596 -9.96 78.51 -16.41
C ILE A 596 -10.48 78.64 -17.84
N SER A 597 -10.41 79.84 -18.41
CA SER A 597 -10.76 80.03 -19.80
C SER A 597 -9.74 79.36 -20.71
N SER A 598 -8.46 79.41 -20.33
CA SER A 598 -7.43 78.75 -21.10
C SER A 598 -7.62 77.23 -21.08
N LEU A 599 -8.04 76.68 -19.94
CA LEU A 599 -8.22 75.24 -19.84
C LEU A 599 -9.26 74.73 -20.83
N LEU A 600 -10.41 75.42 -20.90
CA LEU A 600 -11.45 75.01 -21.84
C LEU A 600 -11.02 75.27 -23.27
N ARG A 601 -10.37 76.41 -23.52
CA ARG A 601 -10.01 76.79 -24.89
C ARG A 601 -8.92 75.89 -25.44
N THR A 602 -7.84 75.68 -24.67
CA THR A 602 -6.70 74.92 -25.16
C THR A 602 -7.07 73.46 -25.40
N CYS A 603 -7.81 72.87 -24.46
CA CYS A 603 -8.16 71.45 -24.55
C CYS A 603 -9.47 71.22 -25.30
N ASP A 604 -10.09 72.26 -25.84
CA ASP A 604 -11.32 72.16 -26.61
C ASP A 604 -12.45 71.50 -25.81
N LEU A 605 -12.47 71.77 -24.51
CA LEU A 605 -13.46 71.21 -23.62
C LEU A 605 -14.62 72.19 -23.46
N GLU A 606 -15.85 71.70 -23.68
CA GLU A 606 -17.02 72.53 -23.42
C GLU A 606 -17.16 72.85 -21.94
N GLU A 607 -16.86 71.88 -21.08
CA GLU A 607 -16.98 72.06 -19.64
C GLU A 607 -16.04 71.09 -18.95
N PHE A 608 -15.51 71.51 -17.79
CA PHE A 608 -14.61 70.69 -17.00
C PHE A 608 -15.07 70.78 -15.54
N GLN A 609 -15.65 69.70 -15.04
CA GLN A 609 -16.26 69.68 -13.72
C GLN A 609 -15.41 68.86 -12.74
N THR A 610 -15.71 69.04 -11.45
CA THR A 610 -15.00 68.37 -10.37
C THR A 610 -15.90 68.33 -9.16
N CYS A 611 -15.69 67.34 -8.29
CA CYS A 611 -16.34 67.29 -7.00
C CYS A 611 -15.43 66.58 -6.01
N LEU A 612 -15.85 66.54 -4.75
CA LEU A 612 -15.12 65.84 -3.70
C LEU A 612 -15.61 64.40 -3.63
N VAL A 613 -14.74 63.46 -3.96
CA VAL A 613 -15.09 62.06 -3.93
C VAL A 613 -14.84 61.53 -2.52
N ARG A 614 -15.50 60.44 -2.18
CA ARG A 614 -15.40 59.85 -0.84
C ARG A 614 -14.02 59.19 -0.72
N HIS A 615 -13.07 59.94 -0.15
CA HIS A 615 -11.72 59.37 0.10
C HIS A 615 -11.03 60.24 1.16
N CYS A 616 -9.70 60.20 1.21
CA CYS A 616 -8.94 61.03 2.17
C CYS A 616 -9.22 62.50 1.86
N LYS A 617 -9.27 63.36 2.88
CA LYS A 617 -9.63 64.79 2.67
C LYS A 617 -8.97 65.37 1.42
N HIS A 618 -9.68 66.27 0.73
CA HIS A 618 -9.17 66.94 -0.48
C HIS A 618 -8.85 65.93 -1.57
N ALA A 619 -9.78 65.02 -1.82
CA ALA A 619 -9.71 64.10 -2.95
C ALA A 619 -10.83 64.45 -3.93
N PHE A 620 -10.51 64.43 -5.22
CA PHE A 620 -11.41 64.95 -6.23
C PHE A 620 -11.56 63.98 -7.40
N GLY A 621 -12.76 63.94 -7.96
CA GLY A 621 -13.03 63.27 -9.21
C GLY A 621 -12.86 64.20 -10.39
N CYS A 622 -13.37 63.77 -11.54
CA CYS A 622 -13.20 64.57 -12.74
C CYS A 622 -14.32 64.26 -13.73
N ALA A 623 -14.46 65.15 -14.72
CA ALA A 623 -15.44 64.98 -15.79
C ALA A 623 -15.03 65.85 -16.97
N LEU A 624 -14.79 65.23 -18.11
CA LEU A 624 -14.48 65.95 -19.34
C LEU A 624 -15.72 66.03 -20.21
N VAL A 625 -16.07 67.24 -20.62
CA VAL A 625 -17.16 67.48 -21.56
C VAL A 625 -16.61 68.20 -22.77
N HIS A 626 -16.78 67.62 -23.94
CA HIS A 626 -16.25 68.15 -25.18
C HIS A 626 -17.33 68.93 -25.92
N THR A 627 -16.89 69.82 -26.80
CA THR A 627 -17.83 70.57 -27.63
C THR A 627 -18.61 69.64 -28.55
N SER A 628 -18.00 68.52 -28.96
CA SER A 628 -18.71 67.56 -29.80
C SER A 628 -19.89 66.94 -29.08
N GLY A 629 -19.70 66.59 -27.80
CA GLY A 629 -20.81 66.06 -27.01
C GLY A 629 -20.44 64.93 -26.09
N TRP A 630 -19.39 64.17 -26.42
CA TRP A 630 -19.01 63.04 -25.60
C TRP A 630 -18.49 63.51 -24.24
N LYS A 631 -18.76 62.72 -23.21
CA LYS A 631 -18.44 63.07 -21.83
C LYS A 631 -17.63 61.94 -21.19
N VAL A 632 -16.45 62.27 -20.70
CA VAL A 632 -15.55 61.31 -20.06
C VAL A 632 -15.49 61.66 -18.58
N VAL A 633 -15.79 60.68 -17.72
CA VAL A 633 -15.79 60.86 -16.28
C VAL A 633 -14.74 59.94 -15.68
N TYR A 634 -13.79 60.52 -14.95
CA TYR A 634 -12.74 59.77 -14.29
C TYR A 634 -12.89 59.94 -12.78
N SER A 635 -12.82 58.83 -12.05
CA SER A 635 -12.95 58.84 -10.60
C SER A 635 -11.67 58.28 -9.98
N GLY A 636 -11.07 59.05 -9.09
CA GLY A 636 -9.83 58.59 -8.45
C GLY A 636 -10.12 57.46 -7.48
N ASP A 637 -9.28 57.30 -6.45
CA ASP A 637 -9.56 56.29 -5.41
C ASP A 637 -10.79 56.73 -4.60
N THR A 638 -11.75 55.83 -4.35
CA THR A 638 -13.01 56.19 -3.65
C THR A 638 -14.05 55.08 -3.66
N MET A 639 -14.91 55.00 -2.63
CA MET A 639 -16.03 54.08 -2.68
C MET A 639 -17.16 54.72 -3.49
N PRO A 640 -18.24 53.96 -3.78
CA PRO A 640 -19.39 54.57 -4.46
C PRO A 640 -19.86 55.88 -3.84
N CYS A 641 -19.73 56.96 -4.60
CA CYS A 641 -20.08 58.30 -4.14
C CYS A 641 -21.25 58.84 -4.96
N GLU A 642 -22.24 59.38 -4.26
CA GLU A 642 -23.41 59.95 -4.91
C GLU A 642 -23.11 61.26 -5.61
N ALA A 643 -22.17 62.05 -5.09
CA ALA A 643 -21.78 63.28 -5.79
C ALA A 643 -21.18 62.97 -7.15
N LEU A 644 -20.40 61.90 -7.23
CA LEU A 644 -19.91 61.45 -8.53
C LEU A 644 -21.06 61.04 -9.43
N VAL A 645 -22.07 60.38 -8.87
CA VAL A 645 -23.23 59.96 -9.66
C VAL A 645 -23.93 61.18 -10.25
N ARG A 646 -24.11 62.22 -9.45
CA ARG A 646 -24.75 63.43 -9.94
C ARG A 646 -23.89 64.12 -10.99
N MET A 647 -22.57 63.96 -10.90
CA MET A 647 -21.66 64.68 -11.80
C MET A 647 -21.84 64.25 -13.25
N GLY A 648 -21.63 62.98 -13.55
CA GLY A 648 -21.46 62.53 -14.91
C GLY A 648 -22.61 61.71 -15.47
N LYS A 649 -23.84 62.14 -15.20
CA LYS A 649 -24.99 61.46 -15.76
C LYS A 649 -24.88 61.40 -17.28
N ASP A 650 -25.17 60.22 -17.84
CA ASP A 650 -25.02 59.95 -19.26
C ASP A 650 -23.62 60.28 -19.76
N ALA A 651 -22.61 59.86 -19.01
CA ALA A 651 -21.23 59.98 -19.47
C ALA A 651 -20.96 58.98 -20.60
N THR A 652 -20.14 59.40 -21.56
CA THR A 652 -19.79 58.50 -22.66
C THR A 652 -18.89 57.38 -22.18
N LEU A 653 -17.88 57.70 -21.37
CA LEU A 653 -16.95 56.71 -20.85
C LEU A 653 -16.64 57.02 -19.39
N LEU A 654 -16.62 55.99 -18.56
CA LEU A 654 -16.34 56.12 -17.14
C LEU A 654 -15.12 55.28 -16.77
N ILE A 655 -14.15 55.90 -16.11
CA ILE A 655 -12.98 55.22 -15.59
C ILE A 655 -13.08 55.22 -14.08
N HIS A 656 -13.08 54.04 -13.47
CA HIS A 656 -13.40 53.89 -12.06
C HIS A 656 -12.41 52.95 -11.38
N GLU A 657 -12.22 53.16 -10.08
CA GLU A 657 -11.34 52.31 -9.28
C GLU A 657 -12.01 50.98 -8.97
N ALA A 658 -11.26 49.89 -9.18
CA ALA A 658 -11.76 48.52 -8.98
C ALA A 658 -10.72 47.69 -8.23
N THR A 659 -10.21 48.23 -7.13
CA THR A 659 -9.01 47.71 -6.47
C THR A 659 -9.13 46.28 -5.94
N LEU A 660 -10.23 45.94 -5.27
CA LEU A 660 -10.32 44.67 -4.55
C LEU A 660 -11.28 43.69 -5.22
N GLU A 661 -11.33 42.47 -4.67
CA GLU A 661 -12.23 41.45 -5.18
C GLU A 661 -13.64 41.74 -4.71
N ASP A 662 -14.58 40.85 -5.06
CA ASP A 662 -15.82 40.75 -4.33
C ASP A 662 -15.62 39.90 -3.09
N GLY A 663 -16.20 40.34 -1.98
CA GLY A 663 -15.97 39.69 -0.70
C GLY A 663 -14.94 40.34 0.19
N LEU A 664 -14.36 41.46 -0.23
CA LEU A 664 -13.48 42.26 0.62
C LEU A 664 -14.02 43.66 0.85
N GLU A 665 -15.33 43.78 1.07
CA GLU A 665 -15.95 45.08 1.32
C GLU A 665 -15.47 45.71 2.63
N GLU A 666 -15.16 44.91 3.65
CA GLU A 666 -14.82 45.49 4.95
C GLU A 666 -13.48 46.20 4.96
N GLU A 667 -12.46 45.68 4.27
CA GLU A 667 -11.23 46.46 4.16
C GLU A 667 -11.29 47.43 2.98
N ALA A 668 -12.29 47.29 2.12
CA ALA A 668 -12.52 48.30 1.08
C ALA A 668 -12.88 49.64 1.71
N VAL A 669 -13.67 49.62 2.78
CA VAL A 669 -13.96 50.86 3.50
C VAL A 669 -12.79 51.21 4.43
N GLU A 670 -12.08 50.20 4.89
CA GLU A 670 -10.94 50.45 5.81
C GLU A 670 -9.88 51.21 5.01
N LYS A 671 -9.78 50.92 3.71
CA LYS A 671 -8.75 51.56 2.87
C LYS A 671 -9.39 52.65 1.99
N THR A 672 -10.67 52.98 2.22
CA THR A 672 -11.35 53.96 1.33
C THR A 672 -11.04 53.55 -0.09
N HIS A 673 -11.57 52.42 -0.53
CA HIS A 673 -11.24 51.86 -1.84
C HIS A 673 -12.39 50.97 -2.27
N SER A 674 -12.69 50.84 -3.56
CA SER A 674 -13.88 50.09 -4.01
C SER A 674 -13.56 48.69 -4.46
N THR A 675 -14.57 47.92 -4.75
CA THR A 675 -14.44 46.62 -5.38
C THR A 675 -15.03 46.64 -6.78
N THR A 676 -14.90 45.51 -7.48
CA THR A 676 -15.36 45.43 -8.86
C THR A 676 -16.87 45.61 -8.95
N SER A 677 -17.63 44.88 -8.12
CA SER A 677 -19.08 44.93 -8.22
C SER A 677 -19.63 46.31 -7.89
N GLN A 678 -19.08 46.96 -6.85
CA GLN A 678 -19.52 48.32 -6.54
C GLN A 678 -19.20 49.28 -7.67
N ALA A 679 -18.00 49.15 -8.26
CA ALA A 679 -17.65 50.00 -9.39
C ALA A 679 -18.58 49.75 -10.57
N ILE A 680 -18.88 48.49 -10.85
CA ILE A 680 -19.82 48.17 -11.92
C ILE A 680 -21.20 48.72 -11.61
N SER A 681 -21.66 48.55 -10.36
CA SER A 681 -22.97 49.06 -9.97
C SER A 681 -23.04 50.57 -10.09
N VAL A 682 -21.94 51.28 -9.79
CA VAL A 682 -21.91 52.71 -10.01
C VAL A 682 -22.04 53.03 -11.48
N GLY A 683 -21.38 52.24 -12.34
CA GLY A 683 -21.49 52.46 -13.77
C GLY A 683 -22.92 52.34 -14.27
N MET A 684 -23.67 51.37 -13.74
CA MET A 684 -25.09 51.30 -14.06
C MET A 684 -25.82 52.51 -13.50
N ARG A 685 -25.47 52.93 -12.27
CA ARG A 685 -26.04 54.15 -11.71
C ARG A 685 -25.57 55.38 -12.48
N MET A 686 -24.38 55.30 -13.09
CA MET A 686 -23.91 56.36 -13.98
C MET A 686 -24.80 56.53 -15.20
N ASN A 687 -25.46 55.45 -15.64
CA ASN A 687 -26.12 55.39 -16.95
C ASN A 687 -25.13 55.74 -18.06
N ALA A 688 -23.91 55.25 -17.89
CA ALA A 688 -22.81 55.53 -18.78
C ALA A 688 -22.72 54.48 -19.87
N GLU A 689 -22.27 54.89 -21.05
CA GLU A 689 -22.21 53.98 -22.19
C GLU A 689 -21.26 52.83 -21.93
N PHE A 690 -20.09 53.11 -21.36
CA PHE A 690 -19.09 52.09 -21.11
C PHE A 690 -18.39 52.37 -19.79
N ILE A 691 -17.85 51.32 -19.19
CA ILE A 691 -17.20 51.41 -17.89
C ILE A 691 -15.78 50.88 -18.02
N MET A 692 -14.82 51.63 -17.45
CA MET A 692 -13.41 51.25 -17.46
C MET A 692 -12.95 51.03 -16.02
N LEU A 693 -12.28 49.92 -15.78
CA LEU A 693 -11.76 49.59 -14.46
C LEU A 693 -10.23 49.62 -14.49
N ASN A 694 -9.64 50.24 -13.46
CA ASN A 694 -8.16 50.34 -13.36
C ASN A 694 -7.79 50.40 -11.87
N HIS A 695 -6.61 50.94 -11.56
CA HIS A 695 -6.19 51.11 -10.14
C HIS A 695 -6.27 49.75 -9.44
N PHE A 696 -5.84 48.70 -10.12
CA PHE A 696 -5.93 47.33 -9.56
C PHE A 696 -4.85 47.15 -8.50
N SER A 697 -5.15 46.39 -7.45
CA SER A 697 -4.18 46.17 -6.35
C SER A 697 -3.18 45.07 -6.71
N GLN A 698 -2.18 44.85 -5.86
CA GLN A 698 -1.13 43.83 -6.13
C GLN A 698 -1.81 42.46 -6.28
N ARG A 699 -2.90 42.23 -5.56
CA ARG A 699 -3.55 40.89 -5.61
C ARG A 699 -3.90 40.61 -7.07
N TYR A 700 -4.42 41.61 -7.80
CA TYR A 700 -4.62 41.43 -9.26
C TYR A 700 -3.29 41.79 -9.91
N ALA A 701 -2.25 40.99 -9.66
CA ALA A 701 -0.89 41.33 -10.17
C ALA A 701 -0.87 41.35 -11.69
N LYS A 702 -1.54 40.39 -12.33
CA LYS A 702 -1.42 40.30 -13.80
C LYS A 702 -2.79 40.48 -14.46
N VAL A 703 -3.87 40.11 -13.78
CA VAL A 703 -5.16 40.16 -14.47
C VAL A 703 -6.31 40.32 -13.49
N PRO A 704 -7.28 41.18 -13.78
CA PRO A 704 -8.47 41.30 -12.92
C PRO A 704 -9.34 40.06 -13.01
N LEU A 705 -9.89 39.67 -11.86
CA LEU A 705 -10.78 38.54 -11.80
C LEU A 705 -12.11 38.88 -12.45
N PHE A 706 -12.72 37.91 -13.11
CA PHE A 706 -13.89 38.15 -13.95
C PHE A 706 -15.15 37.74 -13.18
N SER A 707 -15.81 38.72 -12.57
CA SER A 707 -17.03 38.50 -11.84
C SER A 707 -18.19 38.19 -12.79
N PRO A 708 -19.19 37.44 -12.33
CA PRO A 708 -20.35 37.15 -13.20
C PRO A 708 -21.13 38.39 -13.60
N ASN A 709 -20.99 39.50 -12.86
CA ASN A 709 -21.65 40.74 -13.22
C ASN A 709 -21.04 41.40 -14.45
N PHE A 710 -19.92 40.88 -14.95
CA PHE A 710 -19.27 41.46 -16.12
C PHE A 710 -20.19 41.42 -17.33
N SER A 711 -20.69 42.59 -17.72
CA SER A 711 -21.60 42.72 -18.84
C SER A 711 -20.85 43.30 -20.04
N GLU A 712 -21.60 43.62 -21.10
CA GLU A 712 -21.01 44.26 -22.27
C GLU A 712 -20.63 45.72 -22.00
N LYS A 713 -21.06 46.29 -20.88
CA LYS A 713 -20.79 47.68 -20.54
C LYS A 713 -19.60 47.83 -19.63
N VAL A 714 -18.86 46.76 -19.36
CA VAL A 714 -17.70 46.80 -18.47
C VAL A 714 -16.49 46.29 -19.22
N GLY A 715 -15.32 46.70 -18.75
CA GLY A 715 -14.08 46.33 -19.40
C GLY A 715 -12.92 46.48 -18.44
N VAL A 716 -11.80 45.84 -18.78
CA VAL A 716 -10.62 45.84 -17.95
C VAL A 716 -9.49 46.55 -18.69
N ALA A 717 -8.60 47.17 -17.92
CA ALA A 717 -7.53 47.98 -18.49
C ALA A 717 -6.17 47.37 -18.18
N PHE A 718 -5.23 47.60 -19.09
CA PHE A 718 -3.86 47.11 -18.96
C PHE A 718 -2.90 48.23 -19.32
N ASP A 719 -1.63 48.03 -18.96
CA ASP A 719 -0.61 49.01 -19.28
C ASP A 719 -0.38 49.10 -20.79
N HIS A 720 -0.17 50.32 -21.28
CA HIS A 720 0.09 50.57 -22.69
C HIS A 720 -1.02 50.02 -23.58
N MET A 721 -2.26 50.17 -23.13
CA MET A 721 -3.42 49.66 -23.82
C MET A 721 -4.29 50.83 -24.29
N LYS A 722 -4.55 50.89 -25.59
CA LYS A 722 -5.27 52.00 -26.19
C LYS A 722 -6.76 51.68 -26.26
N VAL A 723 -7.58 52.60 -25.75
CA VAL A 723 -9.03 52.47 -25.77
C VAL A 723 -9.61 53.68 -26.48
N CYS A 724 -10.39 53.43 -27.52
CA CYS A 724 -11.11 54.46 -28.25
C CYS A 724 -12.61 54.23 -28.14
N PHE A 725 -13.38 55.28 -28.41
CA PHE A 725 -14.83 55.15 -28.38
C PHE A 725 -15.33 54.18 -29.45
N GLY A 726 -14.57 54.00 -30.52
CA GLY A 726 -14.95 53.06 -31.56
C GLY A 726 -14.58 51.62 -31.25
N ASP A 727 -14.20 51.34 -30.02
CA ASP A 727 -13.83 49.98 -29.62
C ASP A 727 -14.70 49.42 -28.51
N PHE A 728 -15.81 50.09 -28.17
CA PHE A 728 -16.59 49.70 -27.00
C PHE A 728 -17.17 48.28 -27.09
N PRO A 729 -17.89 47.89 -28.15
CA PRO A 729 -18.38 46.50 -28.19
C PRO A 729 -17.29 45.48 -28.40
N THR A 730 -16.11 45.90 -28.87
CA THR A 730 -15.00 44.98 -29.05
C THR A 730 -14.37 44.59 -27.71
N MET A 731 -14.47 45.46 -26.70
CA MET A 731 -13.87 45.16 -25.41
C MET A 731 -14.41 43.89 -24.76
N PRO A 732 -15.73 43.66 -24.68
CA PRO A 732 -16.20 42.37 -24.13
C PRO A 732 -15.73 41.18 -24.94
N LYS A 733 -15.57 41.33 -26.25
CA LYS A 733 -15.11 40.24 -27.09
C LYS A 733 -13.65 39.88 -26.87
N LEU A 734 -12.88 40.76 -26.22
CA LEU A 734 -11.49 40.47 -25.90
C LEU A 734 -11.35 39.58 -24.67
N ILE A 735 -12.43 39.38 -23.92
CA ILE A 735 -12.36 38.59 -22.70
C ILE A 735 -12.04 37.12 -22.97
N PRO A 736 -12.71 36.44 -23.91
CA PRO A 736 -12.42 35.00 -24.11
C PRO A 736 -10.95 34.73 -24.40
N PRO A 737 -10.27 35.55 -25.23
CA PRO A 737 -8.81 35.35 -25.35
C PRO A 737 -8.05 35.62 -24.07
N LEU A 738 -8.62 36.43 -23.17
CA LEU A 738 -7.81 37.00 -22.10
C LEU A 738 -7.45 35.95 -21.05
N LYS A 739 -8.44 35.20 -20.56
CA LYS A 739 -8.13 34.17 -19.56
C LYS A 739 -7.36 33.03 -20.20
N ALA A 740 -7.50 32.87 -21.52
CA ALA A 740 -6.77 31.81 -22.22
C ALA A 740 -5.27 32.00 -22.09
N LEU A 741 -4.79 33.24 -22.25
CA LEU A 741 -3.36 33.49 -22.09
C LEU A 741 -2.97 33.50 -20.62
N PHE A 742 -3.89 33.92 -19.76
CA PHE A 742 -3.60 34.15 -18.35
C PHE A 742 -4.10 32.97 -17.50
N ALA A 743 -4.21 31.80 -18.12
CA ALA A 743 -4.91 30.67 -17.49
C ALA A 743 -4.16 30.19 -16.25
N GLY A 744 -2.84 30.03 -16.34
CA GLY A 744 -2.08 29.63 -15.18
C GLY A 744 -2.16 30.65 -14.06
N ASP A 745 -2.30 31.93 -14.43
CA ASP A 745 -2.42 33.00 -13.45
C ASP A 745 -3.79 32.99 -12.77
N ILE A 746 -4.85 32.71 -13.55
CA ILE A 746 -6.21 32.75 -12.99
C ILE A 746 -6.36 31.73 -11.87
N GLU A 747 -5.84 30.51 -12.08
CA GLU A 747 -5.99 29.46 -11.08
C GLU A 747 -5.31 29.84 -9.78
N GLU A 748 -4.30 30.72 -9.84
CA GLU A 748 -3.66 31.21 -8.64
C GLU A 748 -4.59 32.13 -7.86
N MET A 749 -5.42 32.90 -8.56
CA MET A 749 -6.33 33.82 -7.88
C MET A 749 -7.49 33.08 -7.23
N GLU A 750 -8.02 32.06 -7.92
CA GLU A 750 -9.17 31.34 -7.38
C GLU A 750 -8.78 30.57 -6.12
N GLU A 751 -7.55 30.05 -6.05
CA GLU A 751 -7.13 29.33 -4.86
C GLU A 751 -6.85 30.30 -3.71
N ARG A 752 -6.19 31.43 -4.00
CA ARG A 752 -5.91 32.39 -2.95
C ARG A 752 -7.20 33.04 -2.46
N ARG A 753 -8.21 33.10 -3.33
CA ARG A 753 -9.55 33.48 -2.87
C ARG A 753 -10.13 32.39 -1.98
N GLU A 754 -9.82 31.12 -2.27
CA GLU A 754 -10.27 30.03 -1.44
C GLU A 754 -9.53 29.98 -0.10
N LYS A 755 -8.23 30.29 -0.10
CA LYS A 755 -7.45 30.26 1.14
C LYS A 755 -8.01 31.22 2.18
N ARG A 756 -8.49 32.38 1.75
CA ARG A 756 -9.08 33.33 2.70
C ARG A 756 -10.36 32.77 3.30
N GLU A 757 -11.09 31.94 2.53
CA GLU A 757 -12.29 31.32 3.06
C GLU A 757 -11.96 30.34 4.18
N LEU A 758 -10.88 29.57 4.02
CA LEU A 758 -10.47 28.65 5.07
C LEU A 758 -10.12 29.40 6.35
N ARG A 759 -9.50 30.57 6.21
CA ARG A 759 -9.24 31.42 7.37
C ARG A 759 -10.54 31.88 8.01
N GLN A 760 -11.52 32.27 7.19
CA GLN A 760 -12.82 32.67 7.72
C GLN A 760 -13.53 31.50 8.39
N VAL A 761 -13.45 30.32 7.79
CA VAL A 761 -14.07 29.13 8.37
C VAL A 761 -13.42 28.79 9.71
N ARG A 762 -12.10 28.91 9.78
CA ARG A 762 -11.36 28.63 11.01
C ARG A 762 -11.83 29.51 12.16
N SER B 7 -0.46 -57.83 -13.54
CA SER B 7 0.16 -56.92 -14.51
C SER B 7 -0.87 -56.03 -15.19
N VAL B 8 -0.39 -55.14 -16.05
CA VAL B 8 -1.26 -54.22 -16.78
C VAL B 8 -1.32 -54.53 -18.26
N LYS B 9 -0.36 -55.31 -18.78
CA LYS B 9 -0.32 -55.63 -20.20
C LYS B 9 -1.59 -56.33 -20.64
N GLY B 10 -2.13 -55.90 -21.78
CA GLY B 10 -3.34 -56.47 -22.32
C GLY B 10 -4.63 -55.82 -21.86
N LEU B 11 -4.55 -54.90 -20.90
CA LEU B 11 -5.74 -54.22 -20.41
C LEU B 11 -6.11 -53.05 -21.31
N VAL B 12 -7.40 -52.71 -21.32
CA VAL B 12 -7.91 -51.58 -22.07
C VAL B 12 -8.37 -50.51 -21.09
N ALA B 13 -7.81 -49.31 -21.21
CA ALA B 13 -8.08 -48.22 -20.28
C ALA B 13 -8.73 -47.06 -21.01
N VAL B 14 -9.84 -46.57 -20.47
CA VAL B 14 -10.49 -45.37 -20.98
C VAL B 14 -10.10 -44.20 -20.08
N ILE B 15 -9.37 -43.24 -20.62
CA ILE B 15 -8.86 -42.11 -19.87
C ILE B 15 -9.59 -40.86 -20.32
N THR B 16 -10.32 -40.24 -19.40
CA THR B 16 -11.03 -39.01 -19.69
C THR B 16 -10.09 -37.82 -19.48
N GLY B 17 -10.13 -36.88 -20.41
CA GLY B 17 -9.16 -35.80 -20.39
C GLY B 17 -7.74 -36.27 -20.63
N GLY B 18 -7.55 -37.25 -21.51
CA GLY B 18 -6.26 -37.83 -21.80
C GLY B 18 -5.45 -37.12 -22.84
N ALA B 19 -5.91 -35.97 -23.32
CA ALA B 19 -5.16 -35.20 -24.31
C ALA B 19 -4.08 -34.32 -23.69
N SER B 20 -4.09 -34.13 -22.38
CA SER B 20 -3.12 -33.28 -21.71
C SER B 20 -3.13 -33.57 -20.21
N GLY B 21 -2.10 -33.08 -19.54
CA GLY B 21 -2.06 -33.14 -18.08
C GLY B 21 -1.89 -34.55 -17.56
N LEU B 22 -2.56 -34.82 -16.43
CA LEU B 22 -2.45 -36.11 -15.78
C LEU B 22 -3.00 -37.23 -16.65
N GLY B 23 -4.08 -36.96 -17.38
CA GLY B 23 -4.67 -37.98 -18.22
C GLY B 23 -3.72 -38.45 -19.31
N LEU B 24 -3.00 -37.52 -19.93
CA LEU B 24 -2.05 -37.89 -20.98
C LEU B 24 -0.88 -38.69 -20.41
N ALA B 25 -0.40 -38.33 -19.23
CA ALA B 25 0.71 -39.07 -18.62
C ALA B 25 0.29 -40.49 -18.29
N THR B 26 -0.96 -40.68 -17.86
CA THR B 26 -1.44 -42.03 -17.57
C THR B 26 -1.47 -42.89 -18.83
N ALA B 27 -1.90 -42.30 -19.95
CA ALA B 27 -1.93 -43.05 -21.21
C ALA B 27 -0.53 -43.42 -21.67
N GLU B 28 0.43 -42.51 -21.51
CA GLU B 28 1.80 -42.80 -21.92
C GLU B 28 2.38 -43.96 -21.13
N ARG B 29 2.16 -43.98 -19.82
CA ARG B 29 2.69 -45.06 -18.99
C ARG B 29 1.99 -46.38 -19.30
N LEU B 30 0.66 -46.38 -19.33
CA LEU B 30 -0.08 -47.61 -19.54
C LEU B 30 0.21 -48.21 -20.92
N VAL B 31 0.24 -47.37 -21.95
CA VAL B 31 0.55 -47.86 -23.30
C VAL B 31 1.98 -48.39 -23.33
N GLY B 32 2.91 -47.67 -22.71
CA GLY B 32 4.29 -48.08 -22.65
C GLY B 32 4.48 -49.40 -21.91
N GLN B 33 3.54 -49.75 -21.05
CA GLN B 33 3.58 -51.00 -20.31
C GLN B 33 2.86 -52.13 -21.03
N GLY B 34 2.35 -51.90 -22.23
CA GLY B 34 1.70 -52.92 -23.01
C GLY B 34 0.18 -52.88 -23.00
N ALA B 35 -0.42 -51.88 -22.38
CA ALA B 35 -1.88 -51.76 -22.34
C ALA B 35 -2.38 -50.95 -23.54
N SER B 36 -3.69 -50.95 -23.71
CA SER B 36 -4.36 -50.19 -24.76
C SER B 36 -5.18 -49.09 -24.10
N ALA B 37 -5.09 -47.89 -24.67
CA ALA B 37 -5.71 -46.71 -24.06
C ALA B 37 -6.60 -46.00 -25.07
N VAL B 38 -7.69 -45.43 -24.57
CA VAL B 38 -8.58 -44.59 -25.36
C VAL B 38 -8.63 -43.22 -24.71
N LEU B 39 -8.27 -42.19 -25.48
CA LEU B 39 -8.22 -40.81 -25.00
C LEU B 39 -9.59 -40.18 -25.19
N LEU B 40 -10.27 -39.91 -24.08
CA LEU B 40 -11.58 -39.28 -24.09
C LEU B 40 -11.41 -37.83 -23.69
N ASP B 41 -11.57 -36.91 -24.65
CA ASP B 41 -11.39 -35.50 -24.38
C ASP B 41 -12.15 -34.72 -25.45
N LEU B 42 -12.16 -33.40 -25.30
CA LEU B 42 -12.91 -32.54 -26.21
C LEU B 42 -12.30 -32.54 -27.60
N PRO B 43 -13.11 -32.29 -28.63
CA PRO B 43 -12.57 -32.29 -30.00
C PRO B 43 -11.48 -31.26 -30.23
N ASN B 44 -11.53 -30.12 -29.55
CA ASN B 44 -10.54 -29.07 -29.73
C ASN B 44 -9.35 -29.20 -28.80
N SER B 45 -9.28 -30.28 -28.01
CA SER B 45 -8.18 -30.47 -27.09
C SER B 45 -6.90 -30.95 -27.78
N GLY B 46 -6.98 -31.33 -29.05
CA GLY B 46 -5.81 -31.81 -29.75
C GLY B 46 -5.40 -33.22 -29.38
N GLY B 47 -6.35 -34.06 -28.96
CA GLY B 47 -6.02 -35.42 -28.57
C GLY B 47 -5.72 -36.33 -29.74
N GLU B 48 -6.11 -35.94 -30.95
CA GLU B 48 -5.82 -36.76 -32.13
C GLU B 48 -4.31 -36.87 -32.36
N ALA B 49 -3.59 -35.76 -32.19
CA ALA B 49 -2.14 -35.79 -32.36
C ALA B 49 -1.49 -36.70 -31.31
N GLN B 50 -1.97 -36.62 -30.07
CA GLN B 50 -1.43 -37.46 -29.01
C GLN B 50 -1.71 -38.92 -29.27
N ALA B 51 -2.93 -39.25 -29.73
CA ALA B 51 -3.27 -40.64 -30.00
C ALA B 51 -2.41 -41.24 -31.10
N LYS B 52 -2.13 -40.46 -32.15
CA LYS B 52 -1.24 -40.93 -33.20
C LYS B 52 0.19 -41.11 -32.68
N LYS B 53 0.61 -40.23 -31.76
CA LYS B 53 1.96 -40.31 -31.24
C LYS B 53 2.19 -41.56 -30.41
N LEU B 54 1.15 -42.05 -29.72
CA LEU B 54 1.26 -43.21 -28.86
C LEU B 54 1.17 -44.53 -29.61
N GLY B 55 0.89 -44.51 -30.91
CA GLY B 55 0.95 -45.71 -31.72
C GLY B 55 -0.41 -46.32 -31.97
N ASN B 56 -0.37 -47.58 -32.42
CA ASN B 56 -1.58 -48.30 -32.80
C ASN B 56 -2.41 -48.72 -31.59
N ASN B 57 -1.82 -48.71 -30.40
CA ASN B 57 -2.51 -49.17 -29.19
C ASN B 57 -3.30 -48.06 -28.52
N CYS B 58 -3.29 -46.85 -29.07
CA CYS B 58 -4.01 -45.72 -28.52
C CYS B 58 -4.81 -45.04 -29.61
N VAL B 59 -6.07 -44.72 -29.31
CA VAL B 59 -6.95 -44.01 -30.20
C VAL B 59 -7.53 -42.81 -29.47
N PHE B 60 -8.18 -41.92 -30.22
CA PHE B 60 -8.78 -40.72 -29.66
C PHE B 60 -10.29 -40.78 -29.87
N ALA B 61 -11.04 -40.64 -28.77
CA ALA B 61 -12.49 -40.59 -28.83
C ALA B 61 -12.96 -39.20 -28.45
N PRO B 62 -13.43 -38.39 -29.41
CA PRO B 62 -13.87 -37.03 -29.08
C PRO B 62 -15.24 -37.07 -28.41
N ALA B 63 -15.29 -36.64 -27.15
CA ALA B 63 -16.53 -36.68 -26.38
C ALA B 63 -16.44 -35.69 -25.24
N ASP B 64 -17.60 -35.24 -24.78
CA ASP B 64 -17.70 -34.37 -23.62
C ASP B 64 -18.32 -35.17 -22.48
N VAL B 65 -17.63 -35.20 -21.34
CA VAL B 65 -18.06 -36.06 -20.24
C VAL B 65 -19.41 -35.62 -19.68
N THR B 66 -19.73 -34.33 -19.80
CA THR B 66 -21.00 -33.84 -19.27
C THR B 66 -22.20 -34.27 -20.09
N SER B 67 -21.99 -34.85 -21.26
CA SER B 67 -23.07 -35.30 -22.13
C SER B 67 -23.17 -36.80 -22.08
N GLU B 68 -24.38 -37.31 -21.82
CA GLU B 68 -24.58 -38.75 -21.76
C GLU B 68 -24.35 -39.42 -23.11
N LYS B 69 -24.81 -38.79 -24.20
CA LYS B 69 -24.65 -39.38 -25.52
C LYS B 69 -23.19 -39.41 -25.95
N ASP B 70 -22.43 -38.36 -25.60
CA ASP B 70 -21.03 -38.30 -26.03
C ASP B 70 -20.21 -39.42 -25.42
N VAL B 71 -20.38 -39.68 -24.12
CA VAL B 71 -19.63 -40.75 -23.48
C VAL B 71 -20.05 -42.11 -24.01
N GLN B 72 -21.34 -42.28 -24.33
CA GLN B 72 -21.79 -43.53 -24.93
C GLN B 72 -21.14 -43.77 -26.27
N THR B 73 -20.96 -42.74 -27.08
CA THR B 73 -20.27 -42.89 -28.36
C THR B 73 -18.81 -43.29 -28.13
N ALA B 74 -18.15 -42.67 -27.15
CA ALA B 74 -16.75 -42.97 -26.88
C ALA B 74 -16.58 -44.42 -26.42
N LEU B 75 -17.45 -44.88 -25.53
CA LEU B 75 -17.35 -46.26 -25.03
C LEU B 75 -17.60 -47.27 -26.14
N ALA B 76 -18.56 -47.00 -27.03
CA ALA B 76 -18.76 -47.87 -28.18
C ALA B 76 -17.53 -47.88 -29.07
N LEU B 77 -16.90 -46.71 -29.25
CA LEU B 77 -15.67 -46.66 -30.02
C LEU B 77 -14.57 -47.47 -29.37
N ALA B 78 -14.45 -47.39 -28.04
CA ALA B 78 -13.46 -48.19 -27.32
C ALA B 78 -13.77 -49.67 -27.43
N LYS B 79 -15.05 -50.04 -27.32
CA LYS B 79 -15.42 -51.45 -27.44
C LYS B 79 -15.25 -51.96 -28.86
N GLY B 80 -15.48 -51.10 -29.86
CA GLY B 80 -15.26 -51.50 -31.23
C GLY B 80 -13.80 -51.75 -31.54
N LYS B 81 -12.93 -50.86 -31.08
CA LYS B 81 -11.51 -50.98 -31.41
C LYS B 81 -10.85 -52.13 -30.66
N PHE B 82 -11.11 -52.25 -29.36
CA PHE B 82 -10.37 -53.17 -28.51
C PHE B 82 -11.20 -54.33 -27.96
N GLY B 83 -12.52 -54.31 -28.14
CA GLY B 83 -13.33 -55.45 -27.76
C GLY B 83 -13.86 -55.40 -26.33
N ARG B 84 -13.12 -54.78 -25.44
CA ARG B 84 -13.49 -54.77 -24.03
C ARG B 84 -12.92 -53.54 -23.36
N VAL B 85 -13.46 -53.21 -22.19
CA VAL B 85 -12.98 -52.11 -21.37
C VAL B 85 -12.62 -52.67 -20.00
N ASP B 86 -11.38 -52.43 -19.57
CA ASP B 86 -10.90 -52.96 -18.30
C ASP B 86 -10.66 -51.91 -17.23
N VAL B 87 -10.26 -50.70 -17.61
CA VAL B 87 -9.92 -49.66 -16.66
C VAL B 87 -10.53 -48.34 -17.13
N ALA B 88 -11.09 -47.59 -16.19
CA ALA B 88 -11.60 -46.25 -16.45
C ALA B 88 -10.87 -45.27 -15.54
N VAL B 89 -10.31 -44.22 -16.11
CA VAL B 89 -9.56 -43.22 -15.37
C VAL B 89 -10.18 -41.87 -15.65
N ASN B 90 -10.73 -41.24 -14.62
CA ASN B 90 -11.39 -39.94 -14.75
C ASN B 90 -10.40 -38.85 -14.36
N CYS B 91 -9.89 -38.13 -15.36
CA CYS B 91 -8.97 -37.03 -15.13
C CYS B 91 -9.49 -35.69 -15.64
N ALA B 92 -10.60 -35.67 -16.36
CA ALA B 92 -11.11 -34.42 -16.91
C ALA B 92 -11.66 -33.55 -15.78
N GLY B 93 -11.20 -32.30 -15.75
CA GLY B 93 -11.64 -31.39 -14.71
C GLY B 93 -11.24 -29.97 -15.04
N ILE B 94 -12.03 -29.02 -14.54
CA ILE B 94 -11.77 -27.60 -14.69
C ILE B 94 -11.84 -26.94 -13.31
N ALA B 95 -11.46 -25.66 -13.27
CA ALA B 95 -11.45 -24.92 -12.02
C ALA B 95 -11.66 -23.44 -12.31
N VAL B 96 -12.12 -22.71 -11.29
CA VAL B 96 -12.20 -21.25 -11.33
C VAL B 96 -11.58 -20.71 -10.06
N ALA B 97 -11.18 -19.44 -10.11
CA ALA B 97 -10.64 -18.72 -8.97
C ALA B 97 -11.59 -17.58 -8.66
N SER B 98 -12.50 -17.79 -7.72
CA SER B 98 -13.52 -16.79 -7.39
C SER B 98 -13.94 -16.98 -5.95
N LYS B 99 -13.84 -15.91 -5.16
CA LYS B 99 -14.30 -15.95 -3.78
C LYS B 99 -15.81 -16.10 -3.73
N THR B 100 -16.30 -16.70 -2.64
CA THR B 100 -17.74 -16.81 -2.44
C THR B 100 -18.37 -15.42 -2.34
N TYR B 101 -17.74 -14.52 -1.61
CA TYR B 101 -18.19 -13.13 -1.54
C TYR B 101 -17.01 -12.26 -1.16
N ASN B 102 -16.80 -11.20 -1.92
CA ASN B 102 -15.73 -10.24 -1.68
C ASN B 102 -16.37 -8.95 -1.21
N LEU B 103 -16.36 -8.73 0.12
CA LEU B 103 -17.05 -7.57 0.67
C LEU B 103 -16.42 -6.27 0.21
N LYS B 104 -15.09 -6.23 0.14
CA LYS B 104 -14.40 -5.00 -0.24
C LYS B 104 -14.80 -4.57 -1.66
N LYS B 105 -14.72 -5.49 -2.61
CA LYS B 105 -15.04 -5.19 -4.00
C LYS B 105 -16.52 -5.37 -4.30
N GLY B 106 -17.29 -5.96 -3.39
CA GLY B 106 -18.71 -6.16 -3.61
C GLY B 106 -19.05 -7.13 -4.72
N GLN B 107 -18.25 -8.19 -4.86
CA GLN B 107 -18.50 -9.21 -5.87
C GLN B 107 -18.95 -10.50 -5.21
N THR B 108 -20.01 -11.09 -5.73
CA THR B 108 -20.52 -12.38 -5.28
C THR B 108 -20.19 -13.44 -6.32
N HIS B 109 -19.78 -14.61 -5.84
CA HIS B 109 -19.53 -15.74 -6.74
C HIS B 109 -20.75 -16.01 -7.60
N THR B 110 -20.55 -16.04 -8.91
CA THR B 110 -21.66 -16.24 -9.82
C THR B 110 -22.09 -17.71 -9.81
N LEU B 111 -23.37 -17.94 -10.10
CA LEU B 111 -23.91 -19.29 -10.03
C LEU B 111 -23.46 -20.15 -11.20
N GLU B 112 -23.21 -19.53 -12.36
CA GLU B 112 -22.78 -20.29 -13.53
C GLU B 112 -21.37 -20.87 -13.33
N ASP B 113 -20.48 -20.11 -12.70
CA ASP B 113 -19.14 -20.63 -12.44
C ASP B 113 -19.19 -21.83 -11.52
N PHE B 114 -19.99 -21.77 -10.46
CA PHE B 114 -20.16 -22.92 -9.58
C PHE B 114 -20.80 -24.08 -10.31
N GLN B 115 -21.79 -23.78 -11.16
CA GLN B 115 -22.49 -24.84 -11.88
C GLN B 115 -21.58 -25.54 -12.87
N ARG B 116 -20.83 -24.79 -13.68
CA ARG B 116 -20.02 -25.40 -14.73
C ARG B 116 -18.90 -26.25 -14.15
N VAL B 117 -18.28 -25.81 -13.06
CA VAL B 117 -17.27 -26.63 -12.39
C VAL B 117 -17.89 -27.91 -11.86
N LEU B 118 -19.07 -27.81 -11.24
CA LEU B 118 -19.75 -29.00 -10.75
C LEU B 118 -20.14 -29.92 -11.90
N ASP B 119 -20.57 -29.36 -13.02
CA ASP B 119 -20.96 -30.20 -14.15
C ASP B 119 -19.79 -31.00 -14.70
N VAL B 120 -18.66 -30.35 -14.97
CA VAL B 120 -17.54 -31.05 -15.59
C VAL B 120 -16.86 -31.98 -14.60
N ASN B 121 -16.55 -31.47 -13.40
CA ASN B 121 -15.74 -32.22 -12.45
C ASN B 121 -16.53 -33.33 -11.76
N LEU B 122 -17.79 -33.09 -11.43
CA LEU B 122 -18.52 -34.00 -10.56
C LEU B 122 -19.49 -34.90 -11.31
N MET B 123 -20.45 -34.33 -12.06
CA MET B 123 -21.40 -35.20 -12.73
C MET B 123 -20.76 -35.88 -13.93
N GLY B 124 -19.90 -35.16 -14.66
CA GLY B 124 -19.19 -35.77 -15.76
C GLY B 124 -18.34 -36.95 -15.33
N THR B 125 -17.73 -36.85 -14.15
CA THR B 125 -17.07 -38.03 -13.56
C THR B 125 -18.08 -39.13 -13.28
N PHE B 126 -19.23 -38.78 -12.70
CA PHE B 126 -20.27 -39.78 -12.49
C PHE B 126 -20.92 -40.21 -13.79
N ASN B 127 -20.96 -39.35 -14.79
CA ASN B 127 -21.49 -39.74 -16.10
C ASN B 127 -20.64 -40.83 -16.70
N VAL B 128 -19.32 -40.74 -16.58
CA VAL B 128 -18.45 -41.80 -17.09
C VAL B 128 -18.61 -43.06 -16.27
N ILE B 129 -18.66 -42.93 -14.93
CA ILE B 129 -18.60 -44.10 -14.06
C ILE B 129 -19.78 -45.03 -14.29
N ARG B 130 -20.98 -44.46 -14.38
CA ARG B 130 -22.17 -45.30 -14.56
C ARG B 130 -22.20 -45.93 -15.94
N LEU B 131 -21.68 -45.25 -16.96
CA LEU B 131 -21.72 -45.80 -18.31
C LEU B 131 -20.67 -46.88 -18.51
N VAL B 132 -19.45 -46.66 -18.00
CA VAL B 132 -18.40 -47.63 -18.27
C VAL B 132 -18.58 -48.85 -17.39
N ALA B 133 -19.21 -48.68 -16.22
CA ALA B 133 -19.49 -49.82 -15.37
C ALA B 133 -20.41 -50.82 -16.05
N GLY B 134 -21.31 -50.33 -16.90
CA GLY B 134 -22.06 -51.22 -17.76
C GLY B 134 -21.18 -51.95 -18.74
N GLU B 135 -20.16 -51.27 -19.27
CA GLU B 135 -19.21 -51.93 -20.15
C GLU B 135 -18.36 -52.93 -19.39
N MET B 136 -17.92 -52.57 -18.19
CA MET B 136 -17.23 -53.55 -17.34
C MET B 136 -18.16 -54.67 -16.91
N GLY B 137 -19.46 -54.38 -16.80
CA GLY B 137 -20.41 -55.41 -16.40
C GLY B 137 -20.52 -56.55 -17.40
N GLN B 138 -20.15 -56.32 -18.66
CA GLN B 138 -20.13 -57.38 -19.65
C GLN B 138 -18.89 -58.25 -19.57
N ASN B 139 -17.86 -57.83 -18.86
CA ASN B 139 -16.62 -58.58 -18.80
C ASN B 139 -16.79 -59.84 -17.95
N GLU B 140 -16.10 -60.90 -18.35
CA GLU B 140 -16.07 -62.10 -17.52
C GLU B 140 -15.10 -61.91 -16.36
N PRO B 141 -15.44 -62.39 -15.17
CA PRO B 141 -14.56 -62.21 -14.01
C PRO B 141 -13.23 -62.93 -14.21
N ASP B 142 -12.17 -62.34 -13.66
CA ASP B 142 -10.86 -62.98 -13.64
C ASP B 142 -10.78 -63.97 -12.48
N GLN B 143 -9.57 -64.45 -12.20
CA GLN B 143 -9.41 -65.44 -11.13
C GLN B 143 -9.79 -64.87 -9.77
N GLY B 144 -9.50 -63.59 -9.54
CA GLY B 144 -9.91 -62.97 -8.29
C GLY B 144 -11.36 -62.55 -8.29
N GLY B 145 -12.04 -62.67 -9.42
CA GLY B 145 -13.43 -62.25 -9.52
C GLY B 145 -13.61 -60.78 -9.81
N GLN B 146 -12.68 -60.16 -10.53
CA GLN B 146 -12.69 -58.74 -10.79
C GLN B 146 -13.05 -58.48 -12.26
N ARG B 147 -13.87 -57.45 -12.49
CA ARG B 147 -14.28 -57.06 -13.83
C ARG B 147 -13.65 -55.77 -14.32
N GLY B 148 -13.26 -54.87 -13.43
CA GLY B 148 -12.65 -53.62 -13.86
C GLY B 148 -12.28 -52.76 -12.66
N VAL B 149 -11.51 -51.71 -12.95
CA VAL B 149 -11.08 -50.76 -11.95
C VAL B 149 -11.41 -49.36 -12.45
N ILE B 150 -12.07 -48.57 -11.61
CA ILE B 150 -12.40 -47.18 -11.91
C ILE B 150 -11.60 -46.30 -10.98
N ILE B 151 -10.75 -45.45 -11.55
CA ILE B 151 -9.90 -44.53 -10.80
C ILE B 151 -10.39 -43.11 -11.05
N ASN B 152 -10.76 -42.42 -9.98
CA ASN B 152 -11.21 -41.04 -10.05
C ASN B 152 -10.09 -40.11 -9.61
N THR B 153 -10.28 -38.82 -9.87
CA THR B 153 -9.28 -37.81 -9.55
C THR B 153 -9.93 -36.71 -8.72
N ALA B 154 -9.75 -36.78 -7.41
CA ALA B 154 -10.11 -35.69 -6.52
C ALA B 154 -8.93 -34.74 -6.41
N SER B 155 -8.94 -33.88 -5.40
CA SER B 155 -7.80 -33.00 -5.16
C SER B 155 -7.66 -32.80 -3.66
N VAL B 156 -6.52 -32.24 -3.27
CA VAL B 156 -6.34 -31.85 -1.87
C VAL B 156 -7.32 -30.74 -1.49
N ALA B 157 -7.87 -30.04 -2.47
CA ALA B 157 -8.91 -29.05 -2.19
C ALA B 157 -10.15 -29.68 -1.57
N ALA B 158 -10.37 -30.97 -1.80
CA ALA B 158 -11.49 -31.66 -1.15
C ALA B 158 -11.31 -31.76 0.35
N PHE B 159 -10.09 -31.55 0.86
CA PHE B 159 -9.80 -31.59 2.28
C PHE B 159 -9.39 -30.25 2.85
N GLU B 160 -8.47 -29.54 2.19
CA GLU B 160 -8.07 -28.19 2.58
C GLU B 160 -8.13 -27.30 1.34
N GLY B 161 -9.31 -26.76 1.07
CA GLY B 161 -9.46 -25.86 -0.07
C GLY B 161 -8.89 -24.49 0.23
N GLN B 162 -8.41 -23.81 -0.80
CA GLN B 162 -7.85 -22.48 -0.64
C GLN B 162 -8.94 -21.42 -0.75
N VAL B 163 -8.52 -20.17 -0.59
CA VAL B 163 -9.43 -19.05 -0.78
C VAL B 163 -9.75 -18.92 -2.26
N GLY B 164 -11.05 -18.81 -2.57
CA GLY B 164 -11.47 -18.76 -3.95
C GLY B 164 -11.56 -20.11 -4.63
N GLN B 165 -11.52 -21.21 -3.88
CA GLN B 165 -11.58 -22.55 -4.42
C GLN B 165 -12.87 -23.27 -4.04
N ALA B 166 -13.92 -22.54 -3.68
CA ALA B 166 -15.15 -23.15 -3.21
C ALA B 166 -15.80 -24.03 -4.27
N ALA B 167 -15.87 -23.54 -5.51
CA ALA B 167 -16.46 -24.32 -6.58
C ALA B 167 -15.63 -25.57 -6.89
N TYR B 168 -14.30 -25.42 -6.93
CA TYR B 168 -13.43 -26.57 -7.18
C TYR B 168 -13.52 -27.58 -6.04
N SER B 169 -13.53 -27.10 -4.80
CA SER B 169 -13.54 -28.02 -3.66
C SER B 169 -14.87 -28.74 -3.54
N ALA B 170 -15.98 -28.10 -3.89
CA ALA B 170 -17.27 -28.76 -3.81
C ALA B 170 -17.35 -29.94 -4.77
N SER B 171 -16.85 -29.76 -5.99
CA SER B 171 -16.91 -30.83 -6.98
C SER B 171 -15.99 -31.98 -6.60
N LYS B 172 -14.74 -31.66 -6.27
CA LYS B 172 -13.80 -32.71 -5.87
C LYS B 172 -14.20 -33.35 -4.55
N GLY B 173 -14.76 -32.55 -3.65
CA GLY B 173 -15.28 -33.09 -2.40
C GLY B 173 -16.38 -34.09 -2.65
N GLY B 174 -17.18 -33.85 -3.68
CA GLY B 174 -18.23 -34.80 -4.03
C GLY B 174 -17.69 -36.13 -4.51
N ILE B 175 -16.57 -36.12 -5.24
CA ILE B 175 -15.97 -37.36 -5.71
C ILE B 175 -15.49 -38.20 -4.54
N VAL B 176 -14.88 -37.54 -3.54
CA VAL B 176 -14.45 -38.24 -2.34
C VAL B 176 -15.66 -38.83 -1.61
N GLY B 177 -16.74 -38.07 -1.52
CA GLY B 177 -17.90 -38.54 -0.79
C GLY B 177 -18.55 -39.76 -1.41
N MET B 178 -18.58 -39.82 -2.74
CA MET B 178 -19.25 -40.92 -3.44
C MET B 178 -18.31 -42.07 -3.79
N THR B 179 -17.03 -41.98 -3.43
CA THR B 179 -16.09 -43.05 -3.75
C THR B 179 -16.48 -44.35 -3.08
N LEU B 180 -16.66 -44.31 -1.75
CA LEU B 180 -17.05 -45.53 -1.04
C LEU B 180 -18.44 -46.02 -1.41
N PRO B 181 -19.48 -45.19 -1.47
CA PRO B 181 -20.80 -45.70 -1.87
C PRO B 181 -20.81 -46.36 -3.24
N ILE B 182 -20.06 -45.83 -4.20
CA ILE B 182 -20.00 -46.45 -5.52
C ILE B 182 -19.24 -47.77 -5.44
N ALA B 183 -18.17 -47.81 -4.63
CA ALA B 183 -17.44 -49.05 -4.45
C ALA B 183 -18.34 -50.14 -3.86
N ARG B 184 -19.17 -49.77 -2.89
CA ARG B 184 -20.16 -50.70 -2.36
C ARG B 184 -21.21 -51.07 -3.39
N ASP B 185 -21.61 -50.10 -4.22
CA ASP B 185 -22.60 -50.38 -5.25
C ASP B 185 -22.11 -51.41 -6.24
N LEU B 186 -20.86 -51.30 -6.67
CA LEU B 186 -20.28 -52.18 -7.68
C LEU B 186 -19.53 -53.36 -7.09
N ALA B 187 -19.47 -53.48 -5.77
CA ALA B 187 -18.82 -54.64 -5.16
C ALA B 187 -19.45 -55.96 -5.57
N PRO B 188 -20.80 -56.11 -5.67
CA PRO B 188 -21.36 -57.37 -6.16
C PRO B 188 -20.80 -57.84 -7.49
N ILE B 189 -20.53 -56.90 -8.40
CA ILE B 189 -20.09 -57.25 -9.75
C ILE B 189 -18.58 -57.14 -9.91
N GLY B 190 -17.83 -57.08 -8.80
CA GLY B 190 -16.39 -57.13 -8.87
C GLY B 190 -15.73 -55.97 -9.59
N ILE B 191 -16.14 -54.74 -9.30
CA ILE B 191 -15.52 -53.55 -9.85
C ILE B 191 -14.96 -52.71 -8.71
N ARG B 192 -13.68 -52.38 -8.79
CA ARG B 192 -13.05 -51.57 -7.77
C ARG B 192 -13.10 -50.10 -8.14
N VAL B 193 -13.46 -49.25 -7.18
CA VAL B 193 -13.51 -47.81 -7.36
C VAL B 193 -12.53 -47.17 -6.40
N MET B 194 -11.52 -46.51 -6.95
CA MET B 194 -10.50 -45.85 -6.16
C MET B 194 -10.39 -44.40 -6.60
N THR B 195 -9.96 -43.55 -5.67
CA THR B 195 -9.84 -42.12 -5.93
C THR B 195 -8.45 -41.65 -5.56
N ILE B 196 -7.85 -40.85 -6.42
CA ILE B 196 -6.55 -40.24 -6.17
C ILE B 196 -6.77 -38.75 -5.97
N ALA B 197 -6.14 -38.20 -4.92
CA ALA B 197 -6.24 -36.78 -4.60
C ALA B 197 -4.87 -36.14 -4.79
N PRO B 198 -4.48 -35.83 -6.02
CA PRO B 198 -3.16 -35.22 -6.25
C PRO B 198 -3.09 -33.81 -5.67
N GLY B 199 -1.90 -33.44 -5.23
CA GLY B 199 -1.66 -32.10 -4.75
C GLY B 199 -1.32 -31.15 -5.88
N LEU B 200 -0.26 -30.36 -5.70
CA LEU B 200 0.20 -29.45 -6.75
C LEU B 200 0.96 -30.24 -7.80
N PHE B 201 0.49 -30.19 -9.05
CA PHE B 201 1.10 -30.91 -10.14
C PHE B 201 1.35 -29.98 -11.32
N GLY B 202 2.36 -30.33 -12.11
CA GLY B 202 2.74 -29.52 -13.25
C GLY B 202 1.74 -29.60 -14.40
N THR B 203 0.50 -29.23 -14.11
CA THR B 203 -0.60 -29.27 -15.05
C THR B 203 -1.01 -27.85 -15.44
N PRO B 204 -1.63 -27.68 -16.61
CA PRO B 204 -2.06 -26.33 -17.01
C PRO B 204 -3.06 -25.70 -16.06
N LEU B 205 -3.79 -26.50 -15.27
CA LEU B 205 -4.73 -25.95 -14.32
C LEU B 205 -4.03 -25.09 -13.28
N LEU B 206 -2.89 -25.54 -12.77
CA LEU B 206 -2.09 -24.76 -11.84
C LEU B 206 -1.11 -23.83 -12.55
N THR B 207 -0.72 -24.17 -13.78
CA THR B 207 0.18 -23.32 -14.55
C THR B 207 -0.44 -21.96 -14.85
N SER B 208 -1.76 -21.87 -14.94
CA SER B 208 -2.42 -20.61 -15.21
C SER B 208 -2.17 -19.58 -14.12
N LEU B 209 -1.76 -20.03 -12.93
CA LEU B 209 -1.40 -19.10 -11.86
C LEU B 209 -0.13 -18.35 -12.23
N PRO B 210 0.08 -17.18 -11.64
CA PRO B 210 1.31 -16.42 -11.91
C PRO B 210 2.54 -17.23 -11.55
N GLU B 211 3.61 -17.01 -12.33
CA GLU B 211 4.81 -17.83 -12.18
C GLU B 211 5.42 -17.71 -10.79
N LYS B 212 5.28 -16.54 -10.15
CA LYS B 212 5.83 -16.38 -8.82
C LYS B 212 4.97 -17.08 -7.78
N VAL B 213 3.66 -17.17 -8.01
CA VAL B 213 2.80 -17.94 -7.12
C VAL B 213 3.11 -19.43 -7.24
N CYS B 214 3.33 -19.90 -8.47
CA CYS B 214 3.68 -21.31 -8.67
C CYS B 214 5.01 -21.65 -8.00
N ASN B 215 5.99 -20.75 -8.09
CA ASN B 215 7.28 -21.00 -7.47
C ASN B 215 7.16 -21.11 -5.96
N PHE B 216 6.37 -20.21 -5.35
CA PHE B 216 6.19 -20.26 -3.90
C PHE B 216 5.49 -21.55 -3.48
N LEU B 217 4.44 -21.94 -4.21
CA LEU B 217 3.70 -23.14 -3.87
C LEU B 217 4.58 -24.39 -4.00
N ALA B 218 5.43 -24.43 -5.03
CA ALA B 218 6.32 -25.57 -5.20
C ALA B 218 7.30 -25.68 -4.05
N SER B 219 7.84 -24.55 -3.58
CA SER B 219 8.77 -24.58 -2.46
C SER B 219 8.11 -24.93 -1.14
N GLN B 220 6.79 -24.83 -1.06
CA GLN B 220 6.09 -25.11 0.19
C GLN B 220 5.82 -26.60 0.41
N VAL B 221 5.98 -27.43 -0.62
CA VAL B 221 5.83 -28.86 -0.48
C VAL B 221 6.99 -29.35 0.39
N PRO B 222 6.71 -30.03 1.51
CA PRO B 222 7.79 -30.44 2.42
C PRO B 222 8.86 -31.27 1.72
N PHE B 223 8.46 -32.39 1.13
CA PHE B 223 9.40 -33.19 0.34
C PHE B 223 8.64 -34.11 -0.61
N PRO B 224 8.99 -34.11 -1.90
CA PRO B 224 10.02 -33.29 -2.54
C PRO B 224 9.54 -31.87 -2.77
N SER B 225 10.41 -30.87 -2.61
CA SER B 225 10.01 -29.47 -2.72
C SER B 225 9.95 -29.04 -4.18
N ARG B 226 8.98 -29.63 -4.89
CA ARG B 226 8.77 -29.33 -6.30
C ARG B 226 7.34 -29.68 -6.66
N LEU B 227 6.87 -29.15 -7.80
CA LEU B 227 5.57 -29.52 -8.31
C LEU B 227 5.54 -30.99 -8.68
N GLY B 228 4.38 -31.61 -8.45
CA GLY B 228 4.24 -33.02 -8.79
C GLY B 228 4.36 -33.24 -10.29
N ASP B 229 5.28 -34.11 -10.67
CA ASP B 229 5.42 -34.45 -12.08
C ASP B 229 4.31 -35.41 -12.49
N PRO B 230 3.67 -35.20 -13.64
CA PRO B 230 2.50 -36.04 -13.99
C PRO B 230 2.80 -37.51 -14.11
N ALA B 231 4.04 -37.90 -14.45
CA ALA B 231 4.36 -39.32 -14.58
C ALA B 231 4.30 -40.02 -13.24
N GLU B 232 4.49 -39.28 -12.15
CA GLU B 232 4.32 -39.86 -10.82
C GLU B 232 2.85 -40.11 -10.49
N TYR B 233 1.95 -39.32 -11.05
CA TYR B 233 0.53 -39.64 -10.96
C TYR B 233 0.21 -40.92 -11.72
N ALA B 234 0.81 -41.08 -12.90
CA ALA B 234 0.58 -42.28 -13.69
C ALA B 234 1.10 -43.53 -12.99
N HIS B 235 2.21 -43.39 -12.25
CA HIS B 235 2.74 -44.53 -11.52
C HIS B 235 1.77 -45.00 -10.45
N LEU B 236 1.15 -44.06 -9.73
CA LEU B 236 0.18 -44.45 -8.71
C LEU B 236 -1.04 -45.12 -9.32
N VAL B 237 -1.46 -44.67 -10.51
CA VAL B 237 -2.59 -45.29 -11.18
C VAL B 237 -2.27 -46.75 -11.50
N GLN B 238 -1.06 -47.01 -12.00
CA GLN B 238 -0.66 -48.38 -12.30
C GLN B 238 -0.63 -49.22 -11.03
N ALA B 239 -0.19 -48.64 -9.91
CA ALA B 239 -0.17 -49.37 -8.66
C ALA B 239 -1.58 -49.75 -8.20
N ILE B 240 -2.53 -48.85 -8.36
CA ILE B 240 -3.91 -49.15 -8.00
C ILE B 240 -4.48 -50.23 -8.92
N ILE B 241 -4.16 -50.18 -10.21
CA ILE B 241 -4.65 -51.18 -11.15
C ILE B 241 -4.13 -52.56 -10.79
N GLU B 242 -2.87 -52.65 -10.39
CA GLU B 242 -2.22 -53.94 -10.14
C GLU B 242 -2.48 -54.49 -8.75
N ASN B 243 -3.00 -53.67 -7.83
CA ASN B 243 -3.22 -54.13 -6.46
C ASN B 243 -4.67 -54.52 -6.29
N PRO B 244 -4.99 -55.81 -6.14
CA PRO B 244 -6.40 -56.23 -6.07
C PRO B 244 -7.13 -55.80 -4.81
N PHE B 245 -6.43 -55.45 -3.74
CA PHE B 245 -7.10 -55.16 -2.48
C PHE B 245 -7.32 -53.68 -2.24
N LEU B 246 -6.99 -52.81 -3.18
CA LEU B 246 -7.20 -51.38 -3.04
C LEU B 246 -8.58 -51.03 -3.58
N ASN B 247 -9.48 -50.61 -2.69
CA ASN B 247 -10.86 -50.34 -3.09
C ASN B 247 -11.47 -49.34 -2.13
N GLY B 248 -12.22 -48.39 -2.67
CA GLY B 248 -12.99 -47.47 -1.85
C GLY B 248 -12.18 -46.53 -1.00
N GLU B 249 -10.96 -46.20 -1.40
CA GLU B 249 -10.08 -45.35 -0.61
C GLU B 249 -9.60 -44.18 -1.46
N VAL B 250 -9.39 -43.05 -0.79
CA VAL B 250 -8.83 -41.85 -1.41
C VAL B 250 -7.36 -41.76 -1.02
N ILE B 251 -6.48 -41.73 -2.00
CA ILE B 251 -5.04 -41.68 -1.77
C ILE B 251 -4.54 -40.28 -2.11
N ARG B 252 -3.97 -39.61 -1.12
CA ARG B 252 -3.45 -38.27 -1.33
C ARG B 252 -2.03 -38.35 -1.89
N LEU B 253 -1.80 -37.71 -3.02
CA LEU B 253 -0.50 -37.67 -3.68
C LEU B 253 -0.11 -36.19 -3.75
N ASP B 254 0.44 -35.69 -2.63
CA ASP B 254 0.66 -34.26 -2.50
C ASP B 254 2.03 -33.92 -1.90
N GLY B 255 2.80 -34.94 -1.55
CA GLY B 255 4.08 -34.71 -0.93
C GLY B 255 3.96 -34.08 0.44
N ALA B 256 2.93 -34.47 1.19
CA ALA B 256 2.73 -34.05 2.58
C ALA B 256 2.48 -32.55 2.71
N ILE B 257 1.96 -31.92 1.67
CA ILE B 257 1.61 -30.50 1.75
C ILE B 257 0.21 -30.36 2.32
N ARG B 258 0.02 -29.32 3.14
CA ARG B 258 -1.30 -28.92 3.61
C ARG B 258 -1.50 -27.46 3.26
N MET B 259 -2.54 -27.16 2.50
CA MET B 259 -2.71 -25.84 1.92
C MET B 259 -3.26 -24.86 2.95
N GLN B 260 -2.53 -23.78 3.18
CA GLN B 260 -2.98 -22.66 4.00
C GLN B 260 -3.93 -21.80 3.16
N PRO B 261 -4.74 -20.92 3.78
CA PRO B 261 -5.64 -20.15 2.93
C PRO B 261 -4.93 -19.13 2.07
N SER C 7 -26.17 -14.76 23.64
CA SER C 7 -27.20 -15.75 23.35
C SER C 7 -27.81 -15.52 21.97
N VAL C 8 -28.87 -16.26 21.67
CA VAL C 8 -29.54 -16.17 20.37
C VAL C 8 -30.72 -15.21 20.40
N LYS C 9 -31.02 -14.61 21.54
CA LYS C 9 -32.16 -13.69 21.61
C LYS C 9 -31.87 -12.45 20.77
N GLY C 10 -32.84 -12.08 19.93
CA GLY C 10 -32.68 -10.97 19.01
C GLY C 10 -32.04 -11.33 17.69
N LEU C 11 -31.47 -12.52 17.55
CA LEU C 11 -30.87 -12.92 16.29
C LEU C 11 -31.95 -13.23 15.27
N VAL C 12 -31.64 -12.95 14.00
CA VAL C 12 -32.51 -13.27 12.88
C VAL C 12 -31.90 -14.41 12.10
N ALA C 13 -32.66 -15.49 11.94
CA ALA C 13 -32.15 -16.70 11.30
C ALA C 13 -33.02 -17.04 10.09
N VAL C 14 -32.37 -17.34 8.98
CA VAL C 14 -33.06 -17.82 7.78
C VAL C 14 -32.80 -19.31 7.64
N ILE C 15 -33.85 -20.10 7.82
CA ILE C 15 -33.75 -21.56 7.80
C ILE C 15 -34.36 -22.05 6.49
N THR C 16 -33.52 -22.52 5.58
CA THR C 16 -34.02 -23.13 4.35
C THR C 16 -34.59 -24.50 4.65
N GLY C 17 -35.65 -24.85 3.94
CA GLY C 17 -36.36 -26.08 4.24
C GLY C 17 -36.94 -26.12 5.63
N GLY C 18 -37.42 -24.98 6.14
CA GLY C 18 -37.94 -24.89 7.48
C GLY C 18 -39.40 -25.25 7.64
N ALA C 19 -40.06 -25.68 6.58
CA ALA C 19 -41.47 -26.08 6.70
C ALA C 19 -41.63 -27.48 7.25
N SER C 20 -40.57 -28.29 7.27
CA SER C 20 -40.68 -29.65 7.76
C SER C 20 -39.30 -30.17 8.13
N GLY C 21 -39.28 -31.26 8.88
CA GLY C 21 -38.06 -31.96 9.22
C GLY C 21 -37.12 -31.19 10.13
N LEU C 22 -35.82 -31.26 9.83
CA LEU C 22 -34.82 -30.61 10.67
C LEU C 22 -35.00 -29.10 10.68
N GLY C 23 -35.36 -28.52 9.54
CA GLY C 23 -35.50 -27.07 9.46
C GLY C 23 -36.59 -26.55 10.38
N LEU C 24 -37.74 -27.23 10.41
CA LEU C 24 -38.83 -26.80 11.28
C LEU C 24 -38.44 -26.90 12.75
N ALA C 25 -37.74 -27.97 13.13
CA ALA C 25 -37.31 -28.13 14.52
C ALA C 25 -36.34 -27.02 14.92
N THR C 26 -35.46 -26.62 14.00
CA THR C 26 -34.55 -25.53 14.29
C THR C 26 -35.30 -24.23 14.53
N ALA C 27 -36.32 -23.96 13.72
CA ALA C 27 -37.10 -22.74 13.88
C ALA C 27 -37.87 -22.71 15.20
N GLU C 28 -38.44 -23.85 15.61
CA GLU C 28 -39.16 -23.89 16.87
C GLU C 28 -38.26 -23.58 18.05
N ARG C 29 -37.04 -24.13 18.05
CA ARG C 29 -36.11 -23.87 19.15
C ARG C 29 -35.64 -22.43 19.15
N LEU C 30 -35.24 -21.92 17.98
CA LEU C 30 -34.72 -20.56 17.90
C LEU C 30 -35.78 -19.53 18.26
N VAL C 31 -36.99 -19.70 17.70
CA VAL C 31 -38.08 -18.79 18.04
C VAL C 31 -38.45 -18.93 19.51
N GLY C 32 -38.48 -20.16 20.00
CA GLY C 32 -38.80 -20.38 21.41
C GLY C 32 -37.76 -19.77 22.34
N GLN C 33 -36.53 -19.60 21.85
CA GLN C 33 -35.46 -18.99 22.63
C GLN C 33 -35.42 -17.48 22.48
N GLY C 34 -36.35 -16.89 21.73
CA GLY C 34 -36.42 -15.45 21.58
C GLY C 34 -35.87 -14.90 20.29
N ALA C 35 -35.44 -15.75 19.36
CA ALA C 35 -34.95 -15.28 18.08
C ALA C 35 -36.09 -15.16 17.07
N SER C 36 -35.76 -14.64 15.88
CA SER C 36 -36.71 -14.52 14.79
C SER C 36 -36.24 -15.35 13.62
N ALA C 37 -37.18 -16.08 13.01
CA ALA C 37 -36.87 -17.06 11.99
C ALA C 37 -37.62 -16.76 10.71
N VAL C 38 -36.95 -16.93 9.58
CA VAL C 38 -37.55 -16.78 8.26
C VAL C 38 -37.55 -18.15 7.61
N LEU C 39 -38.73 -18.74 7.47
CA LEU C 39 -38.84 -20.07 6.87
C LEU C 39 -38.79 -19.94 5.35
N LEU C 40 -37.72 -20.45 4.76
CA LEU C 40 -37.52 -20.44 3.31
C LEU C 40 -37.74 -21.85 2.80
N ASP C 41 -38.81 -22.06 2.03
CA ASP C 41 -39.12 -23.39 1.53
C ASP C 41 -39.99 -23.26 0.28
N LEU C 42 -40.36 -24.40 -0.26
CA LEU C 42 -41.16 -24.46 -1.47
C LEU C 42 -42.58 -23.93 -1.22
N PRO C 43 -43.22 -23.39 -2.25
CA PRO C 43 -44.59 -22.88 -2.07
C PRO C 43 -45.59 -23.93 -1.60
N ASN C 44 -45.41 -25.18 -2.02
CA ASN C 44 -46.33 -26.25 -1.66
C ASN C 44 -45.92 -26.98 -0.40
N SER C 45 -44.84 -26.56 0.27
CA SER C 45 -44.37 -27.25 1.46
C SER C 45 -45.27 -26.99 2.67
N GLY C 46 -46.18 -26.04 2.58
CA GLY C 46 -47.03 -25.71 3.71
C GLY C 46 -46.34 -24.93 4.81
N GLY C 47 -45.34 -24.12 4.45
CA GLY C 47 -44.63 -23.36 5.46
C GLY C 47 -45.46 -22.25 6.07
N GLU C 48 -46.48 -21.79 5.33
CA GLU C 48 -47.34 -20.73 5.85
C GLU C 48 -48.07 -21.18 7.11
N ALA C 49 -48.54 -22.43 7.13
CA ALA C 49 -49.19 -22.95 8.33
C ALA C 49 -48.20 -23.04 9.49
N GLN C 50 -46.97 -23.45 9.22
CA GLN C 50 -45.96 -23.53 10.27
C GLN C 50 -45.57 -22.15 10.77
N ALA C 51 -45.47 -21.17 9.86
CA ALA C 51 -45.09 -19.82 10.27
C ALA C 51 -46.17 -19.17 11.14
N LYS C 52 -47.44 -19.46 10.85
CA LYS C 52 -48.51 -18.91 11.68
C LYS C 52 -48.49 -19.52 13.08
N LYS C 53 -48.17 -20.81 13.17
CA LYS C 53 -48.12 -21.47 14.47
C LYS C 53 -47.00 -20.93 15.35
N LEU C 54 -45.91 -20.48 14.75
CA LEU C 54 -44.74 -20.03 15.49
C LEU C 54 -44.84 -18.58 15.94
N GLY C 55 -45.92 -17.88 15.60
CA GLY C 55 -46.12 -16.53 16.07
C GLY C 55 -45.65 -15.47 15.09
N ASN C 56 -45.64 -14.23 15.57
CA ASN C 56 -45.27 -13.09 14.74
C ASN C 56 -43.77 -12.95 14.54
N ASN C 57 -42.97 -13.70 15.29
CA ASN C 57 -41.52 -13.66 15.14
C ASN C 57 -41.03 -14.59 14.03
N CYS C 58 -41.94 -15.30 13.37
CA CYS C 58 -41.58 -16.22 12.30
C CYS C 58 -42.41 -15.90 11.07
N VAL C 59 -41.74 -15.79 9.92
CA VAL C 59 -42.40 -15.44 8.67
C VAL C 59 -41.98 -16.45 7.61
N PHE C 60 -42.89 -16.75 6.69
CA PHE C 60 -42.67 -17.72 5.64
C PHE C 60 -42.35 -16.99 4.35
N ALA C 61 -41.23 -17.36 3.73
CA ALA C 61 -40.80 -16.78 2.45
C ALA C 61 -40.72 -17.88 1.41
N PRO C 62 -41.71 -18.02 0.53
CA PRO C 62 -41.71 -19.13 -0.44
C PRO C 62 -40.67 -18.89 -1.53
N ALA C 63 -39.72 -19.82 -1.64
CA ALA C 63 -38.63 -19.67 -2.59
C ALA C 63 -38.04 -21.04 -2.88
N ASP C 64 -37.53 -21.20 -4.10
CA ASP C 64 -36.82 -22.42 -4.50
C ASP C 64 -35.32 -22.13 -4.43
N VAL C 65 -34.61 -22.88 -3.59
CA VAL C 65 -33.18 -22.61 -3.38
C VAL C 65 -32.37 -22.81 -4.65
N THR C 66 -32.86 -23.60 -5.61
CA THR C 66 -32.13 -23.82 -6.85
C THR C 66 -32.12 -22.60 -7.75
N SER C 67 -32.99 -21.62 -7.51
CA SER C 67 -33.09 -20.43 -8.35
C SER C 67 -32.57 -19.22 -7.60
N GLU C 68 -31.71 -18.45 -8.27
CA GLU C 68 -31.14 -17.26 -7.64
C GLU C 68 -32.19 -16.18 -7.44
N LYS C 69 -33.17 -16.10 -8.33
CA LYS C 69 -34.21 -15.09 -8.22
C LYS C 69 -35.04 -15.28 -6.94
N ASP C 70 -35.49 -16.51 -6.70
CA ASP C 70 -36.36 -16.75 -5.54
C ASP C 70 -35.63 -16.49 -4.23
N VAL C 71 -34.36 -16.87 -4.15
CA VAL C 71 -33.61 -16.64 -2.91
C VAL C 71 -33.40 -15.15 -2.68
N GLN C 72 -33.16 -14.38 -3.75
CA GLN C 72 -32.98 -12.94 -3.59
C GLN C 72 -34.24 -12.28 -3.05
N THR C 73 -35.40 -12.66 -3.57
CA THR C 73 -36.65 -12.11 -3.06
C THR C 73 -36.92 -12.57 -1.64
N ALA C 74 -36.59 -13.82 -1.34
CA ALA C 74 -36.79 -14.34 0.02
C ALA C 74 -35.93 -13.59 1.02
N LEU C 75 -34.67 -13.32 0.69
CA LEU C 75 -33.82 -12.54 1.58
C LEU C 75 -34.24 -11.07 1.63
N ALA C 76 -34.84 -10.55 0.57
CA ALA C 76 -35.41 -9.21 0.63
C ALA C 76 -36.59 -9.16 1.58
N LEU C 77 -37.36 -10.25 1.65
CA LEU C 77 -38.45 -10.33 2.61
C LEU C 77 -37.91 -10.45 4.03
N ALA C 78 -36.83 -11.20 4.23
CA ALA C 78 -36.23 -11.30 5.55
C ALA C 78 -35.67 -9.95 6.02
N LYS C 79 -35.05 -9.21 5.11
CA LYS C 79 -34.58 -7.87 5.44
C LYS C 79 -35.74 -6.93 5.74
N GLY C 80 -36.84 -7.03 5.00
CA GLY C 80 -37.96 -6.15 5.24
C GLY C 80 -38.62 -6.38 6.58
N LYS C 81 -38.82 -7.65 6.95
CA LYS C 81 -39.57 -7.95 8.17
C LYS C 81 -38.76 -7.72 9.43
N PHE C 82 -37.47 -8.07 9.42
CA PHE C 82 -36.66 -8.02 10.62
C PHE C 82 -35.49 -7.06 10.56
N GLY C 83 -35.12 -6.56 9.38
CA GLY C 83 -34.12 -5.52 9.25
C GLY C 83 -32.70 -5.99 9.11
N ARG C 84 -32.43 -7.28 9.32
CA ARG C 84 -31.07 -7.80 9.28
C ARG C 84 -31.11 -9.32 9.24
N VAL C 85 -30.02 -9.92 8.79
CA VAL C 85 -29.86 -11.36 8.77
C VAL C 85 -28.61 -11.71 9.58
N ASP C 86 -28.75 -12.64 10.52
CA ASP C 86 -27.66 -13.02 11.40
C ASP C 86 -27.25 -14.48 11.26
N VAL C 87 -28.18 -15.38 10.98
CA VAL C 87 -27.90 -16.80 10.92
C VAL C 87 -28.54 -17.38 9.66
N ALA C 88 -27.82 -18.27 8.99
CA ALA C 88 -28.36 -19.03 7.87
C ALA C 88 -28.20 -20.51 8.16
N VAL C 89 -29.32 -21.24 8.14
CA VAL C 89 -29.35 -22.66 8.44
C VAL C 89 -29.85 -23.37 7.18
N ASN C 90 -28.96 -24.09 6.51
CA ASN C 90 -29.30 -24.78 5.26
C ASN C 90 -29.78 -26.19 5.60
N CYS C 91 -31.08 -26.34 5.78
CA CYS C 91 -31.69 -27.64 6.03
C CYS C 91 -32.45 -28.19 4.83
N ALA C 92 -32.51 -27.44 3.73
CA ALA C 92 -33.23 -27.91 2.56
C ALA C 92 -32.47 -29.05 1.89
N GLY C 93 -33.18 -30.12 1.55
CA GLY C 93 -32.55 -31.25 0.91
C GLY C 93 -33.50 -32.32 0.43
N ILE C 94 -33.10 -33.04 -0.61
CA ILE C 94 -33.83 -34.18 -1.13
C ILE C 94 -32.87 -35.37 -1.20
N ALA C 95 -33.43 -36.54 -1.48
CA ALA C 95 -32.64 -37.76 -1.58
C ALA C 95 -33.22 -38.65 -2.66
N VAL C 96 -32.35 -39.51 -3.21
CA VAL C 96 -32.74 -40.50 -4.20
C VAL C 96 -32.01 -41.80 -3.89
N ALA C 97 -32.77 -42.89 -3.89
CA ALA C 97 -32.23 -44.23 -3.63
C ALA C 97 -32.21 -44.98 -4.94
N SER C 98 -31.04 -45.04 -5.58
CA SER C 98 -30.89 -45.73 -6.84
C SER C 98 -29.45 -46.22 -6.97
N LYS C 99 -29.28 -47.48 -7.34
CA LYS C 99 -27.95 -48.02 -7.52
C LYS C 99 -27.28 -47.41 -8.74
N THR C 100 -25.95 -47.32 -8.70
CA THR C 100 -25.21 -46.80 -9.84
C THR C 100 -25.40 -47.67 -11.06
N TYR C 101 -25.31 -48.99 -10.90
CA TYR C 101 -25.52 -49.92 -11.99
C TYR C 101 -25.87 -51.30 -11.45
N ASN C 102 -26.94 -51.90 -11.98
CA ASN C 102 -27.43 -53.20 -11.55
C ASN C 102 -27.25 -54.18 -12.70
N LEU C 103 -26.26 -55.07 -12.58
CA LEU C 103 -25.99 -56.02 -13.66
C LEU C 103 -27.10 -57.05 -13.79
N LYS C 104 -27.68 -57.49 -12.67
CA LYS C 104 -28.76 -58.47 -12.73
C LYS C 104 -30.00 -57.90 -13.41
N LYS C 105 -30.19 -56.58 -13.35
CA LYS C 105 -31.35 -55.93 -13.93
C LYS C 105 -31.03 -55.09 -15.15
N GLY C 106 -29.75 -54.83 -15.43
CA GLY C 106 -29.37 -53.97 -16.53
C GLY C 106 -29.89 -52.56 -16.38
N GLN C 107 -29.88 -52.06 -15.14
CA GLN C 107 -30.40 -50.75 -14.82
C GLN C 107 -29.25 -49.82 -14.43
N THR C 108 -29.23 -48.64 -15.03
CA THR C 108 -28.19 -47.64 -14.81
C THR C 108 -28.77 -46.44 -14.08
N HIS C 109 -28.00 -45.85 -13.18
CA HIS C 109 -28.42 -44.64 -12.50
C HIS C 109 -28.73 -43.55 -13.51
N THR C 110 -29.88 -42.91 -13.36
CA THR C 110 -30.30 -41.88 -14.29
C THR C 110 -29.57 -40.57 -14.02
N LEU C 111 -29.03 -39.98 -15.08
CA LEU C 111 -28.28 -38.74 -14.93
C LEU C 111 -29.16 -37.59 -14.45
N GLU C 112 -30.44 -37.60 -14.80
CA GLU C 112 -31.36 -36.60 -14.29
C GLU C 112 -31.51 -36.71 -12.77
N ASP C 113 -31.56 -37.94 -12.26
CA ASP C 113 -31.64 -38.15 -10.82
C ASP C 113 -30.38 -37.64 -10.12
N PHE C 114 -29.21 -37.92 -10.68
CA PHE C 114 -27.97 -37.45 -10.09
C PHE C 114 -27.90 -35.93 -10.13
N GLN C 115 -28.30 -35.33 -11.25
CA GLN C 115 -28.26 -33.88 -11.36
C GLN C 115 -29.30 -33.23 -10.46
N ARG C 116 -30.47 -33.85 -10.30
CA ARG C 116 -31.51 -33.28 -9.47
C ARG C 116 -31.08 -33.18 -8.02
N VAL C 117 -30.44 -34.23 -7.49
CA VAL C 117 -30.01 -34.21 -6.10
C VAL C 117 -28.92 -33.17 -5.90
N LEU C 118 -27.97 -33.07 -6.83
CA LEU C 118 -26.92 -32.08 -6.72
C LEU C 118 -27.48 -30.66 -6.78
N ASP C 119 -28.51 -30.45 -7.60
CA ASP C 119 -29.07 -29.11 -7.77
C ASP C 119 -29.66 -28.58 -6.47
N VAL C 120 -30.36 -29.43 -5.72
CA VAL C 120 -30.98 -28.97 -4.48
C VAL C 120 -30.00 -29.04 -3.31
N ASN C 121 -29.36 -30.19 -3.13
CA ASN C 121 -28.50 -30.39 -1.98
C ASN C 121 -27.20 -29.59 -2.06
N LEU C 122 -26.52 -29.62 -3.21
CA LEU C 122 -25.23 -28.97 -3.36
C LEU C 122 -25.35 -27.56 -3.95
N MET C 123 -25.95 -27.44 -5.13
CA MET C 123 -26.09 -26.13 -5.76
C MET C 123 -26.97 -25.20 -4.94
N GLY C 124 -28.08 -25.70 -4.39
CA GLY C 124 -28.96 -24.85 -3.61
C GLY C 124 -28.29 -24.35 -2.35
N THR C 125 -27.49 -25.19 -1.69
CA THR C 125 -26.78 -24.77 -0.49
C THR C 125 -25.80 -23.65 -0.80
N PHE C 126 -25.00 -23.81 -1.86
CA PHE C 126 -24.06 -22.76 -2.22
C PHE C 126 -24.78 -21.50 -2.66
N ASN C 127 -25.88 -21.64 -3.39
CA ASN C 127 -26.63 -20.49 -3.86
C ASN C 127 -27.16 -19.67 -2.68
N VAL C 128 -27.65 -20.34 -1.65
CA VAL C 128 -28.09 -19.64 -0.45
C VAL C 128 -26.91 -18.97 0.23
N ILE C 129 -25.80 -19.70 0.37
CA ILE C 129 -24.61 -19.20 1.06
C ILE C 129 -24.08 -17.94 0.39
N ARG C 130 -23.96 -17.97 -0.94
CA ARG C 130 -23.33 -16.86 -1.63
C ARG C 130 -24.20 -15.61 -1.59
N LEU C 131 -25.53 -15.77 -1.57
CA LEU C 131 -26.41 -14.61 -1.51
C LEU C 131 -26.61 -14.15 -0.07
N VAL C 132 -26.68 -15.09 0.87
CA VAL C 132 -26.82 -14.73 2.28
C VAL C 132 -25.59 -13.99 2.77
N ALA C 133 -24.41 -14.43 2.33
CA ALA C 133 -23.17 -13.76 2.74
C ALA C 133 -23.17 -12.29 2.34
N GLY C 134 -23.88 -11.94 1.27
CA GLY C 134 -24.06 -10.54 0.95
C GLY C 134 -24.88 -9.79 1.96
N GLU C 135 -25.87 -10.46 2.57
CA GLU C 135 -26.73 -9.80 3.54
C GLU C 135 -26.05 -9.69 4.91
N MET C 136 -25.36 -10.74 5.35
CA MET C 136 -24.54 -10.62 6.55
C MET C 136 -23.36 -9.68 6.38
N GLY C 137 -22.92 -9.43 5.14
CA GLY C 137 -21.87 -8.48 4.92
C GLY C 137 -22.27 -7.05 5.21
N GLN C 138 -23.57 -6.75 5.17
CA GLN C 138 -24.04 -5.41 5.51
C GLN C 138 -24.11 -5.18 7.02
N ASN C 139 -24.12 -6.24 7.81
CA ASN C 139 -24.22 -6.10 9.26
C ASN C 139 -22.94 -5.52 9.84
N GLU C 140 -23.09 -4.74 10.90
CA GLU C 140 -21.94 -4.25 11.62
C GLU C 140 -21.37 -5.34 12.51
N PRO C 141 -20.05 -5.53 12.52
CA PRO C 141 -19.45 -6.54 13.39
C PRO C 141 -19.78 -6.27 14.86
N ASP C 142 -20.04 -7.34 15.60
CA ASP C 142 -20.32 -7.22 17.02
C ASP C 142 -19.03 -7.06 17.81
N GLN C 143 -19.13 -7.18 19.14
CA GLN C 143 -17.96 -6.98 19.99
C GLN C 143 -16.85 -7.97 19.65
N GLY C 144 -17.20 -9.17 19.19
CA GLY C 144 -16.21 -10.14 18.75
C GLY C 144 -15.82 -10.05 17.30
N GLY C 145 -16.39 -9.09 16.55
CA GLY C 145 -16.08 -8.96 15.15
C GLY C 145 -16.83 -9.90 14.24
N GLN C 146 -17.91 -10.50 14.71
CA GLN C 146 -18.66 -11.47 13.93
C GLN C 146 -19.85 -10.81 13.24
N ARG C 147 -20.04 -11.13 11.96
CA ARG C 147 -21.18 -10.62 11.20
C ARG C 147 -22.31 -11.63 11.01
N GLY C 148 -22.01 -12.92 11.06
CA GLY C 148 -23.07 -13.90 10.93
C GLY C 148 -22.51 -15.30 11.02
N VAL C 149 -23.44 -16.26 11.09
CA VAL C 149 -23.11 -17.68 11.15
C VAL C 149 -23.89 -18.41 10.07
N ILE C 150 -23.22 -19.30 9.36
CA ILE C 150 -23.85 -20.16 8.36
C ILE C 150 -23.66 -21.60 8.78
N ILE C 151 -24.76 -22.34 8.89
CA ILE C 151 -24.74 -23.74 9.28
C ILE C 151 -25.31 -24.56 8.14
N ASN C 152 -24.52 -25.51 7.64
CA ASN C 152 -24.95 -26.39 6.57
C ASN C 152 -25.29 -27.77 7.11
N THR C 153 -26.15 -28.47 6.39
CA THR C 153 -26.54 -29.83 6.72
C THR C 153 -26.04 -30.77 5.63
N ALA C 154 -25.27 -31.79 6.03
CA ALA C 154 -24.73 -32.76 5.09
C ALA C 154 -24.54 -34.07 5.86
N SER C 155 -25.44 -35.01 5.65
CA SER C 155 -25.55 -36.21 6.48
C SER C 155 -24.29 -37.07 6.45
N VAL C 156 -24.24 -38.08 7.31
CA VAL C 156 -23.10 -38.99 7.38
C VAL C 156 -22.89 -39.78 6.11
N ALA C 157 -23.82 -39.70 5.16
CA ALA C 157 -23.61 -40.34 3.86
C ALA C 157 -22.41 -39.74 3.14
N ALA C 158 -22.01 -38.51 3.52
CA ALA C 158 -20.84 -37.89 2.92
C ALA C 158 -19.56 -38.67 3.25
N PHE C 159 -19.57 -39.43 4.35
CA PHE C 159 -18.40 -40.19 4.77
C PHE C 159 -18.55 -41.68 4.50
N GLU C 160 -19.63 -42.31 4.98
CA GLU C 160 -19.90 -43.73 4.74
C GLU C 160 -21.31 -43.85 4.16
N GLY C 161 -21.41 -43.69 2.85
CA GLY C 161 -22.70 -43.86 2.20
C GLY C 161 -23.04 -45.32 1.97
N GLN C 162 -24.33 -45.57 1.86
CA GLN C 162 -24.82 -46.93 1.69
C GLN C 162 -25.01 -47.28 0.21
N VAL C 163 -25.44 -48.51 -0.02
CA VAL C 163 -25.69 -48.98 -1.38
C VAL C 163 -26.83 -48.17 -2.00
N GLY C 164 -26.62 -47.69 -3.22
CA GLY C 164 -27.63 -46.89 -3.90
C GLY C 164 -27.70 -45.45 -3.48
N GLN C 165 -26.72 -44.96 -2.73
CA GLN C 165 -26.71 -43.59 -2.24
C GLN C 165 -25.62 -42.74 -2.89
N ALA C 166 -25.17 -43.12 -4.09
CA ALA C 166 -24.09 -42.42 -4.75
C ALA C 166 -24.43 -40.97 -5.03
N ALA C 167 -25.63 -40.71 -5.54
CA ALA C 167 -26.05 -39.34 -5.82
C ALA C 167 -26.15 -38.53 -4.54
N TYR C 168 -26.68 -39.11 -3.47
CA TYR C 168 -26.85 -38.38 -2.23
C TYR C 168 -25.52 -38.15 -1.53
N SER C 169 -24.62 -39.12 -1.59
CA SER C 169 -23.30 -38.96 -0.98
C SER C 169 -22.46 -37.94 -1.75
N ALA C 170 -22.61 -37.89 -3.07
CA ALA C 170 -21.87 -36.93 -3.86
C ALA C 170 -22.24 -35.50 -3.50
N SER C 171 -23.53 -35.25 -3.28
CA SER C 171 -23.98 -33.92 -2.89
C SER C 171 -23.51 -33.56 -1.49
N LYS C 172 -23.67 -34.49 -0.54
CA LYS C 172 -23.25 -34.22 0.83
C LYS C 172 -21.73 -34.20 0.96
N GLY C 173 -21.03 -34.99 0.14
CA GLY C 173 -19.57 -34.90 0.13
C GLY C 173 -19.08 -33.56 -0.37
N GLY C 174 -19.82 -32.95 -1.29
CA GLY C 174 -19.50 -31.63 -1.79
C GLY C 174 -19.65 -30.56 -0.73
N ILE C 175 -20.71 -30.64 0.07
CA ILE C 175 -20.92 -29.66 1.13
C ILE C 175 -19.80 -29.75 2.16
N VAL C 176 -19.42 -30.97 2.52
CA VAL C 176 -18.33 -31.15 3.47
C VAL C 176 -17.02 -30.63 2.89
N GLY C 177 -16.76 -30.91 1.62
CA GLY C 177 -15.51 -30.48 1.02
C GLY C 177 -15.36 -28.98 0.92
N MET C 178 -16.45 -28.27 0.67
CA MET C 178 -16.42 -26.82 0.48
C MET C 178 -16.64 -26.05 1.76
N THR C 179 -16.85 -26.72 2.90
CA THR C 179 -17.07 -26.02 4.16
C THR C 179 -15.86 -25.19 4.57
N LEU C 180 -14.66 -25.74 4.40
CA LEU C 180 -13.44 -25.02 4.81
C LEU C 180 -13.08 -23.90 3.84
N PRO C 181 -13.06 -24.10 2.52
CA PRO C 181 -12.74 -22.97 1.63
C PRO C 181 -13.69 -21.79 1.78
N ILE C 182 -14.97 -22.04 1.99
CA ILE C 182 -15.91 -20.94 2.21
C ILE C 182 -15.63 -20.27 3.55
N ALA C 183 -15.30 -21.07 4.57
CA ALA C 183 -14.95 -20.50 5.87
C ALA C 183 -13.72 -19.61 5.76
N ARG C 184 -12.77 -19.98 4.91
CA ARG C 184 -11.60 -19.13 4.70
C ARG C 184 -11.97 -17.93 3.83
N ASP C 185 -12.93 -18.10 2.92
CA ASP C 185 -13.37 -16.99 2.07
C ASP C 185 -13.99 -15.88 2.90
N LEU C 186 -14.85 -16.25 3.85
CA LEU C 186 -15.60 -15.28 4.64
C LEU C 186 -14.92 -14.92 5.95
N ALA C 187 -13.72 -15.44 6.20
CA ALA C 187 -12.98 -15.05 7.40
C ALA C 187 -12.69 -13.57 7.47
N PRO C 188 -12.23 -12.89 6.41
CA PRO C 188 -12.10 -11.42 6.49
C PRO C 188 -13.40 -10.72 6.84
N ILE C 189 -14.53 -11.20 6.31
CA ILE C 189 -15.82 -10.58 6.60
C ILE C 189 -16.24 -10.79 8.05
N GLY C 190 -16.00 -11.98 8.60
CA GLY C 190 -16.46 -12.29 9.94
C GLY C 190 -17.60 -13.26 10.00
N ILE C 191 -17.78 -14.08 8.98
CA ILE C 191 -18.87 -15.06 8.91
C ILE C 191 -18.30 -16.44 9.19
N ARG C 192 -18.93 -17.16 10.12
CA ARG C 192 -18.53 -18.52 10.44
C ARG C 192 -19.38 -19.50 9.65
N VAL C 193 -18.70 -20.45 8.99
CA VAL C 193 -19.36 -21.50 8.22
C VAL C 193 -19.11 -22.82 8.92
N MET C 194 -20.18 -23.52 9.28
CA MET C 194 -20.09 -24.78 9.99
C MET C 194 -21.00 -25.80 9.32
N THR C 195 -20.63 -27.07 9.44
CA THR C 195 -21.36 -28.15 8.80
C THR C 195 -21.73 -29.19 9.84
N ILE C 196 -22.98 -29.64 9.82
CA ILE C 196 -23.48 -30.69 10.70
C ILE C 196 -23.74 -31.93 9.85
N ALA C 197 -23.32 -33.08 10.35
CA ALA C 197 -23.55 -34.34 9.65
C ALA C 197 -24.53 -35.21 10.42
N PRO C 198 -25.84 -34.97 10.27
CA PRO C 198 -26.80 -35.81 10.99
C PRO C 198 -26.81 -37.23 10.47
N GLY C 199 -27.11 -38.16 11.36
CA GLY C 199 -27.23 -39.56 10.98
C GLY C 199 -28.63 -39.91 10.55
N LEU C 200 -29.22 -40.92 11.17
CA LEU C 200 -30.61 -41.28 10.94
C LEU C 200 -31.48 -40.53 11.93
N PHE C 201 -32.30 -39.62 11.43
CA PHE C 201 -33.14 -38.77 12.26
C PHE C 201 -34.61 -39.04 11.98
N GLY C 202 -35.46 -38.77 12.96
CA GLY C 202 -36.88 -39.01 12.80
C GLY C 202 -37.56 -37.97 11.94
N THR C 203 -36.95 -37.65 10.80
CA THR C 203 -37.55 -36.77 9.82
C THR C 203 -38.72 -37.46 9.14
N PRO C 204 -39.71 -36.69 8.64
CA PRO C 204 -40.83 -37.30 7.92
C PRO C 204 -40.42 -38.26 6.81
N LEU C 205 -39.19 -38.14 6.33
CA LEU C 205 -38.68 -39.10 5.35
C LEU C 205 -38.50 -40.48 5.97
N LEU C 206 -37.84 -40.56 7.12
CA LEU C 206 -37.56 -41.86 7.74
C LEU C 206 -38.81 -42.48 8.33
N THR C 207 -39.73 -41.68 8.88
CA THR C 207 -40.97 -42.23 9.40
C THR C 207 -41.90 -42.72 8.30
N SER C 208 -41.62 -42.38 7.04
CA SER C 208 -42.47 -42.82 5.95
C SER C 208 -42.25 -44.29 5.62
N LEU C 209 -40.99 -44.74 5.62
CA LEU C 209 -40.69 -46.11 5.24
C LEU C 209 -41.22 -47.09 6.28
N PRO C 210 -41.44 -48.35 5.90
CA PRO C 210 -42.14 -49.29 6.80
C PRO C 210 -41.38 -49.53 8.10
N GLU C 211 -42.13 -50.03 9.08
CA GLU C 211 -41.60 -50.22 10.42
C GLU C 211 -40.42 -51.20 10.43
N LYS C 212 -40.35 -52.10 9.45
CA LYS C 212 -39.28 -53.08 9.42
C LYS C 212 -37.92 -52.42 9.31
N VAL C 213 -37.73 -51.57 8.30
CA VAL C 213 -36.46 -50.86 8.16
C VAL C 213 -36.36 -49.72 9.16
N CYS C 214 -37.50 -49.17 9.59
CA CYS C 214 -37.49 -48.08 10.56
C CYS C 214 -36.95 -48.54 11.91
N ASN C 215 -37.50 -49.64 12.43
CA ASN C 215 -37.07 -50.11 13.75
C ASN C 215 -35.69 -50.75 13.69
N PHE C 216 -35.35 -51.40 12.58
CA PHE C 216 -34.02 -52.02 12.48
C PHE C 216 -32.93 -50.96 12.48
N LEU C 217 -33.10 -49.90 11.70
CA LEU C 217 -32.10 -48.85 11.65
C LEU C 217 -31.98 -48.14 12.99
N ALA C 218 -33.11 -47.92 13.67
CA ALA C 218 -33.08 -47.30 14.99
C ALA C 218 -32.29 -48.16 15.96
N SER C 219 -32.38 -49.48 15.82
CA SER C 219 -31.61 -50.38 16.67
C SER C 219 -30.15 -50.50 16.24
N GLN C 220 -29.79 -49.99 15.06
CA GLN C 220 -28.42 -50.09 14.60
C GLN C 220 -27.53 -48.99 15.19
N VAL C 221 -28.13 -47.96 15.76
CA VAL C 221 -27.37 -46.90 16.42
C VAL C 221 -26.80 -47.46 17.73
N PRO C 222 -25.48 -47.34 17.95
CA PRO C 222 -24.89 -47.88 19.19
C PRO C 222 -25.55 -47.36 20.45
N PHE C 223 -25.57 -46.04 20.61
CA PHE C 223 -26.30 -45.41 21.70
C PHE C 223 -26.50 -43.94 21.40
N PRO C 224 -27.71 -43.40 21.56
CA PRO C 224 -28.94 -44.10 21.96
C PRO C 224 -29.50 -44.92 20.82
N SER C 225 -30.08 -46.09 21.11
CA SER C 225 -30.56 -46.99 20.06
C SER C 225 -31.95 -46.52 19.62
N ARG C 226 -31.96 -45.41 18.91
CA ARG C 226 -33.18 -44.84 18.36
C ARG C 226 -32.82 -43.86 17.26
N LEU C 227 -33.80 -43.51 16.44
CA LEU C 227 -33.60 -42.46 15.44
C LEU C 227 -33.46 -41.11 16.12
N GLY C 228 -32.61 -40.27 15.54
CA GLY C 228 -32.33 -38.96 16.10
C GLY C 228 -33.53 -38.05 16.18
N ASP C 229 -33.75 -37.46 17.34
CA ASP C 229 -34.82 -36.47 17.49
C ASP C 229 -34.42 -35.19 16.75
N PRO C 230 -35.27 -34.66 15.87
CA PRO C 230 -34.94 -33.40 15.20
C PRO C 230 -34.68 -32.27 16.18
N ALA C 231 -35.28 -32.35 17.37
CA ALA C 231 -34.99 -31.37 18.42
C ALA C 231 -33.52 -31.40 18.80
N GLU C 232 -32.94 -32.60 18.86
CA GLU C 232 -31.51 -32.72 19.17
C GLU C 232 -30.66 -32.08 18.08
N TYR C 233 -31.13 -32.09 16.83
CA TYR C 233 -30.45 -31.35 15.78
C TYR C 233 -30.51 -29.85 16.03
N ALA C 234 -31.68 -29.36 16.46
CA ALA C 234 -31.84 -27.94 16.75
C ALA C 234 -30.94 -27.51 17.90
N HIS C 235 -30.77 -28.36 18.90
CA HIS C 235 -29.91 -28.04 20.04
C HIS C 235 -28.47 -27.81 19.60
N LEU C 236 -27.96 -28.68 18.74
CA LEU C 236 -26.59 -28.53 18.26
C LEU C 236 -26.46 -27.33 17.33
N VAL C 237 -27.52 -27.00 16.60
CA VAL C 237 -27.50 -25.79 15.77
C VAL C 237 -27.34 -24.55 16.63
N GLN C 238 -28.08 -24.50 17.74
CA GLN C 238 -27.98 -23.35 18.64
C GLN C 238 -26.62 -23.30 19.32
N ALA C 239 -26.04 -24.46 19.63
CA ALA C 239 -24.74 -24.49 20.28
C ALA C 239 -23.66 -23.89 19.38
N ILE C 240 -23.74 -24.17 18.08
CA ILE C 240 -22.79 -23.60 17.13
C ILE C 240 -22.93 -22.08 17.09
N ILE C 241 -24.15 -21.58 17.11
CA ILE C 241 -24.38 -20.13 17.06
C ILE C 241 -23.78 -19.45 18.28
N GLU C 242 -23.91 -20.07 19.45
CA GLU C 242 -23.47 -19.45 20.69
C GLU C 242 -21.97 -19.57 20.93
N ASN C 243 -21.26 -20.44 20.21
CA ASN C 243 -19.85 -20.63 20.44
C ASN C 243 -19.05 -19.86 19.41
N PRO C 244 -18.33 -18.80 19.80
CA PRO C 244 -17.62 -17.98 18.80
C PRO C 244 -16.47 -18.69 18.11
N PHE C 245 -15.95 -19.78 18.66
CA PHE C 245 -14.73 -20.39 18.14
C PHE C 245 -14.98 -21.61 17.26
N LEU C 246 -16.23 -21.89 16.92
CA LEU C 246 -16.53 -22.99 16.03
C LEU C 246 -16.59 -22.48 14.59
N ASN C 247 -15.69 -22.97 13.75
CA ASN C 247 -15.59 -22.48 12.37
C ASN C 247 -14.95 -23.55 11.50
N GLY C 248 -15.49 -23.73 10.31
CA GLY C 248 -14.90 -24.61 9.31
C GLY C 248 -14.75 -26.04 9.76
N GLU C 249 -15.73 -26.56 10.50
CA GLU C 249 -15.66 -27.91 11.04
C GLU C 249 -16.95 -28.65 10.75
N VAL C 250 -16.83 -29.94 10.48
CA VAL C 250 -17.96 -30.83 10.26
C VAL C 250 -18.21 -31.62 11.54
N ILE C 251 -19.43 -31.56 12.05
CA ILE C 251 -19.80 -32.19 13.30
C ILE C 251 -20.77 -33.31 12.99
N ARG C 252 -20.39 -34.54 13.34
CA ARG C 252 -21.27 -35.68 13.15
C ARG C 252 -22.25 -35.77 14.30
N LEU C 253 -23.55 -35.77 13.98
CA LEU C 253 -24.61 -35.93 14.97
C LEU C 253 -25.38 -37.18 14.58
N ASP C 254 -24.88 -38.34 15.03
CA ASP C 254 -25.42 -39.61 14.58
C ASP C 254 -25.50 -40.66 15.67
N GLY C 255 -25.05 -40.38 16.88
CA GLY C 255 -25.02 -41.39 17.92
C GLY C 255 -24.03 -42.50 17.63
N ALA C 256 -22.91 -42.14 17.01
CA ALA C 256 -21.75 -43.00 16.74
C ALA C 256 -22.06 -44.16 15.80
N ILE C 257 -22.99 -44.02 14.86
CA ILE C 257 -23.29 -45.12 13.96
C ILE C 257 -22.47 -44.99 12.68
N ARG C 258 -21.88 -46.10 12.25
CA ARG C 258 -21.14 -46.17 11.00
C ARG C 258 -21.92 -47.06 10.04
N MET C 259 -22.34 -46.50 8.91
CA MET C 259 -23.26 -47.18 8.02
C MET C 259 -22.55 -48.31 7.29
N GLN C 260 -23.06 -49.53 7.46
CA GLN C 260 -22.57 -50.68 6.72
C GLN C 260 -23.12 -50.65 5.30
N PRO C 261 -22.46 -51.34 4.35
CA PRO C 261 -22.92 -51.42 2.97
C PRO C 261 -24.38 -51.84 2.84
N SER D 7 -30.23 -30.60 30.57
CA SER D 7 -29.64 -29.68 31.54
C SER D 7 -28.50 -30.33 32.30
N VAL D 8 -27.68 -29.52 32.96
CA VAL D 8 -26.54 -30.00 33.71
C VAL D 8 -26.69 -29.80 35.20
N LYS D 9 -27.80 -29.23 35.67
CA LYS D 9 -27.98 -28.99 37.09
C LYS D 9 -28.15 -30.33 37.82
N GLY D 10 -27.39 -30.51 38.90
CA GLY D 10 -27.44 -31.73 39.68
C GLY D 10 -26.45 -32.79 39.25
N LEU D 11 -25.77 -32.61 38.13
CA LEU D 11 -24.79 -33.59 37.69
C LEU D 11 -23.48 -33.41 38.43
N VAL D 12 -22.71 -34.50 38.53
CA VAL D 12 -21.40 -34.49 39.15
C VAL D 12 -20.36 -34.72 38.07
N ALA D 13 -19.37 -33.83 37.99
CA ALA D 13 -18.36 -33.88 36.94
C ALA D 13 -16.99 -34.12 37.56
N VAL D 14 -16.28 -35.09 37.01
CA VAL D 14 -14.89 -35.33 37.36
C VAL D 14 -14.01 -34.79 36.24
N ILE D 15 -13.21 -33.78 36.55
CA ILE D 15 -12.45 -33.04 35.54
C ILE D 15 -10.98 -33.22 35.84
N THR D 16 -10.32 -34.09 35.07
CA THR D 16 -8.89 -34.28 35.21
C THR D 16 -8.15 -33.05 34.72
N GLY D 17 -7.10 -32.68 35.43
CA GLY D 17 -6.39 -31.45 35.14
C GLY D 17 -7.27 -30.22 35.27
N GLY D 18 -8.16 -30.21 36.26
CA GLY D 18 -9.14 -29.15 36.41
C GLY D 18 -8.68 -27.97 37.23
N ALA D 19 -7.41 -27.90 37.58
CA ALA D 19 -6.89 -26.78 38.37
C ALA D 19 -6.43 -25.62 37.52
N SER D 20 -6.36 -25.76 36.20
CA SER D 20 -5.88 -24.69 35.35
C SER D 20 -6.33 -24.94 33.92
N GLY D 21 -6.25 -23.88 33.10
CA GLY D 21 -6.48 -24.02 31.68
C GLY D 21 -7.91 -24.44 31.35
N LEU D 22 -8.03 -25.36 30.40
CA LEU D 22 -9.34 -25.80 29.95
C LEU D 22 -10.10 -26.51 31.07
N GLY D 23 -9.40 -27.31 31.88
CA GLY D 23 -10.07 -28.01 32.96
C GLY D 23 -10.70 -27.07 33.98
N LEU D 24 -9.98 -26.02 34.33
CA LEU D 24 -10.51 -25.04 35.27
C LEU D 24 -11.70 -24.29 34.68
N ALA D 25 -11.62 -23.93 33.40
CA ALA D 25 -12.74 -23.24 32.77
C ALA D 25 -13.98 -24.12 32.70
N THR D 26 -13.81 -25.42 32.45
CA THR D 26 -14.96 -26.32 32.44
C THR D 26 -15.60 -26.40 33.82
N ALA D 27 -14.78 -26.49 34.87
CA ALA D 27 -15.33 -26.57 36.22
C ALA D 27 -16.07 -25.30 36.60
N GLU D 28 -15.55 -24.14 36.20
CA GLU D 28 -16.20 -22.88 36.54
C GLU D 28 -17.58 -22.78 35.91
N ARG D 29 -17.72 -23.19 34.65
CA ARG D 29 -19.03 -23.10 34.00
C ARG D 29 -20.01 -24.10 34.57
N LEU D 30 -19.59 -25.36 34.73
CA LEU D 30 -20.50 -26.38 35.24
C LEU D 30 -20.95 -26.09 36.66
N VAL D 31 -20.05 -25.64 37.53
CA VAL D 31 -20.44 -25.25 38.87
C VAL D 31 -21.37 -24.05 38.83
N GLY D 32 -21.08 -23.08 37.97
CA GLY D 32 -21.95 -21.92 37.83
C GLY D 32 -23.33 -22.29 37.33
N GLN D 33 -23.40 -23.21 36.39
CA GLN D 33 -24.68 -23.67 35.85
C GLN D 33 -25.48 -24.49 36.85
N GLY D 34 -24.88 -24.91 37.96
CA GLY D 34 -25.57 -25.67 38.99
C GLY D 34 -25.08 -27.08 39.21
N ALA D 35 -24.03 -27.51 38.53
CA ALA D 35 -23.49 -28.84 38.70
C ALA D 35 -22.41 -28.85 39.79
N SER D 36 -21.98 -30.05 40.15
CA SER D 36 -20.89 -30.24 41.10
C SER D 36 -19.68 -30.80 40.37
N ALA D 37 -18.50 -30.34 40.76
CA ALA D 37 -17.27 -30.69 40.08
C ALA D 37 -16.24 -31.23 41.06
N VAL D 38 -15.40 -32.12 40.57
CA VAL D 38 -14.26 -32.66 41.32
C VAL D 38 -13.02 -32.40 40.50
N LEU D 39 -12.11 -31.56 41.02
CA LEU D 39 -10.88 -31.26 40.32
C LEU D 39 -9.86 -32.36 40.60
N LEU D 40 -9.56 -33.17 39.59
CA LEU D 40 -8.57 -34.23 39.69
C LEU D 40 -7.29 -33.73 39.06
N ASP D 41 -6.33 -33.34 39.89
CA ASP D 41 -5.08 -32.79 39.39
C ASP D 41 -3.94 -33.19 40.33
N LEU D 42 -2.73 -32.82 39.95
CA LEU D 42 -1.56 -33.16 40.73
C LEU D 42 -1.56 -32.41 42.06
N PRO D 43 -0.98 -33.01 43.11
CA PRO D 43 -0.94 -32.32 44.41
C PRO D 43 -0.21 -30.98 44.37
N ASN D 44 0.83 -30.86 43.56
CA ASN D 44 1.61 -29.63 43.50
C ASN D 44 0.91 -28.50 42.79
N SER D 45 -0.17 -28.77 42.06
CA SER D 45 -0.92 -27.72 41.40
C SER D 45 -1.78 -26.97 42.40
N GLY D 46 -2.26 -25.80 41.99
CA GLY D 46 -3.09 -24.97 42.85
C GLY D 46 -4.54 -25.42 42.88
N GLY D 47 -4.76 -26.73 42.89
CA GLY D 47 -6.12 -27.24 42.87
C GLY D 47 -6.88 -26.93 44.15
N GLU D 48 -6.19 -26.98 45.30
CA GLU D 48 -6.86 -26.72 46.57
C GLU D 48 -7.41 -25.31 46.63
N ALA D 49 -6.63 -24.33 46.17
CA ALA D 49 -7.11 -22.95 46.12
C ALA D 49 -8.28 -22.81 45.15
N GLN D 50 -8.18 -23.47 43.99
CA GLN D 50 -9.22 -23.34 42.98
C GLN D 50 -10.53 -23.97 43.46
N ALA D 51 -10.46 -25.13 44.10
CA ALA D 51 -11.66 -25.79 44.60
C ALA D 51 -12.34 -24.96 45.67
N LYS D 52 -11.54 -24.33 46.54
CA LYS D 52 -12.11 -23.45 47.56
C LYS D 52 -12.80 -22.25 46.93
N LYS D 53 -12.21 -21.70 45.86
CA LYS D 53 -12.78 -20.52 45.21
C LYS D 53 -14.14 -20.82 44.57
N LEU D 54 -14.38 -22.07 44.19
CA LEU D 54 -15.63 -22.42 43.51
C LEU D 54 -16.75 -22.81 44.46
N GLY D 55 -16.50 -22.80 45.77
CA GLY D 55 -17.55 -23.04 46.75
C GLY D 55 -17.61 -24.48 47.19
N ASN D 56 -18.71 -24.80 47.86
CA ASN D 56 -18.92 -26.12 48.44
C ASN D 56 -19.34 -27.16 47.40
N ASN D 57 -19.69 -26.75 46.19
CA ASN D 57 -20.07 -27.68 45.14
C ASN D 57 -18.86 -28.21 44.37
N CYS D 58 -17.66 -27.72 44.66
CA CYS D 58 -16.44 -28.16 44.00
C CYS D 58 -15.41 -28.56 45.05
N VAL D 59 -14.81 -29.74 44.86
CA VAL D 59 -13.78 -30.25 45.76
C VAL D 59 -12.57 -30.63 44.92
N PHE D 60 -11.42 -30.71 45.59
CA PHE D 60 -10.15 -31.03 44.95
C PHE D 60 -9.72 -32.43 45.37
N ALA D 61 -9.50 -33.30 44.39
CA ALA D 61 -9.03 -34.66 44.65
C ALA D 61 -7.65 -34.83 44.06
N PRO D 62 -6.59 -34.77 44.86
CA PRO D 62 -5.24 -34.91 44.31
C PRO D 62 -4.99 -36.33 43.83
N ALA D 63 -4.49 -36.43 42.60
CA ALA D 63 -4.24 -37.74 41.98
C ALA D 63 -3.40 -37.53 40.74
N ASP D 64 -2.61 -38.56 40.41
CA ASP D 64 -1.88 -38.62 39.16
C ASP D 64 -2.61 -39.56 38.22
N VAL D 65 -3.03 -39.05 37.06
CA VAL D 65 -3.81 -39.84 36.11
C VAL D 65 -3.05 -41.05 35.59
N THR D 66 -1.72 -41.05 35.69
CA THR D 66 -0.93 -42.17 35.23
C THR D 66 -0.92 -43.34 36.22
N SER D 67 -1.43 -43.14 37.44
CA SER D 67 -1.44 -44.17 38.47
C SER D 67 -2.86 -44.64 38.70
N GLU D 68 -3.07 -45.96 38.62
CA GLU D 68 -4.40 -46.51 38.85
C GLU D 68 -4.86 -46.27 40.29
N LYS D 69 -3.95 -46.42 41.25
CA LYS D 69 -4.32 -46.24 42.66
C LYS D 69 -4.75 -44.81 42.94
N ASP D 70 -4.07 -43.84 42.35
CA ASP D 70 -4.41 -42.44 42.60
C ASP D 70 -5.80 -42.11 42.05
N VAL D 71 -6.13 -42.61 40.87
CA VAL D 71 -7.43 -42.31 40.28
C VAL D 71 -8.56 -42.95 41.09
N GLN D 72 -8.37 -44.19 41.55
CA GLN D 72 -9.41 -44.85 42.31
C GLN D 72 -9.73 -44.10 43.60
N THR D 73 -8.70 -43.58 44.27
CA THR D 73 -8.94 -42.79 45.47
C THR D 73 -9.69 -41.51 45.13
N ALA D 74 -9.40 -40.91 43.99
CA ALA D 74 -10.11 -39.69 43.57
C ALA D 74 -11.57 -40.01 43.28
N LEU D 75 -11.84 -41.12 42.60
CA LEU D 75 -13.22 -41.50 42.31
C LEU D 75 -13.97 -41.86 43.57
N ALA D 76 -13.30 -42.47 44.55
CA ALA D 76 -13.93 -42.73 45.84
C ALA D 76 -14.31 -41.43 46.54
N LEU D 77 -13.44 -40.41 46.41
CA LEU D 77 -13.73 -39.12 47.01
C LEU D 77 -14.95 -38.47 46.39
N ALA D 78 -15.10 -38.60 45.07
CA ALA D 78 -16.27 -38.04 44.39
C ALA D 78 -17.55 -38.73 44.86
N LYS D 79 -17.50 -40.05 45.04
CA LYS D 79 -18.65 -40.78 45.55
C LYS D 79 -18.96 -40.37 46.99
N GLY D 80 -17.93 -40.17 47.81
CA GLY D 80 -18.16 -39.78 49.18
C GLY D 80 -18.82 -38.42 49.30
N LYS D 81 -18.29 -37.44 48.56
CA LYS D 81 -18.79 -36.07 48.69
C LYS D 81 -20.16 -35.90 48.02
N PHE D 82 -20.34 -36.47 46.84
CA PHE D 82 -21.51 -36.18 46.03
C PHE D 82 -22.41 -37.38 45.76
N GLY D 83 -21.93 -38.61 45.98
CA GLY D 83 -22.76 -39.78 45.90
C GLY D 83 -22.80 -40.47 44.55
N ARG D 84 -22.36 -39.80 43.48
CA ARG D 84 -22.43 -40.39 42.15
C ARG D 84 -21.53 -39.60 41.21
N VAL D 85 -21.23 -40.19 40.07
CA VAL D 85 -20.46 -39.56 39.01
C VAL D 85 -21.29 -39.55 37.74
N ASP D 86 -21.45 -38.37 37.14
CA ASP D 86 -22.26 -38.22 35.95
C ASP D 86 -21.46 -37.91 34.71
N VAL D 87 -20.41 -37.10 34.82
CA VAL D 87 -19.64 -36.64 33.68
C VAL D 87 -18.16 -36.74 34.00
N ALA D 88 -17.37 -37.21 33.05
CA ALA D 88 -15.92 -37.21 33.16
C ALA D 88 -15.33 -36.39 32.02
N VAL D 89 -14.50 -35.42 32.35
CA VAL D 89 -13.82 -34.58 31.38
C VAL D 89 -12.33 -34.80 31.54
N ASN D 90 -11.65 -35.20 30.47
CA ASN D 90 -10.24 -35.53 30.49
C ASN D 90 -9.46 -34.38 29.85
N CYS D 91 -9.10 -33.39 30.65
CA CYS D 91 -8.30 -32.26 30.18
C CYS D 91 -6.84 -32.34 30.58
N ALA D 92 -6.46 -33.28 31.46
CA ALA D 92 -5.08 -33.38 31.89
C ALA D 92 -4.19 -33.82 30.73
N GLY D 93 -3.02 -33.21 30.64
CA GLY D 93 -2.08 -33.53 29.60
C GLY D 93 -0.88 -32.61 29.55
N ILE D 94 0.24 -33.10 29.04
CA ILE D 94 1.45 -32.32 28.92
C ILE D 94 1.84 -32.24 27.45
N ALA D 95 2.67 -31.25 27.13
CA ALA D 95 3.17 -31.05 25.78
C ALA D 95 4.69 -31.00 25.79
N VAL D 96 5.29 -31.64 24.79
CA VAL D 96 6.73 -31.64 24.62
C VAL D 96 7.05 -31.37 23.16
N ALA D 97 7.91 -30.39 22.91
CA ALA D 97 8.36 -30.06 21.57
C ALA D 97 9.77 -30.58 21.36
N SER D 98 9.94 -31.44 20.37
CA SER D 98 11.23 -32.07 20.10
C SER D 98 11.20 -32.66 18.71
N LYS D 99 12.23 -32.36 17.92
CA LYS D 99 12.32 -32.89 16.57
C LYS D 99 12.69 -34.37 16.60
N THR D 100 12.14 -35.13 15.66
CA THR D 100 12.40 -36.56 15.62
C THR D 100 13.89 -36.83 15.39
N TYR D 101 14.50 -36.11 14.47
CA TYR D 101 15.93 -36.19 14.23
C TYR D 101 16.38 -34.91 13.55
N ASN D 102 17.51 -34.37 14.02
CA ASN D 102 18.10 -33.16 13.48
C ASN D 102 19.44 -33.52 12.88
N LEU D 103 19.56 -33.46 11.55
CA LEU D 103 20.76 -33.90 10.88
C LEU D 103 21.93 -32.96 11.15
N LYS D 104 21.71 -31.65 11.06
CA LYS D 104 22.79 -30.70 11.29
C LYS D 104 23.31 -30.76 12.71
N LYS D 105 22.41 -30.86 13.68
CA LYS D 105 22.78 -30.88 15.09
C LYS D 105 23.11 -32.27 15.60
N GLY D 106 22.85 -33.31 14.81
CA GLY D 106 23.09 -34.67 15.24
C GLY D 106 22.23 -35.13 16.40
N GLN D 107 21.11 -34.46 16.65
CA GLN D 107 20.28 -34.73 17.82
C GLN D 107 19.13 -35.63 17.43
N THR D 108 18.94 -36.70 18.19
CA THR D 108 17.85 -37.65 17.97
C THR D 108 16.83 -37.51 19.10
N HIS D 109 15.55 -37.62 18.74
CA HIS D 109 14.48 -37.51 19.73
C HIS D 109 14.68 -38.56 20.83
N THR D 110 14.58 -38.10 22.07
CA THR D 110 14.79 -38.98 23.21
C THR D 110 13.55 -39.83 23.46
N LEU D 111 13.77 -41.12 23.68
CA LEU D 111 12.66 -42.05 23.89
C LEU D 111 11.89 -41.73 25.16
N GLU D 112 12.59 -41.33 26.22
CA GLU D 112 11.91 -41.00 27.48
C GLU D 112 10.99 -39.79 27.31
N ASP D 113 11.33 -38.87 26.40
CA ASP D 113 10.41 -37.78 26.07
C ASP D 113 9.14 -38.32 25.44
N PHE D 114 9.26 -39.31 24.55
CA PHE D 114 8.10 -39.91 23.93
C PHE D 114 7.24 -40.65 24.95
N GLN D 115 7.88 -41.36 25.87
CA GLN D 115 7.14 -42.19 26.81
C GLN D 115 6.32 -41.35 27.79
N ARG D 116 6.91 -40.26 28.30
CA ARG D 116 6.20 -39.47 29.31
C ARG D 116 4.99 -38.76 28.72
N VAL D 117 5.10 -38.28 27.48
CA VAL D 117 3.95 -37.66 26.84
C VAL D 117 2.85 -38.69 26.62
N LEU D 118 3.22 -39.90 26.18
CA LEU D 118 2.24 -40.95 25.99
C LEU D 118 1.66 -41.43 27.31
N ASP D 119 2.43 -41.31 28.39
CA ASP D 119 1.94 -41.76 29.69
C ASP D 119 0.83 -40.87 30.22
N VAL D 120 0.97 -39.56 30.06
CA VAL D 120 -0.01 -38.63 30.62
C VAL D 120 -1.17 -38.42 29.66
N ASN D 121 -0.87 -38.13 28.40
CA ASN D 121 -1.93 -37.79 27.46
C ASN D 121 -2.74 -39.01 27.05
N LEU D 122 -2.08 -40.03 26.48
CA LEU D 122 -2.79 -41.20 25.99
C LEU D 122 -3.11 -42.18 27.11
N MET D 123 -2.08 -42.67 27.78
CA MET D 123 -2.27 -43.67 28.84
C MET D 123 -3.09 -43.10 29.98
N GLY D 124 -2.81 -41.85 30.39
CA GLY D 124 -3.57 -41.26 31.47
C GLY D 124 -5.04 -41.08 31.14
N THR D 125 -5.34 -40.69 29.90
CA THR D 125 -6.74 -40.51 29.51
C THR D 125 -7.50 -41.83 29.59
N PHE D 126 -6.92 -42.91 29.08
CA PHE D 126 -7.58 -44.21 29.12
C PHE D 126 -7.67 -44.76 30.53
N ASN D 127 -6.69 -44.47 31.39
CA ASN D 127 -6.76 -44.93 32.78
C ASN D 127 -7.95 -44.34 33.49
N VAL D 128 -8.24 -43.06 33.26
CA VAL D 128 -9.43 -42.44 33.83
C VAL D 128 -10.69 -43.05 33.22
N ILE D 129 -10.66 -43.28 31.90
CA ILE D 129 -11.86 -43.74 31.20
C ILE D 129 -12.29 -45.11 31.71
N ARG D 130 -11.35 -46.04 31.83
CA ARG D 130 -11.70 -47.38 32.28
C ARG D 130 -12.18 -47.42 33.71
N LEU D 131 -11.69 -46.51 34.55
CA LEU D 131 -12.07 -46.50 35.96
C LEU D 131 -13.37 -45.74 36.17
N VAL D 132 -13.52 -44.59 35.52
CA VAL D 132 -14.73 -43.79 35.70
C VAL D 132 -15.92 -44.45 35.03
N ALA D 133 -15.67 -45.30 34.02
CA ALA D 133 -16.77 -46.02 33.39
C ALA D 133 -17.44 -46.98 34.36
N GLY D 134 -16.64 -47.65 35.19
CA GLY D 134 -17.22 -48.48 36.23
C GLY D 134 -18.04 -47.70 37.24
N GLU D 135 -17.64 -46.47 37.52
CA GLU D 135 -18.40 -45.65 38.46
C GLU D 135 -19.73 -45.22 37.87
N MET D 136 -19.75 -44.85 36.58
CA MET D 136 -21.03 -44.58 35.91
C MET D 136 -21.84 -45.84 35.69
N GLY D 137 -21.20 -47.02 35.66
CA GLY D 137 -21.95 -48.26 35.53
C GLY D 137 -22.84 -48.57 36.71
N GLN D 138 -22.63 -47.91 37.84
CA GLN D 138 -23.48 -48.08 39.02
C GLN D 138 -24.68 -47.14 39.00
N ASN D 139 -24.79 -46.26 38.02
CA ASN D 139 -25.87 -45.30 37.97
C ASN D 139 -27.13 -45.91 37.36
N GLU D 140 -28.28 -45.48 37.87
CA GLU D 140 -29.55 -45.83 37.26
C GLU D 140 -29.77 -44.96 36.02
N PRO D 141 -30.09 -45.56 34.87
CA PRO D 141 -30.28 -44.77 33.65
C PRO D 141 -31.41 -43.75 33.81
N ASP D 142 -31.24 -42.61 33.18
CA ASP D 142 -32.27 -41.57 33.19
C ASP D 142 -33.34 -41.92 32.15
N GLN D 143 -34.23 -40.97 31.86
CA GLN D 143 -35.33 -41.22 30.93
C GLN D 143 -34.81 -41.65 29.56
N GLY D 144 -33.65 -41.14 29.15
CA GLY D 144 -33.07 -41.52 27.87
C GLY D 144 -32.28 -42.81 27.88
N GLY D 145 -32.13 -43.44 29.03
CA GLY D 145 -31.32 -44.63 29.13
C GLY D 145 -29.84 -44.40 29.24
N GLN D 146 -29.41 -43.18 29.55
CA GLN D 146 -28.01 -42.81 29.60
C GLN D 146 -27.49 -42.92 31.03
N ARG D 147 -26.22 -43.29 31.16
CA ARG D 147 -25.59 -43.40 32.47
C ARG D 147 -24.48 -42.38 32.71
N GLY D 148 -23.86 -41.86 31.66
CA GLY D 148 -22.82 -40.86 31.84
C GLY D 148 -22.28 -40.39 30.51
N VAL D 149 -21.52 -39.30 30.57
CA VAL D 149 -20.86 -38.73 29.41
C VAL D 149 -19.38 -38.62 29.70
N ILE D 150 -18.55 -39.09 28.77
CA ILE D 150 -17.10 -39.03 28.89
C ILE D 150 -16.60 -38.14 27.76
N ILE D 151 -15.90 -37.06 28.11
CA ILE D 151 -15.38 -36.11 27.14
C ILE D 151 -13.86 -36.11 27.23
N ASN D 152 -13.21 -36.44 26.13
CA ASN D 152 -11.76 -36.42 26.04
C ASN D 152 -11.31 -35.17 25.31
N THR D 153 -10.07 -34.76 25.58
CA THR D 153 -9.50 -33.55 24.98
C THR D 153 -8.29 -33.95 24.14
N ALA D 154 -8.52 -34.14 22.84
CA ALA D 154 -7.43 -34.28 21.89
C ALA D 154 -6.94 -32.89 21.49
N SER D 155 -6.17 -32.81 20.41
CA SER D 155 -5.74 -31.51 19.90
C SER D 155 -5.76 -31.56 18.39
N VAL D 156 -5.68 -30.37 17.79
CA VAL D 156 -5.57 -30.28 16.33
C VAL D 156 -4.28 -30.91 15.83
N ALA D 157 -3.29 -31.10 16.69
CA ALA D 157 -2.08 -31.79 16.31
C ALA D 157 -2.34 -33.24 15.92
N ALA D 158 -3.46 -33.80 16.36
CA ALA D 158 -3.84 -35.14 15.94
C ALA D 158 -4.16 -35.24 14.46
N PHE D 159 -4.42 -34.11 13.80
CA PHE D 159 -4.71 -34.08 12.37
C PHE D 159 -3.60 -33.41 11.58
N GLU D 160 -3.13 -32.22 12.00
CA GLU D 160 -2.00 -31.55 11.37
C GLU D 160 -1.00 -31.17 12.47
N GLY D 161 -0.13 -32.11 12.81
CA GLY D 161 0.92 -31.81 13.78
C GLY D 161 2.04 -31.01 13.15
N GLN D 162 2.60 -30.10 13.94
CA GLN D 162 3.67 -29.24 13.44
C GLN D 162 5.02 -29.92 13.64
N VAL D 163 6.08 -29.23 13.18
CA VAL D 163 7.42 -29.73 13.36
C VAL D 163 7.78 -29.75 14.84
N GLY D 164 8.23 -30.91 15.32
CA GLY D 164 8.57 -31.09 16.70
C GLY D 164 7.47 -31.63 17.58
N GLN D 165 6.29 -31.89 17.02
CA GLN D 165 5.15 -32.41 17.78
C GLN D 165 4.90 -33.89 17.52
N ALA D 166 5.94 -34.66 17.24
CA ALA D 166 5.77 -36.07 16.93
C ALA D 166 5.20 -36.83 18.12
N ALA D 167 5.73 -36.58 19.32
CA ALA D 167 5.23 -37.27 20.51
C ALA D 167 3.85 -36.76 20.90
N TYR D 168 3.65 -35.44 20.83
CA TYR D 168 2.37 -34.86 21.22
C TYR D 168 1.25 -35.30 20.29
N SER D 169 1.51 -35.31 18.98
CA SER D 169 0.48 -35.72 18.02
C SER D 169 0.14 -37.19 18.18
N ALA D 170 1.13 -38.03 18.44
CA ALA D 170 0.88 -39.45 18.60
C ALA D 170 -0.04 -39.72 19.79
N SER D 171 0.20 -39.04 20.91
CA SER D 171 -0.66 -39.22 22.07
C SER D 171 -2.05 -38.67 21.82
N LYS D 172 -2.15 -37.49 21.20
CA LYS D 172 -3.46 -36.93 20.88
C LYS D 172 -4.14 -37.67 19.76
N GLY D 173 -3.37 -38.18 18.79
CA GLY D 173 -3.96 -38.98 17.73
C GLY D 173 -4.56 -40.26 18.25
N GLY D 174 -3.96 -40.85 19.28
CA GLY D 174 -4.52 -42.05 19.88
C GLY D 174 -5.86 -41.80 20.55
N ILE D 175 -6.03 -40.63 21.15
CA ILE D 175 -7.32 -40.29 21.76
C ILE D 175 -8.40 -40.23 20.68
N VAL D 176 -8.09 -39.63 19.53
CA VAL D 176 -9.00 -39.66 18.40
C VAL D 176 -9.22 -41.09 17.94
N GLY D 177 -8.20 -41.93 18.06
CA GLY D 177 -8.34 -43.31 17.67
C GLY D 177 -9.32 -44.09 18.54
N MET D 178 -9.25 -43.89 19.86
CA MET D 178 -10.04 -44.69 20.79
C MET D 178 -11.46 -44.20 20.97
N THR D 179 -11.80 -43.00 20.49
CA THR D 179 -13.08 -42.40 20.86
C THR D 179 -14.26 -43.20 20.32
N LEU D 180 -14.13 -43.77 19.12
CA LEU D 180 -15.23 -44.55 18.58
C LEU D 180 -15.24 -45.97 19.15
N PRO D 181 -14.12 -46.69 19.21
CA PRO D 181 -14.15 -48.03 19.81
C PRO D 181 -14.60 -48.03 21.27
N ILE D 182 -14.22 -47.02 22.04
CA ILE D 182 -14.68 -46.94 23.43
C ILE D 182 -16.16 -46.60 23.47
N ALA D 183 -16.61 -45.70 22.59
CA ALA D 183 -18.03 -45.41 22.51
C ALA D 183 -18.83 -46.66 22.16
N ARG D 184 -18.24 -47.55 21.37
CA ARG D 184 -18.90 -48.82 21.06
C ARG D 184 -18.88 -49.75 22.28
N ASP D 185 -17.78 -49.74 23.04
CA ASP D 185 -17.70 -50.58 24.24
C ASP D 185 -18.75 -50.19 25.26
N LEU D 186 -18.92 -48.89 25.49
CA LEU D 186 -19.78 -48.39 26.54
C LEU D 186 -21.21 -48.13 26.08
N ALA D 187 -21.52 -48.35 24.81
CA ALA D 187 -22.88 -48.13 24.33
C ALA D 187 -23.90 -49.02 25.03
N PRO D 188 -23.68 -50.33 25.22
CA PRO D 188 -24.65 -51.12 25.98
C PRO D 188 -24.90 -50.58 27.38
N ILE D 189 -23.85 -50.08 28.03
CA ILE D 189 -23.95 -49.52 29.36
C ILE D 189 -24.79 -48.26 29.33
N GLY D 190 -24.67 -47.50 28.25
CA GLY D 190 -25.34 -46.23 28.11
C GLY D 190 -24.47 -45.03 28.37
N ILE D 191 -23.17 -45.13 28.15
CA ILE D 191 -22.23 -44.04 28.39
C ILE D 191 -21.75 -43.51 27.04
N ARG D 192 -21.87 -42.20 26.85
CA ARG D 192 -21.41 -41.57 25.63
C ARG D 192 -19.96 -41.15 25.78
N VAL D 193 -19.20 -41.33 24.70
CA VAL D 193 -17.80 -40.92 24.65
C VAL D 193 -17.63 -39.95 23.51
N MET D 194 -17.09 -38.77 23.81
CA MET D 194 -16.87 -37.74 22.80
C MET D 194 -15.49 -37.14 23.01
N THR D 195 -15.00 -36.47 21.97
CA THR D 195 -13.68 -35.88 21.99
C THR D 195 -13.73 -34.48 21.41
N ILE D 196 -13.02 -33.56 22.03
CA ILE D 196 -12.87 -32.19 21.56
C ILE D 196 -11.43 -31.95 21.19
N ALA D 197 -11.20 -31.33 20.03
CA ALA D 197 -9.86 -31.05 19.54
C ALA D 197 -9.64 -29.54 19.51
N PRO D 198 -9.27 -28.92 20.64
CA PRO D 198 -9.03 -27.47 20.63
C PRO D 198 -7.83 -27.10 19.77
N GLY D 199 -7.88 -25.91 19.20
CA GLY D 199 -6.76 -25.39 18.46
C GLY D 199 -5.81 -24.60 19.33
N LEU D 200 -5.58 -23.33 18.99
CA LEU D 200 -4.74 -22.45 19.79
C LEU D 200 -5.61 -21.76 20.82
N PHE D 201 -5.35 -22.05 22.09
CA PHE D 201 -6.18 -21.54 23.18
C PHE D 201 -5.35 -20.75 24.16
N GLY D 202 -6.01 -19.84 24.87
CA GLY D 202 -5.34 -18.97 25.81
C GLY D 202 -5.00 -19.62 27.14
N THR D 203 -4.49 -20.84 27.09
CA THR D 203 -4.05 -21.53 28.29
C THR D 203 -2.74 -20.93 28.77
N PRO D 204 -2.35 -21.19 30.04
CA PRO D 204 -1.09 -20.66 30.54
C PRO D 204 0.12 -21.09 29.71
N LEU D 205 0.01 -22.23 29.02
CA LEU D 205 1.09 -22.65 28.13
C LEU D 205 1.31 -21.66 27.01
N LEU D 206 0.23 -21.15 26.41
CA LEU D 206 0.36 -20.23 25.28
C LEU D 206 0.55 -18.80 25.74
N THR D 207 -0.13 -18.39 26.82
CA THR D 207 -0.04 -17.02 27.30
C THR D 207 1.33 -16.69 27.89
N SER D 208 2.11 -17.71 28.28
CA SER D 208 3.44 -17.46 28.81
C SER D 208 4.43 -17.10 27.71
N LEU D 209 4.07 -17.32 26.45
CA LEU D 209 4.95 -17.03 25.33
C LEU D 209 5.11 -15.52 25.17
N PRO D 210 6.18 -15.08 24.51
CA PRO D 210 6.37 -13.64 24.31
C PRO D 210 5.23 -13.02 23.52
N GLU D 211 4.96 -11.75 23.80
CA GLU D 211 3.86 -11.05 23.15
C GLU D 211 4.03 -11.02 21.63
N LYS D 212 5.28 -11.05 21.17
CA LYS D 212 5.56 -11.03 19.74
C LYS D 212 4.98 -12.25 19.03
N VAL D 213 5.08 -13.41 19.65
CA VAL D 213 4.63 -14.65 19.02
C VAL D 213 3.19 -14.91 19.39
N CYS D 214 2.71 -14.32 20.48
CA CYS D 214 1.31 -14.44 20.86
C CYS D 214 0.42 -13.77 19.83
N ASN D 215 0.84 -12.59 19.35
CA ASN D 215 0.09 -11.91 18.30
C ASN D 215 0.10 -12.71 17.00
N PHE D 216 1.25 -13.33 16.68
CA PHE D 216 1.34 -14.12 15.46
C PHE D 216 0.40 -15.32 15.51
N LEU D 217 0.39 -16.03 16.64
CA LEU D 217 -0.49 -17.19 16.78
C LEU D 217 -1.95 -16.77 16.69
N ALA D 218 -2.30 -15.63 17.28
CA ALA D 218 -3.66 -15.13 17.16
C ALA D 218 -4.01 -14.79 15.72
N SER D 219 -3.05 -14.25 14.97
CA SER D 219 -3.32 -13.88 13.58
C SER D 219 -3.43 -15.09 12.67
N GLN D 220 -2.92 -16.25 13.09
CA GLN D 220 -2.98 -17.44 12.25
C GLN D 220 -4.37 -18.05 12.21
N VAL D 221 -5.23 -17.75 13.18
CA VAL D 221 -6.58 -18.28 13.20
C VAL D 221 -7.41 -17.51 12.17
N PRO D 222 -8.05 -18.20 11.21
CA PRO D 222 -8.85 -17.47 10.22
C PRO D 222 -9.92 -16.58 10.83
N PHE D 223 -10.82 -17.14 11.63
CA PHE D 223 -11.78 -16.32 12.36
C PHE D 223 -12.33 -17.10 13.55
N PRO D 224 -12.37 -16.49 14.74
CA PRO D 224 -11.90 -15.15 15.08
C PRO D 224 -10.38 -15.11 15.15
N SER D 225 -9.75 -14.00 14.76
CA SER D 225 -8.29 -13.92 14.75
C SER D 225 -7.77 -13.62 16.16
N ARG D 226 -7.98 -14.61 17.03
CA ARG D 226 -7.53 -14.52 18.41
C ARG D 226 -7.39 -15.93 18.96
N LEU D 227 -6.63 -16.05 20.05
CA LEU D 227 -6.51 -17.34 20.73
C LEU D 227 -7.84 -17.73 21.36
N GLY D 228 -8.11 -19.03 21.36
CA GLY D 228 -9.35 -19.54 21.92
C GLY D 228 -9.53 -19.22 23.38
N ASP D 229 -10.72 -18.73 23.73
CA ASP D 229 -11.03 -18.48 25.13
C ASP D 229 -11.35 -19.79 25.83
N PRO D 230 -10.69 -20.10 26.96
CA PRO D 230 -11.01 -21.34 27.68
C PRO D 230 -12.48 -21.46 28.02
N ALA D 231 -13.16 -20.33 28.18
CA ALA D 231 -14.60 -20.36 28.42
C ALA D 231 -15.36 -20.92 27.23
N GLU D 232 -14.83 -20.76 26.02
CA GLU D 232 -15.46 -21.35 24.84
C GLU D 232 -15.36 -22.86 24.84
N TYR D 233 -14.24 -23.41 25.34
CA TYR D 233 -14.13 -24.86 25.51
C TYR D 233 -15.16 -25.35 26.52
N ALA D 234 -15.36 -24.60 27.60
CA ALA D 234 -16.35 -24.98 28.60
C ALA D 234 -17.76 -24.98 28.00
N HIS D 235 -18.04 -24.01 27.13
CA HIS D 235 -19.35 -23.95 26.50
C HIS D 235 -19.63 -25.18 25.66
N LEU D 236 -18.64 -25.64 24.88
CA LEU D 236 -18.83 -26.80 24.03
C LEU D 236 -18.93 -28.08 24.86
N VAL D 237 -18.25 -28.13 26.01
CA VAL D 237 -18.37 -29.28 26.89
C VAL D 237 -19.81 -29.41 27.40
N GLN D 238 -20.40 -28.29 27.79
CA GLN D 238 -21.79 -28.31 28.25
C GLN D 238 -22.74 -28.75 27.13
N ALA D 239 -22.48 -28.28 25.90
CA ALA D 239 -23.35 -28.64 24.78
C ALA D 239 -23.31 -30.14 24.51
N ILE D 240 -22.13 -30.76 24.62
CA ILE D 240 -22.04 -32.21 24.43
C ILE D 240 -22.81 -32.94 25.52
N ILE D 241 -22.71 -32.45 26.76
CA ILE D 241 -23.41 -33.09 27.86
C ILE D 241 -24.92 -33.03 27.65
N GLU D 242 -25.43 -31.87 27.25
CA GLU D 242 -26.88 -31.69 27.12
C GLU D 242 -27.44 -32.41 25.89
N ASN D 243 -26.64 -32.56 24.83
CA ASN D 243 -27.13 -33.15 23.60
C ASN D 243 -27.00 -34.65 23.66
N PRO D 244 -28.12 -35.40 23.65
CA PRO D 244 -28.02 -36.86 23.84
C PRO D 244 -27.53 -37.62 22.63
N PHE D 245 -27.49 -37.01 21.45
CA PHE D 245 -27.17 -37.71 20.21
C PHE D 245 -25.73 -37.49 19.76
N LEU D 246 -24.88 -36.92 20.60
CA LEU D 246 -23.48 -36.74 20.28
C LEU D 246 -22.69 -37.89 20.92
N ASN D 247 -22.20 -38.80 20.08
CA ASN D 247 -21.47 -39.97 20.57
C ASN D 247 -20.41 -40.35 19.56
N GLY D 248 -19.21 -40.68 20.07
CA GLY D 248 -18.15 -41.18 19.23
C GLY D 248 -17.70 -40.26 18.12
N GLU D 249 -17.67 -38.95 18.36
CA GLU D 249 -17.30 -37.98 17.35
C GLU D 249 -16.26 -37.02 17.91
N VAL D 250 -15.33 -36.63 17.04
CA VAL D 250 -14.30 -35.64 17.37
C VAL D 250 -14.74 -34.30 16.80
N ILE D 251 -14.84 -33.31 17.67
CA ILE D 251 -15.25 -31.96 17.28
C ILE D 251 -14.03 -31.06 17.36
N ARG D 252 -13.68 -30.43 16.25
CA ARG D 252 -12.56 -29.50 16.22
C ARG D 252 -13.06 -28.10 16.59
N LEU D 253 -12.47 -27.54 17.63
CA LEU D 253 -12.82 -26.21 18.12
C LEU D 253 -11.55 -25.38 17.97
N ASP D 254 -11.33 -24.85 16.76
CA ASP D 254 -10.06 -24.21 16.45
C ASP D 254 -10.22 -22.97 15.59
N GLY D 255 -11.46 -22.56 15.32
CA GLY D 255 -11.68 -21.43 14.45
C GLY D 255 -11.19 -21.64 13.03
N ALA D 256 -11.34 -22.86 12.49
CA ALA D 256 -10.98 -23.22 11.13
C ALA D 256 -9.49 -23.09 10.85
N ILE D 257 -8.63 -23.24 11.86
CA ILE D 257 -7.20 -23.14 11.63
C ILE D 257 -6.65 -24.47 11.17
N ARG D 258 -5.72 -24.42 10.20
CA ARG D 258 -4.95 -25.57 9.78
C ARG D 258 -3.48 -25.24 9.97
N MET D 259 -2.83 -25.94 10.90
CA MET D 259 -1.48 -25.56 11.30
C MET D 259 -0.48 -25.82 10.18
N GLN D 260 0.36 -24.83 9.92
CA GLN D 260 1.41 -24.96 8.92
C GLN D 260 2.62 -25.69 9.52
N PRO D 261 3.46 -26.31 8.67
CA PRO D 261 4.66 -26.99 9.17
C PRO D 261 5.59 -26.07 9.94
N SER E 7 13.30 -47.70 -9.36
CA SER E 7 13.07 -49.10 -8.99
C SER E 7 13.66 -49.40 -7.62
N VAL E 8 13.29 -50.56 -7.05
CA VAL E 8 13.76 -50.95 -5.73
C VAL E 8 15.02 -51.81 -5.79
N LYS E 9 15.59 -52.02 -6.97
CA LYS E 9 16.78 -52.84 -7.09
C LYS E 9 17.97 -52.15 -6.43
N GLY E 10 18.66 -52.88 -5.56
CA GLY E 10 19.82 -52.37 -4.86
C GLY E 10 19.53 -51.72 -3.53
N LEU E 11 18.27 -51.41 -3.25
CA LEU E 11 17.92 -50.77 -2.00
C LEU E 11 18.08 -51.75 -0.84
N VAL E 12 18.40 -51.20 0.34
CA VAL E 12 18.52 -51.97 1.56
C VAL E 12 17.35 -51.59 2.47
N ALA E 13 16.52 -52.58 2.82
CA ALA E 13 15.31 -52.35 3.59
C ALA E 13 15.42 -53.05 4.95
N VAL E 14 15.08 -52.32 6.00
CA VAL E 14 15.00 -52.87 7.35
C VAL E 14 13.53 -53.11 7.66
N ILE E 15 13.13 -54.37 7.64
CA ILE E 15 11.73 -54.76 7.85
C ILE E 15 11.57 -55.13 9.31
N THR E 16 10.79 -54.33 10.03
CA THR E 16 10.52 -54.58 11.44
C THR E 16 9.40 -55.60 11.58
N GLY E 17 9.65 -56.62 12.39
CA GLY E 17 8.72 -57.73 12.48
C GLY E 17 8.59 -58.52 11.20
N GLY E 18 9.72 -58.83 10.55
CA GLY E 18 9.70 -59.46 9.25
C GLY E 18 9.78 -60.97 9.27
N ALA E 19 9.58 -61.61 10.41
CA ALA E 19 9.64 -63.06 10.48
C ALA E 19 8.34 -63.76 10.15
N SER E 20 7.23 -63.02 10.05
CA SER E 20 5.94 -63.62 9.75
C SER E 20 4.97 -62.53 9.28
N GLY E 21 3.91 -62.97 8.63
CA GLY E 21 2.83 -62.07 8.27
C GLY E 21 3.25 -61.03 7.25
N LEU E 22 2.88 -59.78 7.51
CA LEU E 22 3.14 -58.71 6.56
C LEU E 22 4.63 -58.46 6.39
N GLY E 23 5.40 -58.54 7.49
CA GLY E 23 6.83 -58.30 7.39
C GLY E 23 7.53 -59.32 6.52
N LEU E 24 7.18 -60.60 6.67
CA LEU E 24 7.81 -61.63 5.85
C LEU E 24 7.43 -61.49 4.38
N ALA E 25 6.17 -61.14 4.10
CA ALA E 25 5.75 -60.94 2.72
C ALA E 25 6.47 -59.74 2.10
N THR E 26 6.66 -58.68 2.87
CA THR E 26 7.38 -57.52 2.36
C THR E 26 8.83 -57.87 2.02
N ALA E 27 9.49 -58.63 2.90
CA ALA E 27 10.85 -59.06 2.63
C ALA E 27 10.91 -60.00 1.45
N GLU E 28 9.90 -60.87 1.31
CA GLU E 28 9.87 -61.82 0.20
C GLU E 28 9.81 -61.10 -1.14
N ARG E 29 8.99 -60.05 -1.24
CA ARG E 29 8.88 -59.34 -2.51
C ARG E 29 10.11 -58.49 -2.79
N LEU E 30 10.60 -57.74 -1.79
CA LEU E 30 11.72 -56.84 -2.03
C LEU E 30 12.98 -57.59 -2.40
N VAL E 31 13.25 -58.71 -1.73
CA VAL E 31 14.42 -59.52 -2.07
C VAL E 31 14.28 -60.09 -3.47
N GLY E 32 13.08 -60.53 -3.84
CA GLY E 32 12.86 -61.05 -5.17
C GLY E 32 13.08 -60.01 -6.25
N GLN E 33 12.75 -58.75 -5.96
CA GLN E 33 12.94 -57.66 -6.89
C GLN E 33 14.39 -57.17 -6.97
N GLY E 34 15.27 -57.70 -6.13
CA GLY E 34 16.66 -57.33 -6.14
C GLY E 34 17.14 -56.46 -5.00
N ALA E 35 16.30 -56.22 -3.99
CA ALA E 35 16.70 -55.42 -2.85
C ALA E 35 17.31 -56.29 -1.75
N SER E 36 17.85 -55.64 -0.73
CA SER E 36 18.40 -56.32 0.43
C SER E 36 17.51 -56.05 1.65
N ALA E 37 17.34 -57.08 2.46
CA ALA E 37 16.40 -57.03 3.57
C ALA E 37 17.09 -57.40 4.88
N VAL E 38 16.60 -56.83 5.98
CA VAL E 38 17.05 -57.15 7.32
C VAL E 38 15.81 -57.42 8.16
N LEU E 39 15.64 -58.67 8.59
CA LEU E 39 14.48 -59.04 9.38
C LEU E 39 14.73 -58.68 10.83
N LEU E 40 14.11 -57.59 11.29
CA LEU E 40 14.23 -57.14 12.67
C LEU E 40 13.03 -57.68 13.44
N ASP E 41 13.23 -58.79 14.16
CA ASP E 41 12.15 -59.41 14.91
C ASP E 41 12.71 -59.98 16.20
N LEU E 42 11.82 -60.59 16.99
CA LEU E 42 12.18 -61.14 18.28
C LEU E 42 13.03 -62.40 18.12
N PRO E 43 13.86 -62.72 19.11
CA PRO E 43 14.72 -63.90 19.00
C PRO E 43 13.97 -65.21 18.86
N ASN E 44 12.77 -65.33 19.44
CA ASN E 44 12.01 -66.57 19.39
C ASN E 44 11.03 -66.61 18.22
N SER E 45 11.09 -65.64 17.31
CA SER E 45 10.15 -65.56 16.21
C SER E 45 10.45 -66.53 15.08
N GLY E 46 11.63 -67.16 15.08
CA GLY E 46 12.00 -68.01 13.97
C GLY E 46 12.45 -67.25 12.74
N GLY E 47 13.01 -66.06 12.92
CA GLY E 47 13.42 -65.26 11.77
C GLY E 47 14.69 -65.76 11.11
N GLU E 48 15.51 -66.54 11.83
CA GLU E 48 16.74 -67.05 11.24
C GLU E 48 16.43 -68.03 10.09
N ALA E 49 15.38 -68.83 10.24
CA ALA E 49 14.97 -69.71 9.15
C ALA E 49 14.50 -68.90 7.95
N GLN E 50 13.74 -67.83 8.19
CA GLN E 50 13.25 -67.01 7.09
C GLN E 50 14.40 -66.33 6.37
N ALA E 51 15.39 -65.83 7.12
CA ALA E 51 16.53 -65.17 6.49
C ALA E 51 17.34 -66.12 5.64
N LYS E 52 17.50 -67.37 6.09
CA LYS E 52 18.23 -68.36 5.29
C LYS E 52 17.47 -68.70 4.01
N LYS E 53 16.14 -68.83 4.12
CA LYS E 53 15.33 -69.21 2.97
C LYS E 53 15.35 -68.14 1.88
N LEU E 54 15.61 -66.89 2.25
CA LEU E 54 15.56 -65.77 1.31
C LEU E 54 16.91 -65.50 0.65
N GLY E 55 17.92 -66.32 0.91
CA GLY E 55 19.21 -66.18 0.27
C GLY E 55 20.15 -65.28 1.04
N ASN E 56 21.31 -65.04 0.44
CA ASN E 56 22.35 -64.23 1.05
C ASN E 56 21.99 -62.76 1.12
N ASN E 57 20.95 -62.33 0.41
CA ASN E 57 20.53 -60.93 0.42
C ASN E 57 19.67 -60.57 1.63
N CYS E 58 19.31 -61.56 2.45
CA CYS E 58 18.51 -61.32 3.64
C CYS E 58 19.26 -61.80 4.87
N VAL E 59 19.22 -60.99 5.91
CA VAL E 59 19.89 -61.31 7.17
C VAL E 59 18.90 -61.08 8.30
N PHE E 60 19.11 -61.78 9.41
CA PHE E 60 18.22 -61.71 10.57
C PHE E 60 18.88 -60.91 11.68
N ALA E 61 18.15 -59.96 12.24
CA ALA E 61 18.64 -59.13 13.34
C ALA E 61 17.71 -59.28 14.53
N PRO E 62 18.03 -60.11 15.52
CA PRO E 62 17.13 -60.29 16.66
C PRO E 62 17.11 -59.08 17.58
N ALA E 63 15.98 -58.39 17.66
CA ALA E 63 15.89 -57.18 18.45
C ALA E 63 14.45 -56.93 18.87
N ASP E 64 14.29 -56.35 20.06
CA ASP E 64 12.99 -55.91 20.53
C ASP E 64 12.80 -54.44 20.18
N VAL E 65 11.69 -54.13 19.50
CA VAL E 65 11.46 -52.76 19.04
C VAL E 65 11.30 -51.80 20.21
N THR E 66 10.88 -52.28 21.38
CA THR E 66 10.74 -51.42 22.54
C THR E 66 12.08 -51.10 23.19
N SER E 67 13.14 -51.82 22.84
CA SER E 67 14.44 -51.63 23.46
C SER E 67 15.33 -50.79 22.55
N GLU E 68 15.83 -49.68 23.08
CA GLU E 68 16.73 -48.82 22.31
C GLU E 68 18.04 -49.53 22.01
N LYS E 69 18.57 -50.29 22.98
CA LYS E 69 19.82 -51.00 22.77
C LYS E 69 19.69 -52.06 21.69
N ASP E 70 18.57 -52.78 21.68
CA ASP E 70 18.38 -53.86 20.72
C ASP E 70 18.31 -53.33 19.29
N VAL E 71 17.59 -52.22 19.08
CA VAL E 71 17.45 -51.68 17.74
C VAL E 71 18.78 -51.13 17.24
N GLN E 72 19.55 -50.47 18.10
CA GLN E 72 20.82 -49.90 17.67
C GLN E 72 21.79 -50.99 17.22
N THR E 73 21.84 -52.11 17.94
CA THR E 73 22.68 -53.22 17.51
C THR E 73 22.15 -53.82 16.20
N ALA E 74 20.83 -53.95 16.08
CA ALA E 74 20.25 -54.47 14.85
C ALA E 74 20.54 -53.55 13.67
N LEU E 75 20.42 -52.24 13.87
CA LEU E 75 20.74 -51.29 12.80
C LEU E 75 22.23 -51.34 12.46
N ALA E 76 23.09 -51.47 13.46
CA ALA E 76 24.52 -51.58 13.20
C ALA E 76 24.84 -52.83 12.40
N LEU E 77 24.07 -53.90 12.62
CA LEU E 77 24.27 -55.12 11.83
C LEU E 77 23.95 -54.88 10.36
N ALA E 78 22.88 -54.13 10.08
CA ALA E 78 22.55 -53.79 8.70
C ALA E 78 23.64 -52.92 8.07
N LYS E 79 24.19 -52.00 8.86
CA LYS E 79 25.30 -51.19 8.37
C LYS E 79 26.51 -52.07 8.05
N GLY E 80 26.82 -53.02 8.92
CA GLY E 80 27.94 -53.91 8.66
C GLY E 80 27.72 -54.81 7.46
N LYS E 81 26.51 -55.39 7.36
CA LYS E 81 26.25 -56.35 6.30
C LYS E 81 26.06 -55.68 4.95
N PHE E 82 25.32 -54.56 4.91
CA PHE E 82 24.93 -53.96 3.64
C PHE E 82 25.49 -52.56 3.41
N GLY E 83 25.93 -51.87 4.45
CA GLY E 83 26.56 -50.57 4.26
C GLY E 83 25.68 -49.38 4.51
N ARG E 84 24.40 -49.48 4.12
CA ARG E 84 23.48 -48.35 4.23
C ARG E 84 22.09 -48.87 4.54
N VAL E 85 21.22 -47.97 5.00
CA VAL E 85 19.81 -48.23 5.19
C VAL E 85 19.03 -47.30 4.29
N ASP E 86 18.19 -47.86 3.42
CA ASP E 86 17.43 -47.09 2.46
C ASP E 86 15.94 -47.05 2.77
N VAL E 87 15.38 -48.15 3.26
CA VAL E 87 13.95 -48.26 3.51
C VAL E 87 13.74 -48.87 4.88
N ALA E 88 12.76 -48.37 5.61
CA ALA E 88 12.34 -48.93 6.89
C ALA E 88 10.84 -49.19 6.84
N VAL E 89 10.45 -50.43 7.13
CA VAL E 89 9.05 -50.83 7.14
C VAL E 89 8.72 -51.37 8.53
N ASN E 90 7.84 -50.68 9.23
CA ASN E 90 7.45 -51.06 10.59
C ASN E 90 6.21 -51.93 10.52
N CYS E 91 6.38 -53.24 10.71
CA CYS E 91 5.27 -54.18 10.60
C CYS E 91 5.00 -54.92 11.90
N ALA E 92 5.89 -54.84 12.89
CA ALA E 92 5.68 -55.56 14.13
C ALA E 92 4.54 -54.94 14.93
N GLY E 93 3.74 -55.79 15.54
CA GLY E 93 2.61 -55.31 16.32
C GLY E 93 1.90 -56.45 16.99
N ILE E 94 1.32 -56.14 18.15
CA ILE E 94 0.54 -57.11 18.91
C ILE E 94 -0.88 -56.59 19.02
N ALA E 95 -1.76 -57.37 19.65
CA ALA E 95 -3.16 -56.98 19.76
C ALA E 95 -3.73 -57.54 21.05
N VAL E 96 -4.82 -56.92 21.52
CA VAL E 96 -5.55 -57.35 22.70
C VAL E 96 -7.04 -57.22 22.40
N ALA E 97 -7.82 -58.16 22.92
CA ALA E 97 -9.26 -58.23 22.65
C ALA E 97 -10.08 -57.90 23.89
N SER E 98 -9.46 -57.34 24.92
CA SER E 98 -10.19 -56.94 26.12
C SER E 98 -11.04 -55.71 25.85
N LYS E 99 -12.21 -55.67 26.47
CA LYS E 99 -13.11 -54.54 26.37
C LYS E 99 -12.82 -53.53 27.47
N THR E 100 -13.23 -52.28 27.23
CA THR E 100 -12.95 -51.20 28.18
C THR E 100 -13.56 -51.49 29.55
N TYR E 101 -14.84 -51.82 29.58
CA TYR E 101 -15.51 -52.17 30.83
C TYR E 101 -16.72 -53.03 30.50
N ASN E 102 -16.92 -54.08 31.29
CA ASN E 102 -18.04 -55.00 31.12
C ASN E 102 -18.92 -54.90 32.36
N LEU E 103 -20.09 -54.27 32.21
CA LEU E 103 -20.97 -54.05 33.35
C LEU E 103 -21.49 -55.38 33.91
N LYS E 104 -21.86 -56.31 33.03
CA LYS E 104 -22.45 -57.56 33.49
C LYS E 104 -21.49 -58.37 34.34
N LYS E 105 -20.23 -58.49 33.92
CA LYS E 105 -19.24 -59.25 34.66
C LYS E 105 -18.43 -58.40 35.63
N GLY E 106 -18.65 -57.09 35.65
CA GLY E 106 -17.83 -56.23 36.52
C GLY E 106 -16.37 -56.29 36.19
N GLN E 107 -16.03 -56.36 34.90
CA GLN E 107 -14.66 -56.51 34.45
C GLN E 107 -14.20 -55.21 33.79
N THR E 108 -13.03 -54.73 34.19
CA THR E 108 -12.44 -53.51 33.66
C THR E 108 -11.17 -53.87 32.90
N HIS E 109 -10.99 -53.25 31.73
CA HIS E 109 -9.75 -53.38 30.96
C HIS E 109 -8.54 -53.12 31.85
N THR E 110 -7.71 -54.14 32.01
CA THR E 110 -6.54 -54.01 32.87
C THR E 110 -5.54 -53.05 32.23
N LEU E 111 -4.85 -52.30 33.09
CA LEU E 111 -4.00 -51.22 32.61
C LEU E 111 -2.77 -51.76 31.87
N GLU E 112 -2.28 -52.93 32.27
CA GLU E 112 -1.05 -53.44 31.69
C GLU E 112 -1.26 -53.89 30.25
N ASP E 113 -2.45 -54.39 29.92
CA ASP E 113 -2.74 -54.75 28.54
C ASP E 113 -2.70 -53.54 27.62
N PHE E 114 -3.28 -52.42 28.07
CA PHE E 114 -3.21 -51.20 27.28
C PHE E 114 -1.78 -50.69 27.18
N GLN E 115 -1.01 -50.76 28.27
CA GLN E 115 0.37 -50.32 28.24
C GLN E 115 1.23 -51.19 27.33
N ARG E 116 1.02 -52.52 27.39
CA ARG E 116 1.86 -53.43 26.61
C ARG E 116 1.60 -53.27 25.12
N VAL E 117 0.34 -53.10 24.72
CA VAL E 117 0.03 -52.91 23.31
C VAL E 117 0.59 -51.58 22.82
N LEU E 118 0.45 -50.53 23.64
CA LEU E 118 0.93 -49.21 23.25
C LEU E 118 2.44 -49.20 23.08
N ASP E 119 3.15 -49.90 23.97
CA ASP E 119 4.61 -49.92 23.92
C ASP E 119 5.12 -50.53 22.61
N VAL E 120 4.61 -51.70 22.26
CA VAL E 120 5.09 -52.40 21.08
C VAL E 120 4.65 -51.69 19.81
N ASN E 121 3.38 -51.27 19.77
CA ASN E 121 2.82 -50.75 18.52
C ASN E 121 3.19 -49.29 18.31
N LEU E 122 2.95 -48.44 19.30
CA LEU E 122 3.18 -47.00 19.14
C LEU E 122 4.61 -46.62 19.51
N MET E 123 5.03 -46.90 20.74
CA MET E 123 6.38 -46.54 21.16
C MET E 123 7.44 -47.32 20.40
N GLY E 124 7.18 -48.60 20.10
CA GLY E 124 8.13 -49.37 19.33
C GLY E 124 8.31 -48.84 17.92
N THR E 125 7.23 -48.41 17.28
CA THR E 125 7.35 -47.83 15.94
C THR E 125 8.17 -46.56 15.97
N PHE E 126 7.91 -45.68 16.93
CA PHE E 126 8.69 -44.45 17.02
C PHE E 126 10.14 -44.72 17.38
N ASN E 127 10.40 -45.75 18.20
CA ASN E 127 11.77 -46.08 18.54
C ASN E 127 12.57 -46.46 17.31
N VAL E 128 11.97 -47.23 16.40
CA VAL E 128 12.64 -47.60 15.17
C VAL E 128 12.78 -46.40 14.25
N ILE E 129 11.74 -45.55 14.19
CA ILE E 129 11.75 -44.41 13.28
C ILE E 129 12.88 -43.46 13.60
N ARG E 130 13.05 -43.11 14.88
CA ARG E 130 14.08 -42.15 15.25
C ARG E 130 15.48 -42.70 15.11
N LEU E 131 15.67 -44.00 15.36
CA LEU E 131 17.00 -44.58 15.23
C LEU E 131 17.36 -44.82 13.76
N VAL E 132 16.37 -45.22 12.95
CA VAL E 132 16.64 -45.41 11.53
C VAL E 132 16.77 -44.09 10.81
N ALA E 133 16.25 -43.01 11.41
CA ALA E 133 16.41 -41.68 10.81
C ALA E 133 17.87 -41.23 10.85
N GLY E 134 18.59 -41.58 11.92
CA GLY E 134 20.01 -41.27 11.96
C GLY E 134 20.81 -42.03 10.92
N GLU E 135 20.47 -43.31 10.72
CA GLU E 135 21.18 -44.11 9.72
C GLU E 135 20.84 -43.64 8.31
N MET E 136 19.58 -43.29 8.07
CA MET E 136 19.20 -42.76 6.76
C MET E 136 19.78 -41.38 6.52
N GLY E 137 20.05 -40.62 7.58
CA GLY E 137 20.64 -39.31 7.43
C GLY E 137 22.08 -39.32 6.98
N GLN E 138 22.74 -40.48 7.03
CA GLN E 138 24.11 -40.59 6.54
C GLN E 138 24.17 -40.87 5.04
N ASN E 139 23.06 -41.26 4.43
CA ASN E 139 23.05 -41.57 3.00
C ASN E 139 23.22 -40.30 2.17
N GLU E 140 23.84 -40.45 1.02
CA GLU E 140 23.94 -39.35 0.07
C GLU E 140 22.59 -39.14 -0.59
N PRO E 141 22.12 -37.90 -0.69
CA PRO E 141 20.86 -37.65 -1.42
C PRO E 141 20.99 -38.10 -2.87
N ASP E 142 19.96 -38.77 -3.36
CA ASP E 142 19.97 -39.31 -4.72
C ASP E 142 19.62 -38.19 -5.70
N GLN E 143 19.35 -38.55 -6.96
CA GLN E 143 19.06 -37.55 -7.99
C GLN E 143 17.86 -36.69 -7.61
N GLY E 144 16.88 -37.27 -6.90
CA GLY E 144 15.74 -36.53 -6.43
C GLY E 144 15.89 -35.91 -5.06
N GLY E 145 17.07 -36.00 -4.45
CA GLY E 145 17.28 -35.48 -3.12
C GLY E 145 16.75 -36.33 -1.99
N GLN E 146 16.43 -37.59 -2.25
CA GLN E 146 15.83 -38.47 -1.26
C GLN E 146 16.91 -39.30 -0.56
N ARG E 147 16.81 -39.37 0.77
CA ARG E 147 17.72 -40.17 1.56
C ARG E 147 17.14 -41.50 2.01
N GLY E 148 15.83 -41.63 2.06
CA GLY E 148 15.22 -42.89 2.48
C GLY E 148 13.72 -42.78 2.50
N VAL E 149 13.08 -43.91 2.82
CA VAL E 149 11.63 -44.00 2.91
C VAL E 149 11.29 -44.79 4.16
N ILE E 150 10.37 -44.27 4.97
CA ILE E 150 9.91 -44.93 6.19
C ILE E 150 8.42 -45.22 6.02
N ILE E 151 8.06 -46.50 6.09
CA ILE E 151 6.69 -46.94 5.91
C ILE E 151 6.20 -47.52 7.22
N ASN E 152 5.12 -46.97 7.76
CA ASN E 152 4.51 -47.45 8.99
C ASN E 152 3.24 -48.23 8.69
N THR E 153 2.91 -49.15 9.59
CA THR E 153 1.73 -50.00 9.44
C THR E 153 0.76 -49.70 10.57
N ALA E 154 -0.22 -48.85 10.29
CA ALA E 154 -1.35 -48.66 11.20
C ALA E 154 -2.38 -49.74 10.91
N SER E 155 -3.61 -49.55 11.37
CA SER E 155 -4.67 -50.50 11.07
C SER E 155 -5.95 -49.73 10.77
N VAL E 156 -6.91 -50.43 10.17
CA VAL E 156 -8.24 -49.87 9.97
C VAL E 156 -8.89 -49.54 11.31
N ALA E 157 -8.48 -50.22 12.37
CA ALA E 157 -9.03 -49.94 13.70
C ALA E 157 -8.70 -48.52 14.14
N ALA E 158 -7.71 -47.88 13.51
CA ALA E 158 -7.41 -46.49 13.82
C ALA E 158 -8.56 -45.55 13.41
N PHE E 159 -9.48 -46.02 12.57
CA PHE E 159 -10.61 -45.22 12.13
C PHE E 159 -11.95 -45.73 12.65
N GLU E 160 -12.21 -47.05 12.53
CA GLU E 160 -13.50 -47.64 12.88
C GLU E 160 -13.25 -48.91 13.70
N GLY E 161 -12.45 -48.78 14.75
CA GLY E 161 -12.13 -49.94 15.57
C GLY E 161 -13.37 -50.56 16.18
N GLN E 162 -13.32 -51.88 16.35
CA GLN E 162 -14.47 -52.64 16.82
C GLN E 162 -14.55 -52.60 18.35
N VAL E 163 -15.52 -53.36 18.87
CA VAL E 163 -15.65 -53.52 20.31
C VAL E 163 -14.48 -54.34 20.84
N GLY E 164 -13.92 -53.90 21.97
CA GLY E 164 -12.79 -54.61 22.55
C GLY E 164 -11.47 -54.32 21.86
N GLN E 165 -11.40 -53.22 21.11
CA GLN E 165 -10.18 -52.83 20.40
C GLN E 165 -9.70 -51.45 20.82
N ALA E 166 -10.00 -51.03 22.06
CA ALA E 166 -9.61 -49.69 22.51
C ALA E 166 -8.09 -49.55 22.54
N ALA E 167 -7.40 -50.56 23.04
CA ALA E 167 -5.94 -50.50 23.09
C ALA E 167 -5.33 -50.52 21.69
N TYR E 168 -5.86 -51.37 20.81
CA TYR E 168 -5.33 -51.46 19.46
C TYR E 168 -5.60 -50.19 18.67
N SER E 169 -6.79 -49.61 18.82
CA SER E 169 -7.11 -48.39 18.10
C SER E 169 -6.29 -47.22 18.60
N ALA E 170 -5.99 -47.18 19.90
CA ALA E 170 -5.18 -46.10 20.45
C ALA E 170 -3.78 -46.10 19.84
N SER E 171 -3.12 -47.25 19.83
CA SER E 171 -1.78 -47.32 19.27
C SER E 171 -1.78 -47.08 17.76
N LYS E 172 -2.77 -47.63 17.07
CA LYS E 172 -2.86 -47.42 15.63
C LYS E 172 -3.28 -46.00 15.29
N GLY E 173 -4.15 -45.40 16.12
CA GLY E 173 -4.49 -44.00 15.92
C GLY E 173 -3.30 -43.10 16.14
N GLY E 174 -2.43 -43.46 17.07
CA GLY E 174 -1.23 -42.67 17.30
C GLY E 174 -0.29 -42.67 16.11
N ILE E 175 -0.15 -43.82 15.46
CA ILE E 175 0.69 -43.93 14.28
C ILE E 175 0.14 -43.04 13.17
N VAL E 176 -1.18 -43.07 12.97
CA VAL E 176 -1.81 -42.18 12.00
C VAL E 176 -1.64 -40.73 12.42
N GLY E 177 -1.70 -40.44 13.72
CA GLY E 177 -1.55 -39.08 14.19
C GLY E 177 -0.18 -38.49 13.97
N MET E 178 0.86 -39.29 14.15
CA MET E 178 2.24 -38.80 14.08
C MET E 178 2.89 -39.01 12.72
N THR E 179 2.17 -39.54 11.74
CA THR E 179 2.80 -39.77 10.44
C THR E 179 3.08 -38.47 9.71
N LEU E 180 2.29 -37.43 9.96
CA LEU E 180 2.51 -36.14 9.32
C LEU E 180 3.60 -35.31 10.02
N PRO E 181 3.57 -35.16 11.35
CA PRO E 181 4.68 -34.42 11.99
C PRO E 181 6.05 -35.02 11.74
N ILE E 182 6.15 -36.35 11.70
CA ILE E 182 7.43 -36.98 11.40
C ILE E 182 7.81 -36.73 9.95
N ALA E 183 6.84 -36.77 9.04
CA ALA E 183 7.11 -36.43 7.65
C ALA E 183 7.57 -34.99 7.52
N ARG E 184 7.01 -34.10 8.33
CA ARG E 184 7.46 -32.71 8.39
C ARG E 184 8.80 -32.57 9.10
N ASP E 185 9.03 -33.36 10.15
CA ASP E 185 10.32 -33.33 10.84
C ASP E 185 11.45 -33.75 9.91
N LEU E 186 11.23 -34.81 9.13
CA LEU E 186 12.26 -35.39 8.29
C LEU E 186 12.29 -34.83 6.88
N ALA E 187 11.42 -33.87 6.58
CA ALA E 187 11.41 -33.28 5.24
C ALA E 187 12.71 -32.60 4.85
N PRO E 188 13.34 -31.78 5.70
CA PRO E 188 14.64 -31.21 5.30
C PRO E 188 15.71 -32.25 5.03
N ILE E 189 15.69 -33.37 5.75
CA ILE E 189 16.66 -34.43 5.51
C ILE E 189 16.41 -35.09 4.16
N GLY E 190 15.16 -35.26 3.77
CA GLY E 190 14.84 -35.94 2.53
C GLY E 190 14.35 -37.35 2.74
N ILE E 191 13.54 -37.54 3.78
CA ILE E 191 13.01 -38.85 4.15
C ILE E 191 11.49 -38.78 4.07
N ARG E 192 10.90 -39.72 3.33
CA ARG E 192 9.45 -39.78 3.22
C ARG E 192 8.87 -40.74 4.24
N VAL E 193 7.80 -40.30 4.90
CA VAL E 193 7.09 -41.10 5.88
C VAL E 193 5.68 -41.35 5.36
N MET E 194 5.33 -42.62 5.23
CA MET E 194 4.01 -42.99 4.72
C MET E 194 3.45 -44.10 5.61
N THR E 195 2.13 -44.16 5.68
CA THR E 195 1.45 -45.08 6.60
C THR E 195 0.46 -45.92 5.82
N ILE E 196 0.47 -47.23 6.10
CA ILE E 196 -0.49 -48.16 5.52
C ILE E 196 -1.43 -48.62 6.63
N ALA E 197 -2.71 -48.72 6.29
CA ALA E 197 -3.75 -49.10 7.24
C ALA E 197 -4.46 -50.33 6.71
N PRO E 198 -3.86 -51.51 6.85
CA PRO E 198 -4.50 -52.73 6.35
C PRO E 198 -5.71 -53.10 7.21
N GLY E 199 -6.60 -53.89 6.61
CA GLY E 199 -7.75 -54.39 7.33
C GLY E 199 -8.07 -55.83 6.98
N LEU E 200 -8.07 -56.70 7.97
CA LEU E 200 -8.44 -58.11 7.81
C LEU E 200 -7.58 -58.80 6.75
N PHE E 201 -6.30 -58.95 7.04
CA PHE E 201 -5.36 -59.64 6.16
C PHE E 201 -5.14 -61.06 6.63
N GLY E 202 -4.81 -61.94 5.68
CA GLY E 202 -4.60 -63.34 5.99
C GLY E 202 -3.32 -63.60 6.75
N THR E 203 -3.18 -62.95 7.89
CA THR E 203 -2.03 -63.07 8.77
C THR E 203 -2.31 -64.08 9.87
N PRO E 204 -1.29 -64.47 10.65
CA PRO E 204 -1.55 -65.30 11.83
C PRO E 204 -2.50 -64.63 12.81
N LEU E 205 -2.53 -63.30 12.79
CA LEU E 205 -3.47 -62.57 13.65
C LEU E 205 -4.91 -62.91 13.28
N LEU E 206 -5.21 -62.98 11.98
CA LEU E 206 -6.54 -63.36 11.51
C LEU E 206 -6.71 -64.87 11.41
N THR E 207 -5.88 -65.63 12.11
CA THR E 207 -6.09 -67.07 12.29
C THR E 207 -6.20 -67.48 13.74
N SER E 208 -5.78 -66.63 14.68
CA SER E 208 -5.98 -66.92 16.10
C SER E 208 -7.46 -66.84 16.46
N LEU E 209 -8.20 -65.94 15.82
CA LEU E 209 -9.63 -65.81 16.08
C LEU E 209 -10.36 -67.06 15.59
N PRO E 210 -11.55 -67.34 16.14
CA PRO E 210 -12.29 -68.54 15.73
C PRO E 210 -12.53 -68.57 14.22
N GLU E 211 -12.45 -69.78 13.65
CA GLU E 211 -12.53 -69.92 12.20
C GLU E 211 -13.87 -69.44 11.66
N LYS E 212 -14.95 -69.77 12.35
CA LYS E 212 -16.27 -69.34 11.90
C LYS E 212 -16.38 -67.81 11.90
N VAL E 213 -15.81 -67.15 12.92
CA VAL E 213 -15.75 -65.69 12.91
C VAL E 213 -14.86 -65.22 11.77
N CYS E 214 -13.70 -65.87 11.59
CA CYS E 214 -12.76 -65.46 10.54
C CYS E 214 -13.37 -65.66 9.16
N ASN E 215 -14.04 -66.79 8.93
CA ASN E 215 -14.68 -67.01 7.65
C ASN E 215 -15.83 -66.05 7.42
N PHE E 216 -16.42 -65.52 8.49
CA PHE E 216 -17.49 -64.54 8.36
C PHE E 216 -16.94 -63.17 7.96
N LEU E 217 -15.79 -62.78 8.52
CA LEU E 217 -15.19 -61.49 8.16
C LEU E 217 -14.78 -61.47 6.70
N ALA E 218 -14.34 -62.62 6.17
CA ALA E 218 -13.97 -62.68 4.76
C ALA E 218 -15.15 -62.35 3.87
N SER E 219 -16.37 -62.64 4.31
CA SER E 219 -17.55 -62.25 3.55
C SER E 219 -17.98 -60.81 3.80
N GLN E 220 -17.44 -60.19 4.85
CA GLN E 220 -17.80 -58.80 5.15
C GLN E 220 -17.13 -57.81 4.23
N VAL E 221 -15.97 -58.15 3.68
CA VAL E 221 -15.25 -57.28 2.75
C VAL E 221 -16.09 -57.14 1.49
N PRO E 222 -16.44 -55.92 1.08
CA PRO E 222 -17.24 -55.74 -0.15
C PRO E 222 -16.59 -56.38 -1.37
N PHE E 223 -15.36 -55.98 -1.68
CA PHE E 223 -14.62 -56.60 -2.76
C PHE E 223 -13.15 -56.28 -2.62
N PRO E 224 -12.25 -57.26 -2.76
CA PRO E 224 -12.52 -58.70 -2.95
C PRO E 224 -13.09 -59.32 -1.68
N SER E 225 -14.10 -60.18 -1.81
CA SER E 225 -14.76 -60.77 -0.65
C SER E 225 -13.92 -61.94 -0.13
N ARG E 226 -12.81 -61.58 0.50
CA ARG E 226 -11.86 -62.55 1.04
C ARG E 226 -10.94 -61.82 2.00
N LEU E 227 -10.01 -62.55 2.59
CA LEU E 227 -8.99 -61.96 3.42
C LEU E 227 -7.85 -61.42 2.56
N GLY E 228 -7.29 -60.29 2.99
CA GLY E 228 -6.23 -59.67 2.23
C GLY E 228 -4.99 -60.56 2.18
N ASP E 229 -4.46 -60.75 1.00
CA ASP E 229 -3.23 -61.50 0.82
C ASP E 229 -2.04 -60.64 1.28
N PRO E 230 -1.17 -61.15 2.14
CA PRO E 230 0.00 -60.38 2.58
C PRO E 230 0.86 -59.92 1.41
N ALA E 231 0.83 -60.66 0.30
CA ALA E 231 1.55 -60.23 -0.90
C ALA E 231 0.98 -58.92 -1.43
N GLU E 232 -0.32 -58.69 -1.28
CA GLU E 232 -0.91 -57.42 -1.70
C GLU E 232 -0.36 -56.27 -0.87
N TYR E 233 -0.14 -56.50 0.43
CA TYR E 233 0.53 -55.51 1.26
C TYR E 233 1.95 -55.27 0.79
N ALA E 234 2.65 -56.33 0.41
CA ALA E 234 4.02 -56.18 -0.07
C ALA E 234 4.06 -55.40 -1.37
N HIS E 235 3.07 -55.61 -2.24
CA HIS E 235 3.00 -54.85 -3.48
C HIS E 235 2.82 -53.36 -3.22
N LEU E 236 1.97 -53.00 -2.26
CA LEU E 236 1.75 -51.59 -1.96
C LEU E 236 3.00 -50.95 -1.38
N VAL E 237 3.76 -51.69 -0.57
CA VAL E 237 4.99 -51.16 0.00
C VAL E 237 5.97 -50.81 -1.11
N GLN E 238 6.11 -51.69 -2.10
CA GLN E 238 6.98 -51.40 -3.23
C GLN E 238 6.49 -50.18 -4.01
N ALA E 239 5.17 -50.05 -4.15
CA ALA E 239 4.61 -48.89 -4.85
C ALA E 239 4.96 -47.59 -4.13
N ILE E 240 4.88 -47.59 -2.81
CA ILE E 240 5.21 -46.38 -2.04
C ILE E 240 6.68 -46.04 -2.18
N ILE E 241 7.54 -47.06 -2.21
CA ILE E 241 8.98 -46.81 -2.36
C ILE E 241 9.29 -46.17 -3.70
N GLU E 242 8.67 -46.65 -4.78
CA GLU E 242 9.01 -46.19 -6.12
C GLU E 242 8.34 -44.88 -6.50
N ASN E 243 7.43 -44.37 -5.69
CA ASN E 243 6.73 -43.13 -6.01
C ASN E 243 7.31 -41.99 -5.19
N PRO E 244 8.05 -41.05 -5.79
CA PRO E 244 8.69 -39.99 -5.00
C PRO E 244 7.73 -39.03 -4.35
N PHE E 245 6.48 -38.95 -4.79
CA PHE E 245 5.57 -37.93 -4.28
C PHE E 245 4.63 -38.43 -3.19
N LEU E 246 4.70 -39.71 -2.82
CA LEU E 246 3.90 -40.21 -1.71
C LEU E 246 4.59 -39.88 -0.40
N ASN E 247 3.97 -39.04 0.42
CA ASN E 247 4.59 -38.59 1.65
C ASN E 247 3.52 -38.06 2.59
N GLY E 248 3.56 -38.51 3.85
CA GLY E 248 2.70 -38.00 4.89
C GLY E 248 1.24 -38.43 4.81
N GLU E 249 0.93 -39.47 4.04
CA GLU E 249 -0.44 -39.90 3.83
C GLU E 249 -0.65 -41.29 4.41
N VAL E 250 -1.88 -41.55 4.85
CA VAL E 250 -2.30 -42.86 5.32
C VAL E 250 -3.14 -43.51 4.23
N ILE E 251 -2.69 -44.67 3.76
CA ILE E 251 -3.36 -45.39 2.68
C ILE E 251 -4.10 -46.57 3.30
N ARG E 252 -5.43 -46.56 3.20
CA ARG E 252 -6.22 -47.70 3.63
C ARG E 252 -6.16 -48.79 2.58
N LEU E 253 -5.82 -50.01 3.01
CA LEU E 253 -5.74 -51.17 2.13
C LEU E 253 -6.63 -52.23 2.78
N ASP E 254 -7.92 -52.16 2.49
CA ASP E 254 -8.87 -53.00 3.21
C ASP E 254 -9.96 -53.60 2.33
N GLY E 255 -9.98 -53.32 1.03
CA GLY E 255 -11.06 -53.77 0.19
C GLY E 255 -12.38 -53.10 0.50
N ALA E 256 -12.31 -51.81 0.86
CA ALA E 256 -13.48 -50.96 1.06
C ALA E 256 -14.37 -51.42 2.20
N ILE E 257 -13.79 -52.10 3.19
CA ILE E 257 -14.58 -52.54 4.34
C ILE E 257 -14.61 -51.45 5.40
N ARG E 258 -15.77 -51.30 6.03
CA ARG E 258 -15.93 -50.44 7.20
C ARG E 258 -16.36 -51.32 8.36
N MET E 259 -15.57 -51.29 9.44
CA MET E 259 -15.71 -52.29 10.49
C MET E 259 -16.93 -51.99 11.36
N GLN E 260 -17.83 -52.95 11.43
CA GLN E 260 -19.02 -52.81 12.25
C GLN E 260 -18.66 -52.93 13.73
N PRO E 261 -19.52 -52.43 14.63
CA PRO E 261 -19.28 -52.59 16.07
C PRO E 261 -19.14 -54.05 16.49
N ALA G 23 44.03 5.84 -12.21
CA ALA G 23 43.44 7.15 -12.44
C ALA G 23 44.22 8.24 -11.71
N ALA G 24 44.25 9.44 -12.30
CA ALA G 24 44.97 10.55 -11.69
C ALA G 24 44.11 11.30 -10.67
N THR G 25 42.86 10.88 -10.47
CA THR G 25 41.95 11.58 -9.56
C THR G 25 42.48 11.65 -8.14
N ARG G 26 43.54 10.90 -7.82
CA ARG G 26 44.17 11.00 -6.51
C ARG G 26 44.75 12.38 -6.27
N GLU G 27 44.94 13.17 -7.33
CA GLU G 27 45.55 14.49 -7.25
C GLU G 27 44.73 15.46 -6.39
N PHE G 28 43.51 15.07 -6.03
CA PHE G 28 42.68 15.89 -5.16
C PHE G 28 42.65 15.35 -3.73
N ILE G 29 42.50 14.03 -3.58
CA ILE G 29 42.33 13.45 -2.25
C ILE G 29 43.60 13.60 -1.43
N GLU G 30 44.77 13.41 -2.07
CA GLU G 30 46.00 13.21 -1.32
C GLU G 30 46.49 14.46 -0.59
N MET G 31 45.91 15.65 -0.84
CA MET G 31 46.07 16.74 0.11
C MET G 31 44.77 17.18 0.75
N TRP G 32 43.61 16.79 0.19
CA TRP G 32 42.35 17.14 0.83
C TRP G 32 42.24 16.52 2.22
N ARG G 33 42.90 15.37 2.43
CA ARG G 33 43.02 14.84 3.79
C ARG G 33 43.86 15.76 4.66
N LEU G 34 45.04 16.14 4.17
CA LEU G 34 45.94 17.01 4.93
C LEU G 34 45.39 18.42 5.06
N LEU G 35 44.56 18.85 4.12
CA LEU G 35 43.95 20.18 4.10
C LEU G 35 43.08 20.42 5.34
N GLY G 36 42.51 19.38 5.91
CA GLY G 36 41.66 19.50 7.08
C GLY G 36 40.20 19.20 6.85
N ARG G 37 39.80 18.92 5.62
CA ARG G 37 38.42 18.54 5.33
C ARG G 37 38.19 17.07 5.68
N GLU G 38 36.93 16.72 5.93
CA GLU G 38 36.56 15.38 6.35
C GLU G 38 36.58 14.45 5.14
N VAL G 39 37.51 13.50 5.13
CA VAL G 39 37.70 12.59 4.00
C VAL G 39 37.86 11.17 4.53
N PRO G 40 37.22 10.17 3.92
CA PRO G 40 37.40 8.79 4.36
C PRO G 40 38.78 8.26 4.00
N GLU G 41 39.18 7.20 4.71
CA GLU G 41 40.51 6.64 4.53
C GLU G 41 40.52 5.49 3.54
N HIS G 42 39.42 4.74 3.46
CA HIS G 42 39.32 3.60 2.56
C HIS G 42 38.43 3.96 1.38
N ILE G 43 39.02 3.98 0.18
CA ILE G 43 38.29 4.23 -1.06
C ILE G 43 38.71 3.16 -2.06
N THR G 44 37.80 2.87 -2.99
CA THR G 44 38.06 1.89 -4.04
C THR G 44 37.92 2.59 -5.39
N GLU G 45 38.33 1.89 -6.44
CA GLU G 45 38.21 2.43 -7.79
C GLU G 45 36.76 2.70 -8.15
N GLU G 46 35.86 1.81 -7.73
CA GLU G 46 34.43 2.03 -7.98
C GLU G 46 33.95 3.31 -7.31
N GLU G 47 34.36 3.55 -6.06
CA GLU G 47 34.07 4.81 -5.41
C GLU G 47 34.83 5.96 -6.08
N LEU G 48 36.08 5.70 -6.48
CA LEU G 48 36.87 6.72 -7.15
C LEU G 48 36.25 7.13 -8.48
N LYS G 49 35.69 6.17 -9.22
CA LYS G 49 35.05 6.50 -10.49
C LYS G 49 33.90 7.48 -10.29
N THR G 50 33.00 7.20 -9.34
CA THR G 50 31.86 8.07 -9.10
C THR G 50 32.30 9.43 -8.59
N LEU G 51 33.52 9.52 -8.08
CA LEU G 51 34.03 10.81 -7.60
C LEU G 51 34.25 11.78 -8.75
N MET G 52 34.73 11.29 -9.90
CA MET G 52 35.05 12.17 -11.02
C MET G 52 33.84 12.65 -11.80
N GLU G 53 32.68 12.01 -11.64
CA GLU G 53 31.45 12.59 -12.17
C GLU G 53 31.08 13.87 -11.45
N CYS G 54 31.46 13.99 -10.18
CA CYS G 54 31.31 15.25 -9.46
C CYS G 54 32.25 16.28 -10.08
N VAL G 55 31.71 17.20 -10.88
CA VAL G 55 32.51 18.08 -11.71
C VAL G 55 32.59 19.49 -11.12
N SER G 56 32.42 19.62 -9.80
CA SER G 56 32.57 20.92 -9.15
C SER G 56 33.13 20.71 -7.75
N ASN G 57 33.71 21.77 -7.21
CA ASN G 57 34.32 21.69 -5.89
C ASN G 57 33.30 21.37 -4.81
N THR G 58 32.14 22.03 -4.85
CA THR G 58 31.10 21.77 -3.87
C THR G 58 30.52 20.36 -4.01
N ALA G 59 30.29 19.90 -5.24
CA ALA G 59 29.77 18.56 -5.44
C ALA G 59 30.75 17.51 -4.93
N LYS G 60 32.04 17.69 -5.22
CA LYS G 60 33.04 16.77 -4.70
C LYS G 60 33.10 16.83 -3.18
N LYS G 61 33.02 18.03 -2.61
CA LYS G 61 33.03 18.17 -1.15
C LYS G 61 31.81 17.50 -0.54
N LYS G 62 30.64 17.67 -1.15
CA LYS G 62 29.43 17.05 -0.62
C LYS G 62 29.52 15.54 -0.69
N TYR G 63 30.05 15.00 -1.79
CA TYR G 63 30.17 13.55 -1.90
C TYR G 63 31.20 13.02 -0.89
N LEU G 64 32.35 13.69 -0.80
CA LEU G 64 33.37 13.27 0.16
C LEU G 64 32.86 13.32 1.59
N LYS G 65 32.04 14.33 1.90
CA LYS G 65 31.43 14.39 3.23
C LYS G 65 30.53 13.18 3.48
N TYR G 66 29.74 12.79 2.48
CA TYR G 66 28.94 11.58 2.59
C TYR G 66 29.83 10.35 2.69
N LEU G 67 30.87 10.28 1.86
CA LEU G 67 31.78 9.14 1.90
C LEU G 67 32.55 9.08 3.21
N TYR G 68 32.81 10.22 3.83
CA TYR G 68 33.52 10.22 5.11
C TYR G 68 32.62 9.73 6.23
N THR G 69 31.37 10.21 6.26
CA THR G 69 30.47 9.83 7.35
C THR G 69 30.06 8.37 7.26
N LYS G 70 30.25 7.73 6.11
CA LYS G 70 30.01 6.29 6.01
C LYS G 70 30.94 5.53 6.96
N GLU G 71 32.21 5.89 6.96
CA GLU G 71 33.16 5.28 7.89
C GLU G 71 32.83 5.65 9.33
N LYS G 72 32.41 6.90 9.56
CA LYS G 72 32.22 7.39 10.92
C LYS G 72 31.16 6.60 11.67
N VAL G 73 30.04 6.28 11.03
CA VAL G 73 29.01 5.49 11.69
C VAL G 73 29.31 4.00 11.59
N LYS G 74 30.06 3.57 10.58
CA LYS G 74 30.44 2.17 10.47
C LYS G 74 31.29 1.74 11.66
N LYS G 75 32.42 2.41 11.88
CA LYS G 75 33.31 2.04 12.97
C LYS G 75 32.63 2.24 14.32
N ALA G 76 31.86 3.33 14.46
CA ALA G 76 31.16 3.58 15.72
C ALA G 76 30.19 2.45 16.04
N ARG G 77 29.44 1.99 15.03
CA ARG G 77 28.62 0.80 15.21
C ARG G 77 29.47 -0.47 15.23
N GLN G 78 30.57 -0.50 14.48
CA GLN G 78 31.50 -1.62 14.56
C GLN G 78 32.07 -1.76 15.97
N ILE G 79 32.58 -0.65 16.52
CA ILE G 79 33.15 -0.68 17.86
C ILE G 79 32.11 -1.11 18.88
N LYS G 80 30.85 -0.75 18.64
CA LYS G 80 29.78 -1.09 19.57
C LYS G 80 29.57 -2.59 19.65
N LYS G 81 29.72 -3.30 18.52
CA LYS G 81 29.21 -4.66 18.46
C LYS G 81 30.15 -5.67 19.14
N GLU G 82 31.47 -5.53 18.96
CA GLU G 82 32.35 -6.46 19.68
C GLU G 82 32.56 -6.01 21.12
N MET G 83 32.31 -4.74 21.43
CA MET G 83 32.22 -4.34 22.83
C MET G 83 31.07 -5.07 23.51
N LYS G 84 29.95 -5.23 22.81
CA LYS G 84 28.86 -6.05 23.28
C LYS G 84 29.27 -7.52 23.37
N ALA G 85 30.09 -8.00 22.43
CA ALA G 85 30.49 -9.40 22.42
C ALA G 85 31.19 -9.79 23.71
N ALA G 86 32.09 -8.92 24.20
CA ALA G 86 32.73 -9.18 25.48
C ALA G 86 31.72 -9.05 26.62
N ALA G 87 30.75 -8.15 26.48
CA ALA G 87 29.76 -7.95 27.53
C ALA G 87 28.88 -9.17 27.73
N ARG G 88 28.48 -9.84 26.64
CA ARG G 88 27.61 -11.00 26.74
C ARG G 88 28.38 -12.30 26.99
N GLU G 89 29.57 -12.43 26.41
CA GLU G 89 30.32 -13.69 26.54
C GLU G 89 30.73 -13.96 27.98
N GLU G 90 30.92 -12.92 28.78
CA GLU G 90 31.24 -13.13 30.19
C GLU G 90 30.00 -13.59 30.96
N ALA G 91 28.85 -12.98 30.67
CA ALA G 91 27.61 -13.38 31.35
C ALA G 91 27.08 -14.71 30.80
N LYS G 92 27.26 -14.95 29.51
CA LYS G 92 26.75 -16.19 28.92
C LYS G 92 27.52 -17.41 29.43
N ASN G 93 28.82 -17.29 29.63
CA ASN G 93 29.64 -18.42 30.06
C ASN G 93 29.68 -18.59 31.57
N ILE G 94 29.70 -17.50 32.33
CA ILE G 94 29.74 -17.60 33.78
C ILE G 94 28.38 -18.02 34.33
N LYS G 95 27.31 -17.30 33.96
CA LYS G 95 25.98 -17.60 34.45
C LYS G 95 25.38 -18.79 33.71
N LYS G 106 11.89 -28.98 30.10
CA LYS G 106 10.61 -28.43 30.51
C LYS G 106 9.55 -28.71 29.44
N ASN G 107 8.30 -28.40 29.75
CA ASN G 107 7.20 -28.66 28.84
C ASN G 107 6.99 -27.48 27.90
N PHE G 108 7.12 -27.73 26.60
CA PHE G 108 6.91 -26.71 25.58
C PHE G 108 5.97 -27.25 24.52
N LEU G 109 5.17 -26.36 23.94
CA LEU G 109 4.26 -26.75 22.87
C LEU G 109 4.85 -26.54 21.49
N PHE G 110 5.63 -25.48 21.30
CA PHE G 110 6.20 -25.16 19.99
C PHE G 110 7.70 -24.98 20.12
N LEU G 111 8.44 -25.47 19.13
CA LEU G 111 9.84 -25.15 18.98
C LEU G 111 9.99 -23.68 18.61
N ARG G 112 11.07 -23.07 19.07
CA ARG G 112 11.29 -21.66 18.79
C ARG G 112 11.73 -21.52 17.33
N LEU G 113 10.73 -21.43 16.45
CA LEU G 113 10.99 -21.34 15.01
C LEU G 113 10.13 -20.25 14.37
N TRP G 114 9.91 -19.15 15.08
CA TRP G 114 8.87 -18.20 14.71
C TRP G 114 9.23 -17.36 13.49
N ASP G 115 10.50 -16.97 13.36
CA ASP G 115 10.90 -16.18 12.20
C ASP G 115 10.70 -16.95 10.91
N ARG G 116 10.97 -18.26 10.93
CA ARG G 116 10.65 -19.10 9.78
C ARG G 116 9.14 -19.19 9.56
N ASN G 117 8.38 -19.36 10.65
CA ASN G 117 6.94 -19.51 10.53
C ASN G 117 6.28 -18.21 10.07
N MET G 118 6.77 -17.07 10.56
CA MET G 118 6.21 -15.80 10.12
C MET G 118 6.46 -15.56 8.64
N ASP G 119 7.65 -15.88 8.15
CA ASP G 119 7.96 -15.68 6.73
C ASP G 119 7.07 -16.55 5.85
N ILE G 120 6.83 -17.79 6.28
CA ILE G 120 5.95 -18.68 5.53
C ILE G 120 4.52 -18.15 5.55
N ALA G 121 4.05 -17.66 6.70
CA ALA G 121 2.69 -17.14 6.80
C ALA G 121 2.50 -15.93 5.89
N MET G 122 3.47 -15.02 5.88
CA MET G 122 3.40 -13.87 4.97
C MET G 122 3.48 -14.32 3.52
N GLY G 123 4.17 -15.42 3.24
CA GLY G 123 4.21 -15.95 1.89
C GLY G 123 2.87 -16.45 1.40
N TRP G 124 2.14 -17.18 2.25
CA TRP G 124 0.80 -17.63 1.86
C TRP G 124 -0.13 -16.46 1.66
N LYS G 125 -0.06 -15.46 2.53
CA LYS G 125 -0.87 -14.27 2.36
C LYS G 125 -0.51 -13.50 1.10
N GLY G 126 0.79 -13.42 0.78
CA GLY G 126 1.20 -12.77 -0.44
C GLY G 126 0.77 -13.51 -1.69
N ALA G 127 0.80 -14.84 -1.66
CA ALA G 127 0.32 -15.61 -2.80
C ALA G 127 -1.17 -15.39 -3.04
N GLN G 128 -1.96 -15.32 -1.96
CA GLN G 128 -3.38 -15.01 -2.10
C GLN G 128 -3.59 -13.60 -2.62
N ALA G 129 -2.75 -12.65 -2.19
CA ALA G 129 -2.88 -11.27 -2.65
C ALA G 129 -2.61 -11.16 -4.15
N MET G 130 -1.68 -11.96 -4.66
CA MET G 130 -1.35 -11.91 -6.07
C MET G 130 -2.48 -12.43 -6.95
N GLN G 131 -3.51 -13.05 -6.38
CA GLN G 131 -4.64 -13.56 -7.12
C GLN G 131 -5.91 -12.73 -6.92
N PHE G 132 -6.23 -12.37 -5.68
CA PHE G 132 -7.46 -11.66 -5.38
C PHE G 132 -7.23 -10.29 -4.75
N GLY G 133 -5.99 -9.90 -4.48
CA GLY G 133 -5.74 -8.64 -3.81
C GLY G 133 -5.95 -7.45 -4.74
N GLN G 134 -6.15 -6.29 -4.13
CA GLN G 134 -6.29 -5.07 -4.89
C GLN G 134 -4.95 -4.65 -5.47
N PRO G 135 -4.88 -4.34 -6.76
CA PRO G 135 -3.60 -3.95 -7.35
C PRO G 135 -3.16 -2.56 -6.89
N LEU G 136 -1.88 -2.44 -6.60
CA LEU G 136 -1.24 -1.16 -6.34
C LEU G 136 -0.01 -1.05 -7.23
N VAL G 137 0.15 0.09 -7.88
CA VAL G 137 1.16 0.26 -8.92
C VAL G 137 2.20 1.27 -8.45
N PHE G 138 3.46 0.87 -8.52
CA PHE G 138 4.58 1.79 -8.36
C PHE G 138 5.19 2.06 -9.73
N ASP G 139 5.12 3.31 -10.18
CA ASP G 139 5.56 3.68 -11.52
C ASP G 139 7.06 3.91 -11.50
N MET G 140 7.79 3.14 -12.30
CA MET G 140 9.24 3.22 -12.36
C MET G 140 9.74 4.05 -13.53
N ALA G 141 8.91 4.94 -14.07
CA ALA G 141 9.27 5.68 -15.28
C ALA G 141 9.97 6.99 -14.94
N TYR G 142 10.55 7.09 -13.74
CA TYR G 142 11.22 8.30 -13.31
C TYR G 142 12.73 8.15 -13.24
N GLU G 143 13.30 7.17 -13.93
CA GLU G 143 14.74 6.93 -13.86
C GLU G 143 15.53 8.09 -14.45
N ASN G 144 15.00 8.73 -15.48
CA ASN G 144 15.70 9.81 -16.16
C ASN G 144 15.69 11.12 -15.38
N TYR G 145 14.87 11.22 -14.34
CA TYR G 145 14.75 12.46 -13.57
C TYR G 145 15.55 12.43 -12.26
N MET G 146 16.23 11.32 -11.97
CA MET G 146 16.86 11.12 -10.67
C MET G 146 18.37 11.07 -10.83
N LYS G 147 19.07 11.71 -9.89
CA LYS G 147 20.50 11.53 -9.78
C LYS G 147 20.81 10.19 -9.11
N ARG G 148 22.10 9.90 -8.98
CA ARG G 148 22.50 8.63 -8.37
C ARG G 148 22.08 8.57 -6.91
N LYS G 149 22.22 9.67 -6.18
CA LYS G 149 21.80 9.70 -4.79
C LYS G 149 20.31 9.45 -4.65
N GLU G 150 19.51 10.10 -5.50
CA GLU G 150 18.06 9.95 -5.43
C GLU G 150 17.61 8.56 -5.86
N LEU G 151 18.26 8.01 -6.90
CA LEU G 151 17.87 6.70 -7.39
C LEU G 151 18.12 5.63 -6.34
N GLN G 152 19.27 5.71 -5.65
CA GLN G 152 19.56 4.76 -4.58
C GLN G 152 18.55 4.89 -3.45
N ASN G 153 18.18 6.13 -3.10
CA ASN G 153 17.22 6.34 -2.03
C ASN G 153 15.84 5.82 -2.38
N THR G 154 15.49 5.85 -3.67
CA THR G 154 14.19 5.32 -4.09
C THR G 154 14.08 3.84 -3.78
N VAL G 155 15.17 3.09 -3.99
CA VAL G 155 15.15 1.67 -3.68
C VAL G 155 14.94 1.44 -2.19
N SER G 156 15.59 2.25 -1.35
CA SER G 156 15.45 2.08 0.09
C SER G 156 14.00 2.26 0.53
N GLN G 157 13.32 3.28 0.00
CA GLN G 157 11.91 3.46 0.29
C GLN G 157 11.08 2.35 -0.31
N LEU G 158 11.48 1.86 -1.49
CA LEU G 158 10.78 0.74 -2.11
C LEU G 158 10.89 -0.52 -1.27
N LEU G 159 12.07 -0.76 -0.70
CA LEU G 159 12.26 -1.94 0.15
C LEU G 159 11.36 -1.87 1.38
N GLU G 160 11.29 -0.70 2.02
CA GLU G 160 10.44 -0.56 3.20
C GLU G 160 8.96 -0.62 2.82
N SER G 161 8.59 -0.02 1.69
CA SER G 161 7.19 0.00 1.28
C SER G 161 6.68 -1.41 1.02
N GLU G 162 7.46 -2.22 0.32
CA GLU G 162 7.05 -3.61 0.06
C GLU G 162 7.08 -4.44 1.34
N GLY G 163 7.95 -4.07 2.29
CA GLY G 163 8.00 -4.78 3.55
C GLY G 163 6.73 -4.59 4.37
N TRP G 164 6.21 -3.36 4.40
CA TRP G 164 4.97 -3.11 5.13
C TRP G 164 3.78 -3.78 4.49
N ASN G 165 3.81 -3.96 3.16
CA ASN G 165 2.73 -4.67 2.49
C ASN G 165 2.69 -6.13 2.91
N ARG G 166 3.86 -6.75 3.04
CA ARG G 166 3.92 -8.17 3.43
C ARG G 166 3.33 -8.40 4.80
N ARG G 167 3.63 -7.51 5.76
CA ARG G 167 3.21 -7.69 7.13
C ARG G 167 1.76 -7.30 7.37
N ASN G 168 1.08 -6.73 6.38
CA ASN G 168 -0.28 -6.26 6.57
C ASN G 168 -1.27 -7.42 6.59
N VAL G 169 -2.43 -7.17 7.20
CA VAL G 169 -3.48 -8.18 7.27
C VAL G 169 -4.07 -8.44 5.89
N ASP G 170 -4.21 -7.39 5.09
CA ASP G 170 -4.83 -7.48 3.76
C ASP G 170 -3.86 -6.82 2.79
N PRO G 171 -2.85 -7.55 2.32
CA PRO G 171 -1.84 -6.93 1.46
C PRO G 171 -2.40 -6.54 0.10
N PHE G 172 -1.76 -5.54 -0.51
CA PHE G 172 -2.03 -5.19 -1.89
C PHE G 172 -1.42 -6.22 -2.83
N HIS G 173 -1.76 -6.10 -4.11
CA HIS G 173 -1.04 -6.77 -5.18
C HIS G 173 -0.12 -5.73 -5.81
N ILE G 174 1.13 -5.69 -5.36
CA ILE G 174 2.05 -4.64 -5.75
C ILE G 174 2.56 -4.90 -7.15
N TYR G 175 2.47 -3.88 -8.01
CA TYR G 175 2.98 -3.93 -9.37
C TYR G 175 4.13 -2.94 -9.51
N PHE G 176 5.19 -3.37 -10.19
CA PHE G 176 6.27 -2.49 -10.58
C PHE G 176 6.18 -2.26 -12.09
N CYS G 177 5.51 -1.18 -12.47
CA CYS G 177 5.28 -0.88 -13.88
C CYS G 177 6.37 0.03 -14.42
N ASN G 178 6.60 -0.07 -15.73
CA ASN G 178 7.61 0.74 -16.44
C ASN G 178 9.01 0.50 -15.89
N LEU G 179 9.27 -0.70 -15.37
CA LEU G 179 10.58 -1.04 -14.83
C LEU G 179 11.38 -1.72 -15.93
N LYS G 180 12.33 -0.99 -16.50
CA LYS G 180 13.18 -1.55 -17.55
C LYS G 180 14.09 -2.63 -16.95
N ILE G 181 14.20 -3.76 -17.66
CA ILE G 181 14.94 -4.90 -17.13
C ILE G 181 16.41 -4.60 -16.94
N ASP G 182 17.05 -3.92 -17.89
CA ASP G 182 18.45 -3.58 -17.80
C ASP G 182 18.68 -2.24 -17.12
N GLY G 183 17.62 -1.49 -16.84
CA GLY G 183 17.76 -0.14 -16.35
C GLY G 183 18.44 -0.06 -14.99
N ALA G 184 18.84 1.16 -14.65
CA ALA G 184 19.58 1.40 -13.41
C ALA G 184 18.75 1.05 -12.19
N LEU G 185 17.45 1.39 -12.22
CA LEU G 185 16.58 1.09 -11.10
C LEU G 185 16.43 -0.41 -10.87
N HIS G 186 16.34 -1.19 -11.95
CA HIS G 186 16.21 -2.63 -11.81
C HIS G 186 17.46 -3.25 -11.22
N ARG G 187 18.63 -2.80 -11.67
CA ARG G 187 19.88 -3.36 -11.17
C ARG G 187 20.06 -3.09 -9.68
N GLU G 188 19.65 -1.90 -9.22
CA GLU G 188 19.74 -1.60 -7.80
C GLU G 188 18.78 -2.46 -6.99
N LEU G 189 17.58 -2.70 -7.52
CA LEU G 189 16.63 -3.57 -6.83
C LEU G 189 17.15 -4.99 -6.72
N VAL G 190 17.78 -5.49 -7.78
CA VAL G 190 18.34 -6.83 -7.75
C VAL G 190 19.48 -6.92 -6.73
N LYS G 191 20.33 -5.90 -6.69
CA LYS G 191 21.46 -5.91 -5.76
C LYS G 191 21.00 -5.94 -4.32
N ARG G 192 19.97 -5.16 -3.99
CA ARG G 192 19.49 -5.09 -2.62
C ARG G 192 18.79 -6.37 -2.20
N TYR G 193 17.89 -6.89 -3.04
CA TYR G 193 17.18 -8.11 -2.71
C TYR G 193 18.02 -9.37 -2.91
N GLN G 194 19.06 -9.29 -3.73
CA GLN G 194 19.92 -10.44 -4.03
C GLN G 194 19.10 -11.61 -4.54
N GLU G 195 19.03 -12.69 -3.77
CA GLU G 195 18.28 -13.88 -4.18
C GLU G 195 16.78 -13.68 -4.08
N LYS G 196 16.31 -12.80 -3.21
CA LYS G 196 14.88 -12.63 -2.97
C LYS G 196 14.14 -12.03 -4.17
N TRP G 197 14.86 -11.39 -5.10
CA TRP G 197 14.21 -10.70 -6.21
C TRP G 197 13.32 -11.63 -7.02
N ASP G 198 13.83 -12.81 -7.37
CA ASP G 198 13.05 -13.75 -8.16
C ASP G 198 11.93 -14.40 -7.35
N LYS G 199 11.95 -14.25 -6.03
CA LYS G 199 10.99 -14.91 -5.17
C LYS G 199 9.96 -13.96 -4.57
N LEU G 200 10.04 -12.67 -4.88
CA LEU G 200 9.08 -11.72 -4.35
C LEU G 200 7.69 -11.97 -4.93
N LEU G 201 6.66 -11.78 -4.11
CA LEU G 201 5.28 -11.99 -4.53
C LEU G 201 4.69 -10.66 -5.01
N LEU G 202 5.33 -10.11 -6.04
CA LEU G 202 4.87 -8.90 -6.68
C LEU G 202 5.12 -9.03 -8.18
N THR G 203 4.35 -8.29 -8.97
CA THR G 203 4.40 -8.38 -10.42
C THR G 203 5.21 -7.20 -10.96
N SER G 204 6.47 -7.44 -11.29
CA SER G 204 7.29 -6.45 -11.96
C SER G 204 7.23 -6.69 -13.47
N THR G 205 7.08 -5.59 -14.21
CA THR G 205 6.85 -5.71 -15.65
C THR G 205 7.42 -4.50 -16.37
N GLU G 206 7.69 -4.69 -17.65
CA GLU G 206 8.11 -3.61 -18.53
C GLU G 206 6.95 -2.72 -18.97
N LYS G 207 5.76 -3.27 -19.10
CA LYS G 207 4.62 -2.54 -19.63
C LYS G 207 4.14 -1.48 -18.64
N SER G 208 3.44 -0.49 -19.18
CA SER G 208 2.88 0.59 -18.37
C SER G 208 1.58 0.13 -17.71
N HIS G 209 1.21 0.85 -16.65
CA HIS G 209 -0.01 0.51 -15.93
C HIS G 209 -1.24 0.63 -16.80
N VAL G 210 -1.21 1.54 -17.79
CA VAL G 210 -2.32 1.67 -18.72
C VAL G 210 -2.51 0.44 -19.58
N ASP G 211 -1.45 -0.34 -19.82
CA ASP G 211 -1.56 -1.58 -20.56
C ASP G 211 -2.15 -2.71 -19.73
N LEU G 212 -1.95 -2.69 -18.41
CA LEU G 212 -2.42 -3.75 -17.54
C LEU G 212 -3.83 -3.53 -17.04
N PHE G 213 -4.25 -2.27 -16.89
CA PHE G 213 -5.53 -1.97 -16.27
C PHE G 213 -6.33 -1.01 -17.13
N PRO G 214 -7.66 -1.05 -17.03
CA PRO G 214 -8.48 -0.06 -17.73
C PRO G 214 -8.14 1.35 -17.28
N LYS G 215 -8.11 2.28 -18.24
CA LYS G 215 -7.70 3.65 -17.94
C LYS G 215 -8.70 4.38 -17.06
N ASP G 216 -9.92 3.87 -16.93
CA ASP G 216 -10.92 4.48 -16.06
C ASP G 216 -10.64 4.23 -14.59
N SER G 217 -10.20 3.02 -14.23
CA SER G 217 -9.96 2.66 -12.84
C SER G 217 -8.63 3.19 -12.30
N ILE G 218 -7.75 3.67 -13.17
CA ILE G 218 -6.45 4.15 -12.71
C ILE G 218 -6.59 5.55 -12.13
N ILE G 219 -6.08 5.73 -10.92
CA ILE G 219 -6.02 7.04 -10.27
C ILE G 219 -4.56 7.29 -9.92
N TYR G 220 -3.92 8.21 -10.64
CA TYR G 220 -2.54 8.55 -10.36
C TYR G 220 -2.46 9.48 -9.15
N LEU G 221 -1.98 8.96 -8.03
CA LEU G 221 -1.82 9.76 -6.83
C LEU G 221 -0.66 10.73 -7.03
N THR G 222 -0.90 12.00 -6.71
CA THR G 222 0.13 13.02 -6.80
C THR G 222 -0.26 14.19 -5.91
N ALA G 223 0.75 14.84 -5.32
CA ALA G 223 0.49 15.95 -4.41
C ALA G 223 0.01 17.19 -5.15
N ASP G 224 0.32 17.31 -6.43
CA ASP G 224 -0.06 18.47 -7.22
C ASP G 224 -1.44 18.33 -7.86
N SER G 225 -2.15 17.24 -7.59
CA SER G 225 -3.47 17.05 -8.17
C SER G 225 -4.45 18.08 -7.62
N PRO G 226 -5.32 18.65 -8.46
CA PRO G 226 -6.35 19.56 -7.96
C PRO G 226 -7.52 18.87 -7.29
N ASN G 227 -7.64 17.56 -7.44
CA ASN G 227 -8.74 16.79 -6.87
C ASN G 227 -8.29 16.17 -5.56
N VAL G 228 -9.05 16.40 -4.50
CA VAL G 228 -8.70 15.89 -3.18
C VAL G 228 -9.28 14.49 -3.01
N MET G 229 -8.45 13.57 -2.53
CA MET G 229 -8.89 12.21 -2.27
C MET G 229 -9.82 12.20 -1.06
N THR G 230 -11.08 11.84 -1.27
CA THR G 230 -12.07 11.83 -0.20
C THR G 230 -12.12 10.48 0.52
N THR G 231 -12.39 9.41 -0.21
CA THR G 231 -12.47 8.08 0.38
C THR G 231 -11.64 7.11 -0.43
N PHE G 232 -11.18 6.06 0.24
CA PHE G 232 -10.46 4.99 -0.43
C PHE G 232 -11.44 4.13 -1.21
N ARG G 233 -11.17 3.94 -2.50
CA ARG G 233 -12.06 3.20 -3.39
C ARG G 233 -11.45 1.84 -3.66
N HIS G 234 -12.19 0.78 -3.36
CA HIS G 234 -11.68 -0.58 -3.49
C HIS G 234 -11.76 -1.13 -4.90
N ASP G 235 -12.41 -0.42 -5.82
CA ASP G 235 -12.52 -0.84 -7.21
C ASP G 235 -11.59 -0.04 -8.12
N LYS G 236 -10.56 0.58 -7.56
CA LYS G 236 -9.68 1.47 -8.30
C LYS G 236 -8.24 1.01 -8.13
N VAL G 237 -7.41 1.34 -9.11
CA VAL G 237 -5.99 1.05 -9.06
C VAL G 237 -5.27 2.35 -8.77
N TYR G 238 -4.59 2.42 -7.64
CA TYR G 238 -3.87 3.62 -7.22
C TYR G 238 -2.43 3.51 -7.68
N VAL G 239 -1.96 4.52 -8.38
CA VAL G 239 -0.59 4.53 -8.91
C VAL G 239 0.24 5.51 -8.09
N ILE G 240 1.37 5.03 -7.57
CA ILE G 240 2.34 5.85 -6.86
C ILE G 240 3.60 5.93 -7.71
N GLY G 241 4.00 7.14 -8.06
CA GLY G 241 5.20 7.30 -8.85
C GLY G 241 6.44 7.20 -7.99
N SER G 242 7.25 6.16 -8.22
CA SER G 242 8.45 5.93 -7.42
C SER G 242 9.51 6.97 -7.82
N PHE G 243 9.29 8.19 -7.34
CA PHE G 243 10.15 9.33 -7.64
C PHE G 243 10.54 9.99 -6.34
N VAL G 244 11.84 10.03 -6.06
CA VAL G 244 12.35 10.74 -4.89
C VAL G 244 13.23 11.88 -5.37
N ASP G 245 12.64 13.06 -5.58
CA ASP G 245 13.40 14.22 -6.04
C ASP G 245 13.73 15.10 -4.85
N LYS G 246 14.90 14.82 -4.25
CA LYS G 246 15.43 15.70 -3.22
C LYS G 246 15.69 17.08 -3.80
N SER G 247 16.09 17.15 -5.07
CA SER G 247 15.99 18.37 -5.85
C SER G 247 14.57 18.42 -6.41
N MET G 248 13.68 19.07 -5.68
CA MET G 248 12.24 18.91 -5.91
C MET G 248 11.86 19.41 -7.31
N GLN G 249 11.05 18.61 -7.99
CA GLN G 249 10.63 18.86 -9.36
C GLN G 249 9.11 18.77 -9.41
N PRO G 250 8.41 19.84 -9.07
CA PRO G 250 6.94 19.78 -9.01
C PRO G 250 6.33 19.54 -10.38
N GLY G 251 5.20 18.85 -10.37
CA GLY G 251 4.43 18.62 -11.58
C GLY G 251 4.90 17.47 -12.44
N THR G 252 5.97 16.77 -12.04
CA THR G 252 6.46 15.66 -12.85
C THR G 252 5.46 14.51 -12.90
N SER G 253 4.91 14.12 -11.74
CA SER G 253 3.90 13.08 -11.72
C SER G 253 2.63 13.53 -12.41
N LEU G 254 2.25 14.79 -12.22
CA LEU G 254 1.04 15.32 -12.86
C LEU G 254 1.19 15.35 -14.37
N ALA G 255 2.39 15.67 -14.86
CA ALA G 255 2.61 15.71 -16.30
C ALA G 255 2.43 14.33 -16.91
N LYS G 256 2.94 13.29 -16.24
CA LYS G 256 2.77 11.93 -16.75
C LYS G 256 1.30 11.54 -16.78
N ALA G 257 0.55 11.90 -15.74
CA ALA G 257 -0.87 11.57 -15.72
C ALA G 257 -1.64 12.31 -16.80
N LYS G 258 -1.30 13.58 -17.04
CA LYS G 258 -1.95 14.35 -18.09
C LYS G 258 -1.40 14.07 -19.47
N ARG G 259 -0.20 13.48 -19.57
CA ARG G 259 0.26 12.99 -20.86
C ARG G 259 -0.61 11.84 -21.34
N LEU G 260 -0.99 10.95 -20.42
CA LEU G 260 -2.09 10.02 -20.66
C LEU G 260 -3.39 10.72 -20.28
N ASN G 261 -4.49 9.96 -20.16
CA ASN G 261 -5.75 10.53 -19.75
C ASN G 261 -6.16 10.08 -18.35
N LEU G 262 -5.18 9.81 -17.49
CA LEU G 262 -5.46 9.27 -16.16
C LEU G 262 -6.00 10.35 -15.22
N ALA G 263 -6.88 9.92 -14.32
CA ALA G 263 -7.36 10.81 -13.27
C ALA G 263 -6.35 10.88 -12.15
N THR G 264 -6.39 11.98 -11.39
CA THR G 264 -5.44 12.22 -10.32
C THR G 264 -6.19 12.58 -9.05
N GLU G 265 -5.54 12.32 -7.92
CA GLU G 265 -6.05 12.68 -6.61
C GLU G 265 -4.89 13.04 -5.70
N CYS G 266 -5.17 13.85 -4.68
CA CYS G 266 -4.17 14.23 -3.69
C CYS G 266 -4.72 13.97 -2.30
N LEU G 267 -3.81 13.67 -1.37
CA LEU G 267 -4.21 13.43 0.00
C LEU G 267 -4.77 14.71 0.62
N PRO G 268 -5.79 14.59 1.47
CA PRO G 268 -6.36 15.75 2.16
C PRO G 268 -5.54 16.20 3.36
N LEU G 269 -4.25 16.49 3.12
CA LEU G 269 -3.39 16.94 4.20
C LEU G 269 -3.86 18.28 4.76
N ASP G 270 -4.24 19.21 3.88
CA ASP G 270 -4.74 20.50 4.35
C ASP G 270 -6.08 20.36 5.08
N LYS G 271 -6.90 19.39 4.69
CA LYS G 271 -8.21 19.23 5.29
C LYS G 271 -8.14 18.74 6.72
N TYR G 272 -7.20 17.84 7.03
CA TYR G 272 -7.14 17.21 8.33
C TYR G 272 -5.91 17.58 9.15
N LEU G 273 -4.93 18.28 8.58
CA LEU G 273 -3.69 18.59 9.28
C LEU G 273 -3.43 20.08 9.23
N GLN G 274 -2.81 20.60 10.29
CA GLN G 274 -2.35 21.99 10.32
C GLN G 274 -0.88 21.98 9.93
N TRP G 275 -0.61 22.16 8.64
CA TRP G 275 0.75 22.09 8.13
C TRP G 275 1.55 23.32 8.55
N GLU G 276 2.83 23.09 8.90
CA GLU G 276 3.72 24.23 9.09
C GLU G 276 5.05 24.07 8.35
N ILE G 277 5.59 22.86 8.32
CA ILE G 277 7.00 22.63 8.03
C ILE G 277 7.14 21.57 6.95
N GLY G 278 7.99 21.83 5.96
CA GLY G 278 8.45 20.81 5.05
C GLY G 278 7.58 20.63 3.83
N ASN G 279 8.10 19.82 2.91
CA ASN G 279 7.41 19.49 1.68
C ASN G 279 6.18 18.63 1.97
N LYS G 280 5.15 18.81 1.17
CA LYS G 280 3.92 18.03 1.29
C LYS G 280 3.96 16.75 0.48
N ASN G 281 5.06 16.46 -0.20
CA ASN G 281 5.22 15.21 -0.94
C ASN G 281 5.82 14.17 0.00
N LEU G 282 4.99 13.21 0.41
CA LEU G 282 5.41 12.20 1.37
C LEU G 282 6.27 11.14 0.68
N THR G 283 6.91 10.30 1.51
CA THR G 283 7.76 9.23 1.00
C THR G 283 6.91 8.05 0.58
N LEU G 284 7.52 7.09 -0.11
CA LEU G 284 6.80 5.91 -0.57
C LEU G 284 6.38 4.98 0.55
N ASP G 285 7.18 4.89 1.62
CA ASP G 285 6.79 4.06 2.75
C ASP G 285 5.67 4.68 3.57
N GLN G 286 5.62 6.01 3.65
CA GLN G 286 4.49 6.67 4.31
C GLN G 286 3.22 6.52 3.48
N MET G 287 3.33 6.67 2.16
CA MET G 287 2.16 6.61 1.30
C MET G 287 1.50 5.23 1.35
N ILE G 288 2.29 4.17 1.29
CA ILE G 288 1.70 2.83 1.30
C ILE G 288 1.10 2.51 2.66
N ARG G 289 1.68 3.04 3.74
CA ARG G 289 1.13 2.80 5.06
C ARG G 289 -0.16 3.57 5.28
N ILE G 290 -0.31 4.73 4.64
CA ILE G 290 -1.57 5.46 4.69
C ILE G 290 -2.64 4.71 3.91
N LEU G 291 -2.30 4.21 2.72
CA LEU G 291 -3.26 3.49 1.90
C LEU G 291 -3.69 2.20 2.58
N LEU G 292 -2.75 1.49 3.20
CA LEU G 292 -3.08 0.24 3.88
C LEU G 292 -4.06 0.48 5.03
N CYS G 293 -3.86 1.56 5.78
CA CYS G 293 -4.77 1.87 6.87
C CYS G 293 -6.16 2.21 6.36
N LEU G 294 -6.23 2.96 5.25
CA LEU G 294 -7.54 3.27 4.66
C LEU G 294 -8.23 2.02 4.14
N LYS G 295 -7.47 1.12 3.52
CA LYS G 295 -8.06 -0.10 2.97
C LYS G 295 -8.65 -0.98 4.07
N ASN G 296 -8.11 -0.90 5.28
CA ASN G 296 -8.58 -1.70 6.40
C ASN G 296 -9.65 -0.98 7.22
N ASN G 297 -10.46 -0.13 6.58
CA ASN G 297 -11.59 0.61 7.14
C ASN G 297 -11.15 1.72 8.08
N GLY G 298 -9.85 1.98 8.22
CA GLY G 298 -9.42 3.07 9.07
C GLY G 298 -9.85 4.42 8.52
N ASN G 299 -10.14 5.34 9.43
CA ASN G 299 -10.52 6.69 9.06
C ASN G 299 -9.28 7.52 8.76
N TRP G 300 -9.51 8.75 8.29
CA TRP G 300 -8.40 9.65 8.02
C TRP G 300 -7.63 10.02 9.28
N GLN G 301 -8.26 9.95 10.44
CA GLN G 301 -7.55 10.23 11.68
C GLN G 301 -6.45 9.20 11.94
N GLU G 302 -6.77 7.92 11.73
CA GLU G 302 -5.76 6.87 11.90
C GLU G 302 -4.82 6.80 10.71
N ALA G 303 -5.33 7.03 9.49
CA ALA G 303 -4.50 6.90 8.30
C ALA G 303 -3.37 7.94 8.29
N LEU G 304 -3.69 9.18 8.64
CA LEU G 304 -2.69 10.24 8.64
C LEU G 304 -1.77 10.20 9.85
N GLN G 305 -1.80 9.13 10.64
CA GLN G 305 -0.82 8.97 11.71
C GLN G 305 0.59 8.89 11.15
N PHE G 306 0.74 8.42 9.92
CA PHE G 306 2.04 8.13 9.33
C PHE G 306 2.67 9.34 8.65
N VAL G 307 1.96 10.45 8.57
CA VAL G 307 2.57 11.72 8.14
C VAL G 307 3.50 12.15 9.27
N PRO G 308 4.77 12.45 8.97
CA PRO G 308 5.71 12.83 10.04
C PRO G 308 5.20 13.96 10.91
N LYS G 309 5.25 13.76 12.23
CA LYS G 309 4.73 14.76 13.16
C LYS G 309 5.52 16.06 13.12
N ARG G 310 6.74 16.05 12.57
CA ARG G 310 7.53 17.26 12.46
C ARG G 310 6.97 18.25 11.45
N LYS G 311 6.00 17.84 10.63
CA LYS G 311 5.47 18.68 9.57
C LYS G 311 4.13 19.33 9.90
N HIS G 312 3.51 18.97 11.03
CA HIS G 312 2.23 19.53 11.39
C HIS G 312 2.09 19.53 12.91
N THR G 313 1.09 20.28 13.40
CA THR G 313 0.89 20.48 14.83
C THR G 313 -0.43 19.88 15.29
N GLY G 314 -0.76 18.68 14.80
CA GLY G 314 -1.93 17.97 15.28
C GLY G 314 -3.08 17.88 14.31
N PHE G 315 -3.87 16.82 14.44
CA PHE G 315 -5.02 16.61 13.56
C PHE G 315 -6.20 17.43 14.06
N LEU G 316 -6.96 17.99 13.11
CA LEU G 316 -8.11 18.82 13.45
C LEU G 316 -9.40 18.25 12.87
#